data_2O7G
# 
_entry.id   2O7G 
# 
_audit_conform.dict_name       mmcif_pdbx.dic 
_audit_conform.dict_version    5.380 
_audit_conform.dict_location   http://mmcif.pdb.org/dictionaries/ascii/mmcif_pdbx.dic 
# 
loop_
_database_2.database_id 
_database_2.database_code 
_database_2.pdbx_database_accession 
_database_2.pdbx_DOI 
PDB   2O7G         pdb_00002o7g 10.2210/pdb2o7g/pdb 
RCSB  RCSB040782   ?            ?                   
WWPDB D_1000040782 ?            ?                   
# 
_pdbx_database_related.db_name        PDB 
_pdbx_database_related.db_id          2O8X 
_pdbx_database_related.details        
;"-35 element" promoter recognition domain of the same protein
;
_pdbx_database_related.content_type   unspecified 
# 
_pdbx_database_status.status_code                     REL 
_pdbx_database_status.entry_id                        2O7G 
_pdbx_database_status.recvd_initial_deposition_date   2006-12-11 
_pdbx_database_status.deposit_site                    RCSB 
_pdbx_database_status.process_site                    PDBJ 
_pdbx_database_status.status_code_sf                  REL 
_pdbx_database_status.status_code_mr                  ? 
_pdbx_database_status.SG_entry                        ? 
_pdbx_database_status.pdb_format_compatible           Y 
_pdbx_database_status.status_code_cs                  ? 
_pdbx_database_status.methods_development_category    ? 
_pdbx_database_status.status_code_nmr_data            ? 
# 
loop_
_audit_author.name 
_audit_author.pdbx_ordinal 
'Thakur, K.G.' 1 
'Joshi, A.M.'  2 
'Gopal, B.'    3 
# 
_citation.id                        primary 
_citation.title                     
;Structural and biophysical studies on two promoter recognition domains of the extra-cytoplasmic function sigma factor sigma(C) from Mycobacterium tuberculosis.
;
_citation.journal_abbrev            J.Biol.Chem. 
_citation.journal_volume            282 
_citation.page_first                4711 
_citation.page_last                 4718 
_citation.year                      2007 
_citation.journal_id_ASTM           JBCHA3 
_citation.country                   US 
_citation.journal_id_ISSN           0021-9258 
_citation.journal_id_CSD            0071 
_citation.book_publisher            ? 
_citation.pdbx_database_id_PubMed   17145760 
_citation.pdbx_database_id_DOI      10.1074/jbc.M606283200 
# 
loop_
_citation_author.citation_id 
_citation_author.name 
_citation_author.ordinal 
_citation_author.identifier_ORCID 
primary 'Thakur, K.G.' 1 ? 
primary 'Joshi, A.M.'  2 ? 
primary 'Gopal, B.'    3 ? 
# 
_cell.entry_id           2O7G 
_cell.length_a           85.173 
_cell.length_b           85.173 
_cell.length_c           79.554 
_cell.angle_alpha        90.00 
_cell.angle_beta         90.00 
_cell.angle_gamma        120.00 
_cell.Z_PDB              12 
_cell.pdbx_unique_axis   ? 
_cell.length_a_esd       ? 
_cell.length_b_esd       ? 
_cell.length_c_esd       ? 
_cell.angle_alpha_esd    ? 
_cell.angle_beta_esd     ? 
_cell.angle_gamma_esd    ? 
# 
_symmetry.entry_id                         2O7G 
_symmetry.space_group_name_H-M             'P 61' 
_symmetry.pdbx_full_space_group_name_H-M   ? 
_symmetry.cell_setting                     ? 
_symmetry.Int_Tables_number                169 
_symmetry.space_group_name_Hall            ? 
# 
loop_
_entity.id 
_entity.type 
_entity.src_method 
_entity.pdbx_description 
_entity.formula_weight 
_entity.pdbx_number_of_molecules 
_entity.pdbx_ec 
_entity.pdbx_mutation 
_entity.pdbx_fragment 
_entity.details 
1 polymer     man 'Probable RNA polymerase sigma-C factor' 12231.746 2  ? ? 'Region 2, Pribnow Box interaction domain' ? 
2 non-polymer syn 'SULFATE ION'                            96.063    4  ? ? ?                                          ? 
3 water       nat water                                    18.015    20 ? ? ?                                          ? 
# 
_entity_poly.entity_id                      1 
_entity_poly.type                           'polypeptide(L)' 
_entity_poly.nstd_linkage                   no 
_entity_poly.nstd_monomer                   no 
_entity_poly.pdbx_seq_one_letter_code       
;MTATASDDEAVTALALSAAKGNGRALEAFIKATQQDVWRFVAYLSDVGSADDLTQETFLRAIGAIPRFSARSSARTWLLA
IARHVVADHIRHVRSRPRTTRGARPEHLIDGD
;
_entity_poly.pdbx_seq_one_letter_code_can   
;MTATASDDEAVTALALSAAKGNGRALEAFIKATQQDVWRFVAYLSDVGSADDLTQETFLRAIGAIPRFSARSSARTWLLA
IARHVVADHIRHVRSRPRTTRGARPEHLIDGD
;
_entity_poly.pdbx_strand_id                 A,B 
_entity_poly.pdbx_target_identifier         ? 
# 
loop_
_entity_poly_seq.entity_id 
_entity_poly_seq.num 
_entity_poly_seq.mon_id 
_entity_poly_seq.hetero 
1 1   MET n 
1 2   THR n 
1 3   ALA n 
1 4   THR n 
1 5   ALA n 
1 6   SER n 
1 7   ASP n 
1 8   ASP n 
1 9   GLU n 
1 10  ALA n 
1 11  VAL n 
1 12  THR n 
1 13  ALA n 
1 14  LEU n 
1 15  ALA n 
1 16  LEU n 
1 17  SER n 
1 18  ALA n 
1 19  ALA n 
1 20  LYS n 
1 21  GLY n 
1 22  ASN n 
1 23  GLY n 
1 24  ARG n 
1 25  ALA n 
1 26  LEU n 
1 27  GLU n 
1 28  ALA n 
1 29  PHE n 
1 30  ILE n 
1 31  LYS n 
1 32  ALA n 
1 33  THR n 
1 34  GLN n 
1 35  GLN n 
1 36  ASP n 
1 37  VAL n 
1 38  TRP n 
1 39  ARG n 
1 40  PHE n 
1 41  VAL n 
1 42  ALA n 
1 43  TYR n 
1 44  LEU n 
1 45  SER n 
1 46  ASP n 
1 47  VAL n 
1 48  GLY n 
1 49  SER n 
1 50  ALA n 
1 51  ASP n 
1 52  ASP n 
1 53  LEU n 
1 54  THR n 
1 55  GLN n 
1 56  GLU n 
1 57  THR n 
1 58  PHE n 
1 59  LEU n 
1 60  ARG n 
1 61  ALA n 
1 62  ILE n 
1 63  GLY n 
1 64  ALA n 
1 65  ILE n 
1 66  PRO n 
1 67  ARG n 
1 68  PHE n 
1 69  SER n 
1 70  ALA n 
1 71  ARG n 
1 72  SER n 
1 73  SER n 
1 74  ALA n 
1 75  ARG n 
1 76  THR n 
1 77  TRP n 
1 78  LEU n 
1 79  LEU n 
1 80  ALA n 
1 81  ILE n 
1 82  ALA n 
1 83  ARG n 
1 84  HIS n 
1 85  VAL n 
1 86  VAL n 
1 87  ALA n 
1 88  ASP n 
1 89  HIS n 
1 90  ILE n 
1 91  ARG n 
1 92  HIS n 
1 93  VAL n 
1 94  ARG n 
1 95  SER n 
1 96  ARG n 
1 97  PRO n 
1 98  ARG n 
1 99  THR n 
1 100 THR n 
1 101 ARG n 
1 102 GLY n 
1 103 ALA n 
1 104 ARG n 
1 105 PRO n 
1 106 GLU n 
1 107 HIS n 
1 108 LEU n 
1 109 ILE n 
1 110 ASP n 
1 111 GLY n 
1 112 ASP n 
# 
_entity_src_gen.entity_id                          1 
_entity_src_gen.pdbx_src_id                        1 
_entity_src_gen.pdbx_alt_source_flag               sample 
_entity_src_gen.pdbx_seq_type                      ? 
_entity_src_gen.pdbx_beg_seq_num                   ? 
_entity_src_gen.pdbx_end_seq_num                   ? 
_entity_src_gen.gene_src_common_name               ? 
_entity_src_gen.gene_src_genus                     Mycobacterium 
_entity_src_gen.pdbx_gene_src_gene                 sigC 
_entity_src_gen.gene_src_species                   'Mycobacterium tuberculosis' 
_entity_src_gen.gene_src_strain                    H37Rv 
_entity_src_gen.gene_src_tissue                    ? 
_entity_src_gen.gene_src_tissue_fraction           ? 
_entity_src_gen.gene_src_details                   ? 
_entity_src_gen.pdbx_gene_src_fragment             ? 
_entity_src_gen.pdbx_gene_src_scientific_name      'Mycobacterium tuberculosis' 
_entity_src_gen.pdbx_gene_src_ncbi_taxonomy_id     83332 
_entity_src_gen.pdbx_gene_src_variant              ? 
_entity_src_gen.pdbx_gene_src_cell_line            ? 
_entity_src_gen.pdbx_gene_src_atcc                 ? 
_entity_src_gen.pdbx_gene_src_organ                ? 
_entity_src_gen.pdbx_gene_src_organelle            ? 
_entity_src_gen.pdbx_gene_src_cell                 ? 
_entity_src_gen.pdbx_gene_src_cellular_location    ? 
_entity_src_gen.host_org_common_name               ? 
_entity_src_gen.pdbx_host_org_scientific_name      'Escherichia coli' 
_entity_src_gen.pdbx_host_org_ncbi_taxonomy_id     562 
_entity_src_gen.host_org_genus                     Escherichia 
_entity_src_gen.pdbx_host_org_gene                 ? 
_entity_src_gen.pdbx_host_org_organ                ? 
_entity_src_gen.host_org_species                   ? 
_entity_src_gen.pdbx_host_org_tissue               ? 
_entity_src_gen.pdbx_host_org_tissue_fraction      ? 
_entity_src_gen.pdbx_host_org_strain               'BL21(DE3)PLysS' 
_entity_src_gen.pdbx_host_org_variant              ? 
_entity_src_gen.pdbx_host_org_cell_line            ? 
_entity_src_gen.pdbx_host_org_atcc                 ? 
_entity_src_gen.pdbx_host_org_culture_collection   ? 
_entity_src_gen.pdbx_host_org_cell                 ? 
_entity_src_gen.pdbx_host_org_organelle            ? 
_entity_src_gen.pdbx_host_org_cellular_location    ? 
_entity_src_gen.pdbx_host_org_vector_type          PLASMID 
_entity_src_gen.pdbx_host_org_vector               ? 
_entity_src_gen.host_org_details                   ? 
_entity_src_gen.expression_system_id               ? 
_entity_src_gen.plasmid_name                       pET15b 
_entity_src_gen.plasmid_details                    ? 
_entity_src_gen.pdbx_description                   ? 
# 
_struct_ref.id                         1 
_struct_ref.db_name                    UNP 
_struct_ref.db_code                    RPSC_MYCTU 
_struct_ref.pdbx_db_accession          P66809 
_struct_ref.entity_id                  1 
_struct_ref.pdbx_seq_one_letter_code   
;MTATASDDEAVTALALSAAKGNGRALEAFIKATQQDVWRFVAYLSDVGSADDLTQETFLRAIGAIPRFSARSSARTWLLA
IARHVVADHIRHVRSRPRTTRGARPEHLIDGD
;
_struct_ref.pdbx_align_begin           1 
_struct_ref.pdbx_db_isoform            ? 
# 
loop_
_struct_ref_seq.align_id 
_struct_ref_seq.ref_id 
_struct_ref_seq.pdbx_PDB_id_code 
_struct_ref_seq.pdbx_strand_id 
_struct_ref_seq.seq_align_beg 
_struct_ref_seq.pdbx_seq_align_beg_ins_code 
_struct_ref_seq.seq_align_end 
_struct_ref_seq.pdbx_seq_align_end_ins_code 
_struct_ref_seq.pdbx_db_accession 
_struct_ref_seq.db_align_beg 
_struct_ref_seq.pdbx_db_align_beg_ins_code 
_struct_ref_seq.db_align_end 
_struct_ref_seq.pdbx_db_align_end_ins_code 
_struct_ref_seq.pdbx_auth_seq_align_beg 
_struct_ref_seq.pdbx_auth_seq_align_end 
1 1 2O7G A 1 ? 112 ? P66809 1 ? 112 ? 1 112 
2 1 2O7G B 1 ? 112 ? P66809 1 ? 112 ? 1 112 
# 
loop_
_chem_comp.id 
_chem_comp.type 
_chem_comp.mon_nstd_flag 
_chem_comp.name 
_chem_comp.pdbx_synonyms 
_chem_comp.formula 
_chem_comp.formula_weight 
ALA 'L-peptide linking' y ALANINE         ? 'C3 H7 N O2'     89.093  
ARG 'L-peptide linking' y ARGININE        ? 'C6 H15 N4 O2 1' 175.209 
ASN 'L-peptide linking' y ASPARAGINE      ? 'C4 H8 N2 O3'    132.118 
ASP 'L-peptide linking' y 'ASPARTIC ACID' ? 'C4 H7 N O4'     133.103 
GLN 'L-peptide linking' y GLUTAMINE       ? 'C5 H10 N2 O3'   146.144 
GLU 'L-peptide linking' y 'GLUTAMIC ACID' ? 'C5 H9 N O4'     147.129 
GLY 'peptide linking'   y GLYCINE         ? 'C2 H5 N O2'     75.067  
HIS 'L-peptide linking' y HISTIDINE       ? 'C6 H10 N3 O2 1' 156.162 
HOH non-polymer         . WATER           ? 'H2 O'           18.015  
ILE 'L-peptide linking' y ISOLEUCINE      ? 'C6 H13 N O2'    131.173 
LEU 'L-peptide linking' y LEUCINE         ? 'C6 H13 N O2'    131.173 
LYS 'L-peptide linking' y LYSINE          ? 'C6 H15 N2 O2 1' 147.195 
MET 'L-peptide linking' y METHIONINE      ? 'C5 H11 N O2 S'  149.211 
PHE 'L-peptide linking' y PHENYLALANINE   ? 'C9 H11 N O2'    165.189 
PRO 'L-peptide linking' y PROLINE         ? 'C5 H9 N O2'     115.130 
SER 'L-peptide linking' y SERINE          ? 'C3 H7 N O3'     105.093 
SO4 non-polymer         . 'SULFATE ION'   ? 'O4 S -2'        96.063  
THR 'L-peptide linking' y THREONINE       ? 'C4 H9 N O3'     119.119 
TRP 'L-peptide linking' y TRYPTOPHAN      ? 'C11 H12 N2 O2'  204.225 
TYR 'L-peptide linking' y TYROSINE        ? 'C9 H11 N O3'    181.189 
VAL 'L-peptide linking' y VALINE          ? 'C5 H11 N O2'    117.146 
# 
_exptl.entry_id          2O7G 
_exptl.method            'X-RAY DIFFRACTION' 
_exptl.crystals_number   1 
# 
_exptl_crystal.id                    1 
_exptl_crystal.density_meas          ? 
_exptl_crystal.density_Matthews      3.40 
_exptl_crystal.density_percent_sol   63.87 
_exptl_crystal.description           ? 
_exptl_crystal.F_000                 ? 
_exptl_crystal.preparation           ? 
# 
_exptl_crystal_grow.crystal_id      1 
_exptl_crystal_grow.method          'VAPOR DIFFUSION, SITTING DROP' 
_exptl_crystal_grow.temp            298.0 
_exptl_crystal_grow.temp_details    ? 
_exptl_crystal_grow.pH              7.5 
_exptl_crystal_grow.pdbx_details    
'2M ammonium sulphate, 5% isopropanol, pH 7.5, VAPOR DIFFUSION, SITTING DROP, temperature 298.0K' 
_exptl_crystal_grow.pdbx_pH_range   . 
# 
_diffrn.id                     1 
_diffrn.ambient_temp           100 
_diffrn.ambient_temp_details   ? 
_diffrn.crystal_id             1 
# 
_diffrn_detector.diffrn_id              1 
_diffrn_detector.detector               ? 
_diffrn_detector.type                   ? 
_diffrn_detector.pdbx_collection_date   2004-12-22 
_diffrn_detector.details                ? 
# 
_diffrn_radiation.diffrn_id                        1 
_diffrn_radiation.wavelength_id                    1 
_diffrn_radiation.pdbx_monochromatic_or_laue_m_l   M 
_diffrn_radiation.monochromator                    ? 
_diffrn_radiation.pdbx_diffrn_protocol             'SINGLE WAVELENGTH' 
_diffrn_radiation.pdbx_scattering_type             x-ray 
# 
_diffrn_radiation_wavelength.id           1 
_diffrn_radiation_wavelength.wavelength   1.5418 
_diffrn_radiation_wavelength.wt           1.0 
# 
_diffrn_source.diffrn_id                   1 
_diffrn_source.source                      'ROTATING ANODE' 
_diffrn_source.type                        'RIGAKU RU200' 
_diffrn_source.pdbx_synchrotron_site       ? 
_diffrn_source.pdbx_synchrotron_beamline   ? 
_diffrn_source.pdbx_wavelength             ? 
_diffrn_source.pdbx_wavelength_list        1.5418 
# 
_reflns.entry_id                     2O7G 
_reflns.observed_criterion_sigma_F   1.0 
_reflns.observed_criterion_sigma_I   1.0 
_reflns.d_resolution_high            2.7 
_reflns.d_resolution_low             35.01 
_reflns.number_all                   ? 
_reflns.number_obs                   9076 
_reflns.percent_possible_obs         99.8 
_reflns.pdbx_Rmerge_I_obs            ? 
_reflns.pdbx_Rsym_value              0.087 
_reflns.pdbx_netI_over_sigmaI        10.9 
_reflns.B_iso_Wilson_estimate        ? 
_reflns.pdbx_redundancy              2.6 
_reflns.R_free_details               ? 
_reflns.limit_h_max                  ? 
_reflns.limit_h_min                  ? 
_reflns.limit_k_max                  ? 
_reflns.limit_k_min                  ? 
_reflns.limit_l_max                  ? 
_reflns.limit_l_min                  ? 
_reflns.observed_criterion_F_max     ? 
_reflns.observed_criterion_F_min     ? 
_reflns.pdbx_chi_squared             ? 
_reflns.pdbx_scaling_rejects         ? 
_reflns.pdbx_ordinal                 1 
_reflns.pdbx_diffrn_id               1 
# 
_reflns_shell.d_res_high             2.70 
_reflns_shell.d_res_low              2.89 
_reflns_shell.percent_possible_all   99.2 
_reflns_shell.Rmerge_I_obs           ? 
_reflns_shell.pdbx_Rsym_value        0.387 
_reflns_shell.meanI_over_sigI_obs    2.3 
_reflns_shell.pdbx_redundancy        2.3 
_reflns_shell.percent_possible_obs   ? 
_reflns_shell.number_unique_all      2612 
_reflns_shell.number_measured_all    ? 
_reflns_shell.number_measured_obs    ? 
_reflns_shell.number_unique_obs      ? 
_reflns_shell.pdbx_chi_squared       ? 
_reflns_shell.pdbx_ordinal           1 
_reflns_shell.pdbx_diffrn_id         1 
# 
_refine.entry_id                                 2O7G 
_refine.ls_number_reflns_obs                     8656 
_refine.ls_number_reflns_all                     ? 
_refine.pdbx_ls_sigma_I                          ? 
_refine.pdbx_ls_sigma_F                          ? 
_refine.pdbx_data_cutoff_high_absF               ? 
_refine.pdbx_data_cutoff_low_absF                ? 
_refine.pdbx_data_cutoff_high_rms_absF           ? 
_refine.ls_d_res_low                             33.46 
_refine.ls_d_res_high                            2.70 
_refine.ls_percent_reflns_obs                    99.98 
_refine.ls_R_factor_obs                          0.20348 
_refine.ls_R_factor_all                          ? 
_refine.ls_R_factor_R_work                       0.2014 
_refine.ls_R_factor_R_free                       0.2479 
_refine.ls_R_factor_R_free_error                 ? 
_refine.ls_R_factor_R_free_error_details         ? 
_refine.ls_percent_reflns_R_free                 4.6 
_refine.ls_number_reflns_R_free                  418 
_refine.ls_number_parameters                     ? 
_refine.ls_number_restraints                     ? 
_refine.occupancy_min                            ? 
_refine.occupancy_max                            ? 
_refine.correlation_coeff_Fo_to_Fc               0.929 
_refine.correlation_coeff_Fo_to_Fc_free          0.901 
_refine.B_iso_mean                               38.582 
_refine.aniso_B[1][1]                            0.05 
_refine.aniso_B[2][2]                            0.05 
_refine.aniso_B[3][3]                            -0.07 
_refine.aniso_B[1][2]                            0.02 
_refine.aniso_B[1][3]                            0.00 
_refine.aniso_B[2][3]                            0.00 
_refine.solvent_model_details                    MASK 
_refine.solvent_model_param_ksol                 ? 
_refine.solvent_model_param_bsol                 ? 
_refine.pdbx_solvent_vdw_probe_radii             1.20 
_refine.pdbx_solvent_ion_probe_radii             0.80 
_refine.pdbx_solvent_shrinkage_radii             0.80 
_refine.pdbx_ls_cross_valid_method               THROUGHOUT 
_refine.details                                  'HYDROGENS HAVE BEEN ADDED IN THE RIDING POSITIONS' 
_refine.pdbx_starting_model                      1OR7 
_refine.pdbx_method_to_determine_struct          'MOLECULAR REPLACEMENT' 
_refine.pdbx_isotropic_thermal_model             ? 
_refine.pdbx_stereochemistry_target_values       'MAXIMUM LIKELIHOOD' 
_refine.pdbx_stereochem_target_val_spec_case     ? 
_refine.pdbx_R_Free_selection_details            RANDOM 
_refine.pdbx_overall_ESU_R                       0.368 
_refine.pdbx_overall_ESU_R_Free                  0.272 
_refine.overall_SU_ML                            0.188 
_refine.overall_SU_B                             9.129 
_refine.ls_redundancy_reflns_obs                 ? 
_refine.B_iso_min                                ? 
_refine.B_iso_max                                ? 
_refine.overall_SU_R_Cruickshank_DPI             ? 
_refine.overall_SU_R_free                        ? 
_refine.ls_wR_factor_R_free                      ? 
_refine.ls_wR_factor_R_work                      ? 
_refine.overall_FOM_free_R_set                   ? 
_refine.overall_FOM_work_R_set                   ? 
_refine.pdbx_refine_id                           'X-RAY DIFFRACTION' 
_refine.pdbx_diffrn_id                           1 
_refine.pdbx_TLS_residual_ADP_flag               ? 
_refine.pdbx_overall_phase_error                 ? 
_refine.pdbx_overall_SU_R_free_Cruickshank_DPI   ? 
_refine.pdbx_overall_SU_R_Blow_DPI               ? 
_refine.pdbx_overall_SU_R_free_Blow_DPI          ? 
# 
_refine_hist.pdbx_refine_id                   'X-RAY DIFFRACTION' 
_refine_hist.cycle_id                         LAST 
_refine_hist.pdbx_number_atoms_protein        1342 
_refine_hist.pdbx_number_atoms_nucleic_acid   0 
_refine_hist.pdbx_number_atoms_ligand         20 
_refine_hist.number_atoms_solvent             20 
_refine_hist.number_atoms_total               1382 
_refine_hist.d_res_high                       2.70 
_refine_hist.d_res_low                        33.46 
# 
loop_
_refine_ls_restr.type 
_refine_ls_restr.dev_ideal 
_refine_ls_restr.dev_ideal_target 
_refine_ls_restr.weight 
_refine_ls_restr.number 
_refine_ls_restr.pdbx_refine_id 
_refine_ls_restr.pdbx_restraint_function 
r_bond_refined_d             0.030  0.021  ? 1383 'X-RAY DIFFRACTION' ? 
r_bond_other_d               ?      ?      ? ?    'X-RAY DIFFRACTION' ? 
r_angle_refined_deg          2.763  1.936  ? 1879 'X-RAY DIFFRACTION' ? 
r_angle_other_deg            ?      ?      ? ?    'X-RAY DIFFRACTION' ? 
r_dihedral_angle_1_deg       17.661 5.000  ? 175  'X-RAY DIFFRACTION' ? 
r_dihedral_angle_2_deg       32.302 21.935 ? 62   'X-RAY DIFFRACTION' ? 
r_dihedral_angle_3_deg       24.427 15.000 ? 212  'X-RAY DIFFRACTION' ? 
r_dihedral_angle_4_deg       22.870 15.000 ? 16   'X-RAY DIFFRACTION' ? 
r_chiral_restr               0.263  0.200  ? 219  'X-RAY DIFFRACTION' ? 
r_gen_planes_refined         0.009  0.020  ? 1028 'X-RAY DIFFRACTION' ? 
r_gen_planes_other           ?      ?      ? ?    'X-RAY DIFFRACTION' ? 
r_nbd_refined                0.263  0.200  ? 662  'X-RAY DIFFRACTION' ? 
r_nbd_other                  ?      ?      ? ?    'X-RAY DIFFRACTION' ? 
r_nbtor_refined              0.325  0.200  ? 979  'X-RAY DIFFRACTION' ? 
r_nbtor_other                ?      ?      ? ?    'X-RAY DIFFRACTION' ? 
r_xyhbond_nbd_refined        0.156  0.200  ? 43   'X-RAY DIFFRACTION' ? 
r_xyhbond_nbd_other          ?      ?      ? ?    'X-RAY DIFFRACTION' ? 
r_metal_ion_refined          ?      ?      ? ?    'X-RAY DIFFRACTION' ? 
r_metal_ion_other            ?      ?      ? ?    'X-RAY DIFFRACTION' ? 
r_symmetry_vdw_refined       0.197  0.200  ? 29   'X-RAY DIFFRACTION' ? 
r_symmetry_vdw_other         ?      ?      ? ?    'X-RAY DIFFRACTION' ? 
r_symmetry_hbond_refined     ?      ?      ? ?    'X-RAY DIFFRACTION' ? 
r_symmetry_hbond_other       ?      ?      ? ?    'X-RAY DIFFRACTION' ? 
r_symmetry_metal_ion_refined ?      ?      ? ?    'X-RAY DIFFRACTION' ? 
r_symmetry_metal_ion_other   ?      ?      ? ?    'X-RAY DIFFRACTION' ? 
r_mcbond_it                  1.106  1.500  ? 887  'X-RAY DIFFRACTION' ? 
r_mcbond_other               ?      ?      ? ?    'X-RAY DIFFRACTION' ? 
r_mcangle_it                 1.995  2.000  ? 1387 'X-RAY DIFFRACTION' ? 
r_scbond_it                  3.321  3.000  ? 540  'X-RAY DIFFRACTION' ? 
r_scangle_it                 5.726  4.500  ? 492  'X-RAY DIFFRACTION' ? 
r_rigid_bond_restr           ?      ?      ? ?    'X-RAY DIFFRACTION' ? 
r_sphericity_free            ?      ?      ? ?    'X-RAY DIFFRACTION' ? 
r_sphericity_bonded          ?      ?      ? ?    'X-RAY DIFFRACTION' ? 
# 
loop_
_refine_ls_restr_ncs.dom_id 
_refine_ls_restr_ncs.pdbx_auth_asym_id 
_refine_ls_restr_ncs.pdbx_number 
_refine_ls_restr_ncs.rms_dev_position 
_refine_ls_restr_ncs.weight_position 
_refine_ls_restr_ncs.pdbx_type 
_refine_ls_restr_ncs.pdbx_ens_id 
_refine_ls_restr_ncs.pdbx_refine_id 
_refine_ls_restr_ncs.pdbx_ordinal 
_refine_ls_restr_ncs.ncs_model_details 
_refine_ls_restr_ncs.rms_dev_B_iso 
_refine_ls_restr_ncs.weight_B_iso 
_refine_ls_restr_ncs.pdbx_asym_id 
_refine_ls_restr_ncs.pdbx_rms 
_refine_ls_restr_ncs.pdbx_weight 
1 A 658 0.21 0.05 'tight positional' 1 'X-RAY DIFFRACTION' 1 ? ? ? ? ? ? 
1 A 658 0.20 0.50 'tight thermal'    1 'X-RAY DIFFRACTION' 2 ? ? ? ? ? ? 
# 
_refine_ls_shell.pdbx_total_number_of_bins_used   20 
_refine_ls_shell.d_res_high                       2.701 
_refine_ls_shell.d_res_low                        2.771 
_refine_ls_shell.number_reflns_R_work             638 
_refine_ls_shell.R_factor_R_work                  0.26 
_refine_ls_shell.percent_reflns_obs               100.00 
_refine_ls_shell.R_factor_R_free                  0.247 
_refine_ls_shell.R_factor_R_free_error            ? 
_refine_ls_shell.percent_reflns_R_free            ? 
_refine_ls_shell.number_reflns_R_free             29 
_refine_ls_shell.number_reflns_all                ? 
_refine_ls_shell.R_factor_all                     ? 
_refine_ls_shell.number_reflns_obs                ? 
_refine_ls_shell.redundancy_reflns_obs            ? 
_refine_ls_shell.pdbx_refine_id                   'X-RAY DIFFRACTION' 
# 
loop_
_struct_ncs_dom.pdbx_ens_id 
_struct_ncs_dom.id 
_struct_ncs_dom.details 
1 1 A 
1 2 B 
# 
loop_
_struct_ncs_dom_lim.pdbx_ens_id 
_struct_ncs_dom_lim.dom_id 
_struct_ncs_dom_lim.pdbx_component_id 
_struct_ncs_dom_lim.beg_label_asym_id 
_struct_ncs_dom_lim.beg_label_comp_id 
_struct_ncs_dom_lim.beg_label_seq_id 
_struct_ncs_dom_lim.beg_label_alt_id 
_struct_ncs_dom_lim.end_label_asym_id 
_struct_ncs_dom_lim.end_label_comp_id 
_struct_ncs_dom_lim.end_label_seq_id 
_struct_ncs_dom_lim.end_label_alt_id 
_struct_ncs_dom_lim.beg_auth_asym_id 
_struct_ncs_dom_lim.beg_auth_comp_id 
_struct_ncs_dom_lim.beg_auth_seq_id 
_struct_ncs_dom_lim.end_auth_asym_id 
_struct_ncs_dom_lim.end_auth_comp_id 
_struct_ncs_dom_lim.end_auth_seq_id 
_struct_ncs_dom_lim.pdbx_refine_code 
_struct_ncs_dom_lim.selection_details 
1 1 1 A THR 4 . A ILE 90 . A THR 4 A ILE 90 1 ? 
1 2 1 B THR 4 . B ILE 90 . B THR 4 B ILE 90 1 ? 
# 
_struct_ncs_ens.id        1 
_struct_ncs_ens.details   ? 
# 
_struct.entry_id                  2O7G 
_struct.title                     'Crystal structure of the Pribnow Box recognition region of SigC from Mycobacterium tuberculosis' 
_struct.pdbx_model_details        ? 
_struct.pdbx_CASP_flag            N 
_struct.pdbx_model_type_details   ? 
# 
_struct_keywords.entry_id        2O7G 
_struct_keywords.pdbx_keywords   TRANSCRIPTION 
_struct_keywords.text            'sigma factor, transcription regulation, -10 element recognition domain, TRANSCRIPTION' 
# 
loop_
_struct_asym.id 
_struct_asym.pdbx_blank_PDB_chainid_flag 
_struct_asym.pdbx_modified 
_struct_asym.entity_id 
_struct_asym.details 
A N N 1 ? 
B N N 1 ? 
C N N 2 ? 
D N N 2 ? 
E N N 2 ? 
F N N 2 ? 
G N N 3 ? 
H N N 3 ? 
# 
_struct_biol.id                    1 
_struct_biol.details               ? 
_struct_biol.pdbx_parent_biol_id   ? 
# 
loop_
_struct_conf.conf_type_id 
_struct_conf.id 
_struct_conf.pdbx_PDB_helix_id 
_struct_conf.beg_label_comp_id 
_struct_conf.beg_label_asym_id 
_struct_conf.beg_label_seq_id 
_struct_conf.pdbx_beg_PDB_ins_code 
_struct_conf.end_label_comp_id 
_struct_conf.end_label_asym_id 
_struct_conf.end_label_seq_id 
_struct_conf.pdbx_end_PDB_ins_code 
_struct_conf.beg_auth_comp_id 
_struct_conf.beg_auth_asym_id 
_struct_conf.beg_auth_seq_id 
_struct_conf.end_auth_comp_id 
_struct_conf.end_auth_asym_id 
_struct_conf.end_auth_seq_id 
_struct_conf.pdbx_PDB_helix_class 
_struct_conf.details 
_struct_conf.pdbx_PDB_helix_length 
HELX_P HELX_P1  1  THR A 4  ? LYS A 20 ? THR A 4  LYS A 20 1 ? 17 
HELX_P HELX_P2  2  ASN A 22 ? SER A 45 ? ASN A 22 SER A 45 1 ? 24 
HELX_P HELX_P3  3  ASP A 46 ? ILE A 65 ? ASP A 46 ILE A 65 1 ? 20 
HELX_P HELX_P4  4  PRO A 66 ? PHE A 68 ? PRO A 66 PHE A 68 5 ? 3  
HELX_P HELX_P5  5  SER A 73 ? ILE A 90 ? SER A 73 ILE A 90 1 ? 18 
HELX_P HELX_P6  6  ALA B 5  ? LYS B 20 ? ALA B 5  LYS B 20 1 ? 16 
HELX_P HELX_P7  7  ASN B 22 ? SER B 45 ? ASN B 22 SER B 45 1 ? 24 
HELX_P HELX_P8  8  SER B 49 ? ILE B 65 ? SER B 49 ILE B 65 1 ? 17 
HELX_P HELX_P9  9  PRO B 66 ? PHE B 68 ? PRO B 66 PHE B 68 5 ? 3  
HELX_P HELX_P10 10 SER B 73 ? ILE B 90 ? SER B 73 ILE B 90 1 ? 18 
# 
_struct_conf_type.id          HELX_P 
_struct_conf_type.criteria    ? 
_struct_conf_type.reference   ? 
# 
loop_
_struct_site.id 
_struct_site.pdbx_evidence_code 
_struct_site.pdbx_auth_asym_id 
_struct_site.pdbx_auth_comp_id 
_struct_site.pdbx_auth_seq_id 
_struct_site.pdbx_auth_ins_code 
_struct_site.pdbx_num_residues 
_struct_site.details 
AC1 Software B SO4 113 ? 2 'BINDING SITE FOR RESIDUE SO4 B 113' 
AC2 Software A SO4 113 ? 5 'BINDING SITE FOR RESIDUE SO4 A 113' 
AC3 Software B SO4 114 ? 3 'BINDING SITE FOR RESIDUE SO4 B 114' 
AC4 Software B SO4 115 ? 4 'BINDING SITE FOR RESIDUE SO4 B 115' 
# 
loop_
_struct_site_gen.id 
_struct_site_gen.site_id 
_struct_site_gen.pdbx_num_res 
_struct_site_gen.label_comp_id 
_struct_site_gen.label_asym_id 
_struct_site_gen.label_seq_id 
_struct_site_gen.pdbx_auth_ins_code 
_struct_site_gen.auth_comp_id 
_struct_site_gen.auth_asym_id 
_struct_site_gen.auth_seq_id 
_struct_site_gen.label_atom_id 
_struct_site_gen.label_alt_id 
_struct_site_gen.symmetry 
_struct_site_gen.details 
1  AC1 2 GLN B 55 ? GLN B 55 . ? 1_555 ? 
2  AC1 2 LEU B 59 ? LEU B 59 . ? 1_555 ? 
3  AC2 5 ALA A 18 ? ALA A 18 . ? 1_555 ? 
4  AC2 5 GLY A 21 ? GLY A 21 . ? 1_555 ? 
5  AC2 5 LEU A 26 ? LEU A 26 . ? 1_555 ? 
6  AC2 5 GLY B 21 ? GLY B 21 . ? 1_555 ? 
7  AC2 5 LEU B 26 ? LEU B 26 . ? 1_555 ? 
8  AC3 3 SER B 72 ? SER B 72 . ? 1_555 ? 
9  AC3 3 SER B 73 ? SER B 73 . ? 1_555 ? 
10 AC3 3 THR B 76 ? THR B 76 . ? 1_555 ? 
11 AC4 4 ARG A 83 ? ARG A 83 . ? 4_445 ? 
12 AC4 4 ALA B 42 ? ALA B 42 . ? 1_555 ? 
13 AC4 4 ASP B 46 ? ASP B 46 . ? 1_555 ? 
14 AC4 4 VAL B 47 ? VAL B 47 . ? 1_555 ? 
# 
_atom_sites.entry_id                    2O7G 
_atom_sites.fract_transf_matrix[1][1]   -0.01348884 
_atom_sites.fract_transf_matrix[1][2]   -0.00123574 
_atom_sites.fract_transf_matrix[1][3]   0.00057459 
_atom_sites.fract_transf_matrix[2][1]   -0.00594449 
_atom_sites.fract_transf_matrix[2][2]   -0.01143679 
_atom_sites.fract_transf_matrix[2][3]   -0.00420179 
_atom_sites.fract_transf_matrix[3][1]   0.00092899 
_atom_sites.fract_transf_matrix[3][2]   -0.00474559 
_atom_sites.fract_transf_matrix[3][3]   0.01160264 
_atom_sites.fract_transf_vector[1]      -0.394810 
_atom_sites.fract_transf_vector[2]      -0.373971 
_atom_sites.fract_transf_vector[3]      0.094062 
# 
loop_
_atom_type.symbol 
C 
N 
O 
S 
# 
loop_
_atom_site.group_PDB 
_atom_site.id 
_atom_site.type_symbol 
_atom_site.label_atom_id 
_atom_site.label_alt_id 
_atom_site.label_comp_id 
_atom_site.label_asym_id 
_atom_site.label_entity_id 
_atom_site.label_seq_id 
_atom_site.pdbx_PDB_ins_code 
_atom_site.Cartn_x 
_atom_site.Cartn_y 
_atom_site.Cartn_z 
_atom_site.occupancy 
_atom_site.B_iso_or_equiv 
_atom_site.pdbx_formal_charge 
_atom_site.auth_seq_id 
_atom_site.auth_comp_id 
_atom_site.auth_asym_id 
_atom_site.auth_atom_id 
_atom_site.pdbx_PDB_model_num 
ATOM   1    N N   . THR A 1 4  ? 7.629   -11.156 -20.926 1.00 20.00  ? 4   THR A N   1 
ATOM   2    C CA  . THR A 1 4  ? 7.871   -9.722  -20.818 1.00 20.00  ? 4   THR A CA  1 
ATOM   3    C C   . THR A 1 4  ? 6.654   -8.923  -21.272 1.00 20.00  ? 4   THR A C   1 
ATOM   4    O O   . THR A 1 4  ? 6.297   -7.916  -20.661 1.00 64.65  ? 4   THR A O   1 
ATOM   5    C CB  . THR A 1 4  ? 9.094   -9.292  -21.648 1.00 20.00  ? 4   THR A CB  1 
ATOM   6    O OG1 . THR A 1 4  ? 10.295  -9.601  -20.930 1.00 20.00  ? 4   THR A OG1 1 
ATOM   7    C CG2 . THR A 1 4  ? 9.047   -7.798  -21.930 1.00 20.00  ? 4   THR A CG2 1 
ATOM   8    N N   . ALA A 1 5  ? 6.019   -9.380  -22.347 1.00 20.00  ? 5   ALA A N   1 
ATOM   9    C CA  . ALA A 1 5  ? 4.565   -9.330  -22.458 1.00 20.00  ? 5   ALA A CA  1 
ATOM   10   C C   . ALA A 1 5  ? 3.907   -10.340 -21.525 1.00 20.00  ? 5   ALA A C   1 
ATOM   11   O O   . ALA A 1 5  ? 2.820   -10.098 -21.000 1.00 20.00  ? 5   ALA A O   1 
ATOM   12   C CB  . ALA A 1 5  ? 4.135   -9.574  -23.896 1.00 20.00  ? 5   ALA A CB  1 
ATOM   13   N N   . SER A 1 6  ? 4.571   -11.473 -21.323 1.00 20.00  ? 6   SER A N   1 
ATOM   14   C CA  . SER A 1 6  ? 4.181   -12.416 -20.281 1.00 20.00  ? 6   SER A CA  1 
ATOM   15   C C   . SER A 1 6  ? 4.279   -11.780 -18.898 1.00 20.00  ? 6   SER A C   1 
ATOM   16   O O   . SER A 1 6  ? 3.457   -12.049 -18.021 1.00 55.37  ? 6   SER A O   1 
ATOM   17   C CB  . SER A 1 6  ? 5.047   -13.674 -20.345 1.00 20.00  ? 6   SER A CB  1 
ATOM   18   O OG  . SER A 1 6  ? 4.908   -14.450 -19.167 1.00 20.00  ? 6   SER A OG  1 
ATOM   19   N N   . ASP A 1 7  ? 5.289   -10.938 -18.710 1.00 54.88  ? 7   ASP A N   1 
ATOM   20   C CA  . ASP A 1 7  ? 5.376   -10.108 -17.530 1.00 52.99  ? 7   ASP A CA  1 
ATOM   21   C C   . ASP A 1 7  ? 4.321   -9.068  -17.342 1.00 50.06  ? 7   ASP A C   1 
ATOM   22   O O   . ASP A 1 7  ? 3.920   -8.804  -16.259 1.00 49.07  ? 7   ASP A O   1 
ATOM   23   C CB  . ASP A 1 7  ? 6.763   -9.534  -17.363 1.00 54.78  ? 7   ASP A CB  1 
ATOM   24   C CG  . ASP A 1 7  ? 7.665   -10.456 -16.606 1.00 59.55  ? 7   ASP A CG  1 
ATOM   25   O OD1 . ASP A 1 7  ? 7.142   -11.422 -16.036 1.00 61.53  ? 7   ASP A OD1 1 
ATOM   26   O OD2 . ASP A 1 7  ? 8.887   -10.233 -16.573 1.00 65.22  ? 7   ASP A OD2 1 
ATOM   27   N N   . ASP A 1 8  ? 3.930   -8.438  -18.418 1.00 46.73  ? 8   ASP A N   1 
ATOM   28   C CA  . ASP A 1 8  ? 2.702   -7.708  -18.475 1.00 44.63  ? 8   ASP A CA  1 
ATOM   29   C C   . ASP A 1 8  ? 1.438   -8.449  -18.209 1.00 42.42  ? 8   ASP A C   1 
ATOM   30   O O   . ASP A 1 8  ? 0.546   -7.919  -17.644 1.00 42.77  ? 8   ASP A O   1 
ATOM   31   C CB  . ASP A 1 8  ? 2.588   -7.028  -19.800 1.00 45.63  ? 8   ASP A CB  1 
ATOM   32   C CG  . ASP A 1 8  ? 2.730   -5.560  -19.710 1.00 48.71  ? 8   ASP A CG  1 
ATOM   33   O OD1 . ASP A 1 8  ? 3.599   -5.051  -19.002 1.00 50.00  ? 8   ASP A OD1 1 
ATOM   34   O OD2 . ASP A 1 8  ? 1.947   -4.903  -20.379 1.00 54.43  ? 8   ASP A OD2 1 
ATOM   35   N N   . GLU A 1 9  ? 1.337   -9.671  -18.658 1.00 39.46  ? 9   GLU A N   1 
ATOM   36   C CA  . GLU A 1 9  ? 0.229   -10.503 -18.330 1.00 36.64  ? 9   GLU A CA  1 
ATOM   37   C C   . GLU A 1 9  ? 0.148   -10.910 -16.892 1.00 34.73  ? 9   GLU A C   1 
ATOM   38   O O   . GLU A 1 9  ? -0.912  -10.952 -16.359 1.00 34.18  ? 9   GLU A O   1 
ATOM   39   C CB  . GLU A 1 9  ? 0.237   -11.727 -19.195 1.00 36.94  ? 9   GLU A CB  1 
ATOM   40   C CG  . GLU A 1 9  ? -0.088  -11.507 -20.610 1.00 38.22  ? 9   GLU A CG  1 
ATOM   41   C CD  . GLU A 1 9  ? -1.436  -10.969 -20.840 1.00 41.45  ? 9   GLU A CD  1 
ATOM   42   O OE1 . GLU A 1 9  ? -1.570  -10.221 -21.786 1.00 44.37  ? 9   GLU A OE1 1 
ATOM   43   O OE2 . GLU A 1 9  ? -2.373  -11.299 -20.130 1.00 40.04  ? 9   GLU A OE2 1 
ATOM   44   N N   . ALA A 1 10 ? 1.264   -11.189 -16.247 1.00 32.87  ? 10  ALA A N   1 
ATOM   45   C CA  . ALA A 1 10 ? 1.227   -11.533 -14.804 1.00 31.59  ? 10  ALA A CA  1 
ATOM   46   C C   . ALA A 1 10 ? 0.727   -10.333 -13.998 1.00 31.14  ? 10  ALA A C   1 
ATOM   47   O O   . ALA A 1 10 ? -0.187  -10.462 -13.142 1.00 31.13  ? 10  ALA A O   1 
ATOM   48   C CB  . ALA A 1 10 ? 2.571   -11.931 -14.308 1.00 30.82  ? 10  ALA A CB  1 
ATOM   49   N N   . VAL A 1 11 ? 1.320   -9.168  -14.299 1.00 29.66  ? 11  VAL A N   1 
ATOM   50   C CA  . VAL A 1 11 ? 0.948   -7.958  -13.643 1.00 28.83  ? 11  VAL A CA  1 
ATOM   51   C C   . VAL A 1 11 ? -0.520  -7.693  -13.840 1.00 29.37  ? 11  VAL A C   1 
ATOM   52   O O   . VAL A 1 11 ? -1.205  -7.373  -12.877 1.00 29.96  ? 11  VAL A O   1 
ATOM   53   C CB  . VAL A 1 11 ? 1.784   -6.772  -14.120 1.00 29.39  ? 11  VAL A CB  1 
ATOM   54   C CG1 . VAL A 1 11 ? 1.174   -5.447  -13.648 1.00 26.95  ? 11  VAL A CG1 1 
ATOM   55   C CG2 . VAL A 1 11 ? 3.200   -6.937  -13.642 1.00 26.00  ? 11  VAL A CG2 1 
ATOM   56   N N   . THR A 1 12 ? -1.021  -7.821  -15.071 1.00 28.79  ? 12  THR A N   1 
ATOM   57   C CA  . THR A 1 12 ? -2.465  -7.639  -15.271 1.00 27.88  ? 12  THR A CA  1 
ATOM   58   C C   . THR A 1 12 ? -3.275  -8.703  -14.484 1.00 29.02  ? 12  THR A C   1 
ATOM   59   O O   . THR A 1 12 ? -4.302  -8.378  -13.879 1.00 29.77  ? 12  THR A O   1 
ATOM   60   C CB  . THR A 1 12 ? -2.833  -7.643  -16.755 1.00 27.14  ? 12  THR A CB  1 
ATOM   61   O OG1 . THR A 1 12 ? -2.183  -6.539  -17.370 1.00 25.99  ? 12  THR A OG1 1 
ATOM   62   C CG2 . THR A 1 12 ? -4.358  -7.539  -16.966 1.00 23.21  ? 12  THR A CG2 1 
ATOM   63   N N   . ALA A 1 13 ? -2.817  -9.965  -14.491 1.00 29.00  ? 13  ALA A N   1 
ATOM   64   C CA  . ALA A 1 13 ? -3.524  -10.996 -13.746 1.00 29.22  ? 13  ALA A CA  1 
ATOM   65   C C   . ALA A 1 13 ? -3.523  -10.689 -12.225 1.00 29.67  ? 13  ALA A C   1 
ATOM   66   O O   . ALA A 1 13 ? -4.579  -10.813 -11.602 1.00 30.02  ? 13  ALA A O   1 
ATOM   67   C CB  . ALA A 1 13 ? -2.979  -12.371 -14.029 1.00 29.23  ? 13  ALA A CB  1 
ATOM   68   N N   . LEU A 1 14 ? -2.385  -10.232 -11.674 1.00 28.81  ? 14  LEU A N   1 
ATOM   69   C CA  . LEU A 1 14 ? -2.313  -9.749  -10.281 1.00 29.03  ? 14  LEU A CA  1 
ATOM   70   C C   . LEU A 1 14 ? -3.352  -8.634  -9.996  1.00 29.57  ? 14  LEU A C   1 
ATOM   71   O O   . LEU A 1 14 ? -4.016  -8.605  -8.942  1.00 29.52  ? 14  LEU A O   1 
ATOM   72   C CB  . LEU A 1 14 ? -0.879  -9.243  -9.920  1.00 28.19  ? 14  LEU A CB  1 
ATOM   73   C CG  . LEU A 1 14 ? 0.241   -10.290 -9.762  1.00 27.97  ? 14  LEU A CG  1 
ATOM   74   C CD1 . LEU A 1 14 ? 1.625   -9.672  -9.545  1.00 24.45  ? 14  LEU A CD1 1 
ATOM   75   C CD2 . LEU A 1 14 ? -0.065  -11.337 -8.661  1.00 24.12  ? 14  LEU A CD2 1 
ATOM   76   N N   . ALA A 1 15 ? -3.475  -7.711  -10.949 1.00 29.97  ? 15  ALA A N   1 
ATOM   77   C CA  . ALA A 1 15 ? -4.312  -6.577  -10.744 1.00 30.47  ? 15  ALA A CA  1 
ATOM   78   C C   . ALA A 1 15 ? -5.751  -7.064  -10.669 1.00 31.44  ? 15  ALA A C   1 
ATOM   79   O O   . ALA A 1 15 ? -6.537  -6.568  -9.857  1.00 30.76  ? 15  ALA A O   1 
ATOM   80   C CB  . ALA A 1 15 ? -4.115  -5.581  -11.830 1.00 29.33  ? 15  ALA A CB  1 
ATOM   81   N N   . LEU A 1 16 ? -6.068  -8.059  -11.502 1.00 33.37  ? 16  LEU A N   1 
ATOM   82   C CA  . LEU A 1 16 ? -7.441  -8.554  -11.624 1.00 35.38  ? 16  LEU A CA  1 
ATOM   83   C C   . LEU A 1 16 ? -7.837  -9.300  -10.382 1.00 35.63  ? 16  LEU A C   1 
ATOM   84   O O   . LEU A 1 16 ? -8.947  -9.124  -9.872  1.00 36.80  ? 16  LEU A O   1 
ATOM   85   C CB  . LEU A 1 16 ? -7.641  -9.451  -12.840 1.00 35.79  ? 16  LEU A CB  1 
ATOM   86   C CG  . LEU A 1 16 ? -7.951  -8.631  -14.083 1.00 38.62  ? 16  LEU A CG  1 
ATOM   87   C CD1 . LEU A 1 16 ? -7.992  -9.597  -15.287 1.00 39.10  ? 16  LEU A CD1 1 
ATOM   88   C CD2 . LEU A 1 16 ? -9.261  -7.802  -13.917 1.00 38.30  ? 16  LEU A CD2 1 
ATOM   89   N N   . SER A 1 17 ? -6.918  -10.100 -9.877  1.00 35.08  ? 17  SER A N   1 
ATOM   90   C CA  . SER A 1 17 ? -7.170  -10.809 -8.660  1.00 35.27  ? 17  SER A CA  1 
ATOM   91   C C   . SER A 1 17 ? -7.257  -9.839  -7.433  1.00 35.39  ? 17  SER A C   1 
ATOM   92   O O   . SER A 1 17 ? -8.166  -9.988  -6.568  1.00 35.68  ? 17  SER A O   1 
ATOM   93   C CB  . SER A 1 17 ? -6.126  -11.869 -8.457  1.00 34.56  ? 17  SER A CB  1 
ATOM   94   O OG  . SER A 1 17 ? -6.282  -12.304 -7.123  1.00 39.70  ? 17  SER A OG  1 
ATOM   95   N N   . ALA A 1 18 ? -6.356  -8.846  -7.378  1.00 34.21  ? 18  ALA A N   1 
ATOM   96   C CA  . ALA A 1 18 ? -6.434  -7.806  -6.362  1.00 33.26  ? 18  ALA A CA  1 
ATOM   97   C C   . ALA A 1 18 ? -7.760  -7.049  -6.443  1.00 33.29  ? 18  ALA A C   1 
ATOM   98   O O   . ALA A 1 18 ? -8.380  -6.847  -5.431  1.00 33.10  ? 18  ALA A O   1 
ATOM   99   C CB  . ALA A 1 18 ? -5.281  -6.847  -6.473  1.00 33.04  ? 18  ALA A CB  1 
ATOM   100  N N   . ALA A 1 19 ? -8.192  -6.614  -7.623  1.00 33.64  ? 19  ALA A N   1 
ATOM   101  C CA  . ALA A 1 19 ? -9.535  -6.043  -7.789  1.00 34.64  ? 19  ALA A CA  1 
ATOM   102  C C   . ALA A 1 19 ? -10.649 -6.932  -7.166  1.00 35.51  ? 19  ALA A C   1 
ATOM   103  O O   . ALA A 1 19 ? -11.614 -6.428  -6.662  1.00 35.72  ? 19  ALA A O   1 
ATOM   104  C CB  . ALA A 1 19 ? -9.825  -5.816  -9.271  1.00 34.52  ? 19  ALA A CB  1 
ATOM   105  N N   . LYS A 1 20 ? -10.519 -8.251  -7.213  1.00 36.67  ? 20  LYS A N   1 
ATOM   106  C CA  . LYS A 1 20 ? -11.499 -9.116  -6.601  1.00 37.98  ? 20  LYS A CA  1 
ATOM   107  C C   . LYS A 1 20 ? -11.287 -9.323  -5.108  1.00 37.61  ? 20  LYS A C   1 
ATOM   108  O O   . LYS A 1 20 ? -11.858 -10.229 -4.547  1.00 39.04  ? 20  LYS A O   1 
ATOM   109  C CB  . LYS A 1 20 ? -11.526 -10.483 -7.294  1.00 38.57  ? 20  LYS A CB  1 
ATOM   110  C CG  . LYS A 1 20 ? -12.351 -10.486 -8.546  1.00 43.14  ? 20  LYS A CG  1 
ATOM   111  C CD  . LYS A 1 20 ? -11.685 -11.423 -9.595  1.00 54.84  ? 20  LYS A CD  1 
ATOM   112  C CE  . LYS A 1 20 ? -12.603 -11.775 -10.812 1.00 60.18  ? 20  LYS A CE  1 
ATOM   113  N NZ  . LYS A 1 20 ? -14.050 -11.265 -10.678 1.00 64.09  ? 20  LYS A NZ  1 
ATOM   114  N N   . GLY A 1 21 ? -10.475 -8.525  -4.448  1.00 36.53  ? 21  GLY A N   1 
ATOM   115  C CA  . GLY A 1 21 ? -10.341 -8.663  -3.011  1.00 34.83  ? 21  GLY A CA  1 
ATOM   116  C C   . GLY A 1 21 ? -9.225  -9.569  -2.542  1.00 34.87  ? 21  GLY A C   1 
ATOM   117  O O   . GLY A 1 21 ? -9.164  -9.877  -1.363  1.00 36.06  ? 21  GLY A O   1 
ATOM   118  N N   . ASN A 1 22 ? -8.326  -10.008 -3.419  1.00 34.06  ? 22  ASN A N   1 
ATOM   119  C CA  . ASN A 1 22 ? -7.152  -10.759 -2.977  1.00 33.34  ? 22  ASN A CA  1 
ATOM   120  C C   . ASN A 1 22 ? -5.983  -9.841  -2.510  1.00 33.31  ? 22  ASN A C   1 
ATOM   121  O O   . ASN A 1 22 ? -5.296  -9.206  -3.315  1.00 33.48  ? 22  ASN A O   1 
ATOM   122  C CB  . ASN A 1 22 ? -6.675  -11.732 -4.069  1.00 33.47  ? 22  ASN A CB  1 
ATOM   123  C CG  . ASN A 1 22 ? -5.645  -12.716 -3.542  1.00 35.75  ? 22  ASN A CG  1 
ATOM   124  O OD1 . ASN A 1 22 ? -4.555  -12.409 -3.166  1.00 40.59  ? 22  ASN A OD1 1 
ATOM   125  N ND2 . ASN A 1 22 ? -6.023  -13.877 -3.468  1.00 38.52  ? 22  ASN A ND2 1 
ATOM   126  N N   . GLY A 1 23 ? -5.739  -9.786  -1.210  1.00 33.04  ? 23  GLY A N   1 
ATOM   127  C CA  . GLY A 1 23 ? -4.660  -8.990  -0.668  1.00 32.13  ? 23  GLY A CA  1 
ATOM   128  C C   . GLY A 1 23 ? -3.260  -9.430  -1.091  1.00 32.58  ? 23  GLY A C   1 
ATOM   129  O O   . GLY A 1 23 ? -2.374  -8.556  -1.282  1.00 31.30  ? 23  GLY A O   1 
ATOM   130  N N   . ARG A 1 24 ? -3.034  -10.764 -1.254  1.00 32.40  ? 24  ARG A N   1 
ATOM   131  C CA  . ARG A 1 24 ? -1.682  -11.212 -1.642  1.00 32.27  ? 24  ARG A CA  1 
ATOM   132  C C   . ARG A 1 24 ? -1.344  -10.853 -3.106  1.00 31.47  ? 24  ARG A C   1 
ATOM   133  O O   . ARG A 1 24 ? -0.172  -10.631 -3.482  1.00 31.62  ? 24  ARG A O   1 
ATOM   134  C CB  . ARG A 1 24 ? -1.387  -12.683 -1.364  1.00 32.86  ? 24  ARG A CB  1 
ATOM   135  C CG  . ARG A 1 24 ? -1.864  -13.275 -0.075  1.00 36.60  ? 24  ARG A CG  1 
ATOM   136  C CD  . ARG A 1 24 ? -0.854  -14.290 0.571   1.00 43.56  ? 24  ARG A CD  1 
ATOM   137  N NE  . ARG A 1 24 ? -0.810  -13.729 1.939   1.00 57.15  ? 24  ARG A NE  1 
ATOM   138  C CZ  . ARG A 1 24 ? -1.260  -14.253 3.112   1.00 61.54  ? 24  ARG A CZ  1 
ATOM   139  N NH1 . ARG A 1 24 ? -1.274  -13.535 4.210   1.00 60.47  ? 24  ARG A NH1 1 
ATOM   140  N NH2 . ARG A 1 24 ? -1.670  -15.488 3.263   1.00 60.41  ? 24  ARG A NH2 1 
ATOM   141  N N   . ALA A 1 25 ? -2.391  -10.799 -3.917  1.00 30.27  ? 25  ALA A N   1 
ATOM   142  C CA  . ALA A 1 25 ? -2.296  -10.362 -5.275  1.00 29.51  ? 25  ALA A CA  1 
ATOM   143  C C   . ALA A 1 25 ? -1.940  -8.873  -5.239  1.00 29.39  ? 25  ALA A C   1 
ATOM   144  O O   . ALA A 1 25 ? -0.964  -8.468  -5.900  1.00 29.81  ? 25  ALA A O   1 
ATOM   145  C CB  . ALA A 1 25 ? -3.610  -10.635 -6.034  1.00 29.37  ? 25  ALA A CB  1 
ATOM   146  N N   . LEU A 1 26 ? -2.666  -8.073  -4.439  1.00 27.91  ? 26  LEU A N   1 
ATOM   147  C CA  . LEU A 1 26 ? -2.386  -6.645  -4.354  1.00 26.94  ? 26  LEU A CA  1 
ATOM   148  C C   . LEU A 1 26 ? -0.956  -6.412  -3.894  1.00 27.11  ? 26  LEU A C   1 
ATOM   149  O O   . LEU A 1 26 ? -0.226  -5.622  -4.460  1.00 28.10  ? 26  LEU A O   1 
ATOM   150  C CB  . LEU A 1 26 ? -3.274  -6.013  -3.340  1.00 26.74  ? 26  LEU A CB  1 
ATOM   151  C CG  . LEU A 1 26 ? -3.919  -4.662  -3.597  1.00 27.23  ? 26  LEU A CG  1 
ATOM   152  C CD1 . LEU A 1 26 ? -3.751  -3.885  -2.514  1.00 24.93  ? 26  LEU A CD1 1 
ATOM   153  C CD2 . LEU A 1 26 ? -3.368  -3.847  -4.622  1.00 23.38  ? 26  LEU A CD2 1 
ATOM   154  N N   . GLU A 1 27 ? -0.541  -7.117  -2.865  1.00 25.68  ? 27  GLU A N   1 
ATOM   155  C CA  . GLU A 1 27 ? 0.777   -6.909  -2.385  1.00 25.47  ? 27  GLU A CA  1 
ATOM   156  C C   . GLU A 1 27 ? 1.814   -7.179  -3.481  1.00 26.07  ? 27  GLU A C   1 
ATOM   157  O O   . GLU A 1 27 ? 2.722   -6.356  -3.715  1.00 26.53  ? 27  GLU A O   1 
ATOM   158  C CB  . GLU A 1 27 ? 1.011   -7.800  -1.173  1.00 24.60  ? 27  GLU A CB  1 
ATOM   159  C CG  . GLU A 1 27 ? 2.409   -7.742  -0.638  1.00 25.13  ? 27  GLU A CG  1 
ATOM   160  C CD  . GLU A 1 27 ? 2.605   -8.701  0.544   1.00 29.32  ? 27  GLU A CD  1 
ATOM   161  O OE1 . GLU A 1 27 ? 1.694   -9.410  0.987   1.00 27.56  ? 27  GLU A OE1 1 
ATOM   162  O OE2 . GLU A 1 27 ? 3.678   -8.757  1.095   1.00 29.11  ? 27  GLU A OE2 1 
ATOM   163  N N   . ALA A 1 28 ? 1.693   -8.353  -4.113  1.00 26.49  ? 28  ALA A N   1 
ATOM   164  C CA  . ALA A 1 28 ? 2.607   -8.823  -5.160  1.00 26.18  ? 28  ALA A CA  1 
ATOM   165  C C   . ALA A 1 28 ? 2.612   -7.822  -6.330  1.00 26.29  ? 28  ALA A C   1 
ATOM   166  O O   . ALA A 1 28 ? 3.663   -7.456  -6.806  1.00 27.26  ? 28  ALA A O   1 
ATOM   167  C CB  . ALA A 1 28 ? 2.187   -10.210 -5.612  1.00 25.68  ? 28  ALA A CB  1 
ATOM   168  N N   . PHE A 1 29 ? 1.443   -7.340  -6.735  1.00 25.59  ? 29  PHE A N   1 
ATOM   169  C CA  . PHE A 1 29 ? 1.342   -6.333  -7.765  1.00 25.45  ? 29  PHE A CA  1 
ATOM   170  C C   . PHE A 1 29 ? 2.162   -5.088  -7.448  1.00 26.07  ? 29  PHE A C   1 
ATOM   171  O O   . PHE A 1 29 ? 2.841   -4.522  -8.343  1.00 26.91  ? 29  PHE A O   1 
ATOM   172  C CB  . PHE A 1 29 ? -0.118  -5.961  -7.904  1.00 25.22  ? 29  PHE A CB  1 
ATOM   173  C CG  . PHE A 1 29 ? -0.380  -4.797  -8.808  1.00 24.70  ? 29  PHE A CG  1 
ATOM   174  C CD1 . PHE A 1 29 ? -0.439  -4.971  -10.189 1.00 24.40  ? 29  PHE A CD1 1 
ATOM   175  C CD2 . PHE A 1 29 ? -0.656  -3.526  -8.265  1.00 26.51  ? 29  PHE A CD2 1 
ATOM   176  C CE1 . PHE A 1 29 ? -0.730  -3.893  -11.024 1.00 21.86  ? 29  PHE A CE1 1 
ATOM   177  C CE2 . PHE A 1 29 ? -0.931  -2.417  -9.091  1.00 22.41  ? 29  PHE A CE2 1 
ATOM   178  C CZ  . PHE A 1 29 ? -0.972  -2.603  -10.477 1.00 23.77  ? 29  PHE A CZ  1 
ATOM   179  N N   . ILE A 1 30 ? 2.097   -4.636  -6.194  1.00 26.03  ? 30  ILE A N   1 
ATOM   180  C CA  . ILE A 1 30 ? 2.859   -3.451  -5.779  1.00 25.86  ? 30  ILE A CA  1 
ATOM   181  C C   . ILE A 1 30 ? 4.347   -3.702  -5.810  1.00 26.14  ? 30  ILE A C   1 
ATOM   182  O O   . ILE A 1 30 ? 5.107   -2.891  -6.333  1.00 27.30  ? 30  ILE A O   1 
ATOM   183  C CB  . ILE A 1 30 ? 2.458   -2.958  -4.414  1.00 26.06  ? 30  ILE A CB  1 
ATOM   184  C CG1 . ILE A 1 30 ? 1.060   -2.320  -4.476  1.00 24.76  ? 30  ILE A CG1 1 
ATOM   185  C CG2 . ILE A 1 30 ? 3.498   -1.965  -3.879  1.00 25.35  ? 30  ILE A CG2 1 
ATOM   186  C CD1 . ILE A 1 30 ? 0.431   -2.145  -3.127  1.00 21.17  ? 30  ILE A CD1 1 
ATOM   187  N N   . LYS A 1 31 ? 4.775   -4.838  -5.285  1.00 26.44  ? 31  LYS A N   1 
ATOM   188  C CA  . LYS A 1 31 ? 6.159   -5.288  -5.438  1.00 26.22  ? 31  LYS A CA  1 
ATOM   189  C C   . LYS A 1 31 ? 6.566   -5.341  -6.905  1.00 25.99  ? 31  LYS A C   1 
ATOM   190  O O   . LYS A 1 31 ? 7.623   -4.830  -7.298  1.00 26.26  ? 31  LYS A O   1 
ATOM   191  C CB  . LYS A 1 31 ? 6.331   -6.642  -4.800  1.00 26.32  ? 31  LYS A CB  1 
ATOM   192  C CG  . LYS A 1 31 ? 6.352   -6.552  -3.296  1.00 30.50  ? 31  LYS A CG  1 
ATOM   193  C CD  . LYS A 1 31 ? 6.537   -7.917  -2.616  1.00 38.83  ? 31  LYS A CD  1 
ATOM   194  C CE  . LYS A 1 31 ? 7.222   -7.646  -1.251  1.00 47.19  ? 31  LYS A CE  1 
ATOM   195  N NZ  . LYS A 1 31 ? 7.289   -8.833  -0.303  1.00 51.39  ? 31  LYS A NZ  1 
ATOM   196  N N   . ALA A 1 32 ? 5.710   -5.906  -7.736  1.00 25.16  ? 32  ALA A N   1 
ATOM   197  C CA  . ALA A 1 32 ? 6.065   -6.104  -9.119  1.00 25.47  ? 32  ALA A CA  1 
ATOM   198  C C   . ALA A 1 32 ? 6.168   -4.800  -9.899  1.00 25.97  ? 32  ALA A C   1 
ATOM   199  O O   . ALA A 1 32 ? 6.879   -4.762  -10.848 1.00 26.30  ? 32  ALA A O   1 
ATOM   200  C CB  . ALA A 1 32 ? 5.080   -7.058  -9.797  1.00 24.65  ? 32  ALA A CB  1 
ATOM   201  N N   . THR A 1 33 ? 5.472   -3.742  -9.504  1.00 26.82  ? 33  THR A N   1 
ATOM   202  C CA  . THR A 1 33 ? 5.440   -2.545  -10.332 1.00 27.50  ? 33  THR A CA  1 
ATOM   203  C C   . THR A 1 33 ? 6.143   -1.372  -9.707  1.00 28.88  ? 33  THR A C   1 
ATOM   204  O O   . THR A 1 33 ? 6.314   -0.346  -10.377 1.00 28.45  ? 33  THR A O   1 
ATOM   205  C CB  . THR A 1 33 ? 4.005   -2.141  -10.691 1.00 26.82  ? 33  THR A CB  1 
ATOM   206  O OG1 . THR A 1 33 ? 3.270   -2.006  -9.484  1.00 27.30  ? 33  THR A OG1 1 
ATOM   207  C CG2 . THR A 1 33 ? 3.335   -3.234  -11.508 1.00 25.71  ? 33  THR A CG2 1 
ATOM   208  N N   . GLN A 1 34 ? 6.549   -1.498  -8.444  1.00 31.07  ? 34  GLN A N   1 
ATOM   209  C CA  . GLN A 1 34 ? 7.091   -0.337  -7.714  1.00 35.07  ? 34  GLN A CA  1 
ATOM   210  C C   . GLN A 1 34 ? 8.238   0.386   -8.469  1.00 35.68  ? 34  GLN A C   1 
ATOM   211  O O   . GLN A 1 34 ? 8.364   1.604   -8.491  1.00 35.58  ? 34  GLN A O   1 
ATOM   212  C CB  . GLN A 1 34 ? 7.638   -0.839  -6.399  1.00 36.23  ? 34  GLN A CB  1 
ATOM   213  C CG  . GLN A 1 34 ? 7.633   0.179   -5.281  1.00 42.24  ? 34  GLN A CG  1 
ATOM   214  C CD  . GLN A 1 34 ? 7.507   -0.529  -3.894  1.00 50.32  ? 34  GLN A CD  1 
ATOM   215  O OE1 . GLN A 1 34 ? 8.003   -1.673  -3.723  1.00 51.25  ? 34  GLN A OE1 1 
ATOM   216  N NE2 . GLN A 1 34 ? 6.851   0.148   -2.904  1.00 48.96  ? 34  GLN A NE2 1 
ATOM   217  N N   . GLN A 1 35 ? 9.086   -0.405  -9.078  1.00 37.48  ? 35  GLN A N   1 
ATOM   218  C CA  . GLN A 1 35 ? 10.262  0.077   -9.742  1.00 39.28  ? 35  GLN A CA  1 
ATOM   219  C C   . GLN A 1 35 ? 9.902   0.865   -11.000 1.00 37.79  ? 35  GLN A C   1 
ATOM   220  O O   . GLN A 1 35 ? 10.441  1.960   -11.221 1.00 37.39  ? 35  GLN A O   1 
ATOM   221  C CB  . GLN A 1 35 ? 11.099  -1.148  -10.110 1.00 41.47  ? 35  GLN A CB  1 
ATOM   222  C CG  . GLN A 1 35 ? 12.546  -0.870  -10.519 1.00 49.57  ? 35  GLN A CG  1 
ATOM   223  C CD  . GLN A 1 35 ? 13.476  -0.576  -9.315  1.00 60.17  ? 35  GLN A CD  1 
ATOM   224  O OE1 . GLN A 1 35 ? 13.436  0.526   -8.689  1.00 62.92  ? 35  GLN A OE1 1 
ATOM   225  N NE2 . GLN A 1 35 ? 14.347  -1.550  -9.012  1.00 61.18  ? 35  GLN A NE2 1 
ATOM   226  N N   . ASP A 1 36 ? 9.024   0.299   -11.829 1.00 35.91  ? 36  ASP A N   1 
ATOM   227  C CA  . ASP A 1 36 ? 8.464   1.054   -12.944 1.00 35.30  ? 36  ASP A CA  1 
ATOM   228  C C   . ASP A 1 36 ? 7.798   2.360   -12.548 1.00 34.92  ? 36  ASP A C   1 
ATOM   229  O O   . ASP A 1 36 ? 7.946   3.329   -13.273 1.00 36.08  ? 36  ASP A O   1 
ATOM   230  C CB  . ASP A 1 36 ? 7.414   0.272   -13.704 1.00 35.29  ? 36  ASP A CB  1 
ATOM   231  C CG  . ASP A 1 36 ? 7.972   -0.965  -14.363 1.00 38.42  ? 36  ASP A CG  1 
ATOM   232  O OD1 . ASP A 1 36 ? 9.153   -0.955  -14.816 1.00 37.13  ? 36  ASP A OD1 1 
ATOM   233  O OD2 . ASP A 1 36 ? 7.226   -1.976  -14.403 1.00 41.75  ? 36  ASP A OD2 1 
ATOM   234  N N   . VAL A 1 37 ? 7.036   2.394   -11.454 1.00 33.60  ? 37  VAL A N   1 
ATOM   235  C CA  . VAL A 1 37 ? 6.363   3.610   -11.065 1.00 32.21  ? 37  VAL A CA  1 
ATOM   236  C C   . VAL A 1 37 ? 7.412   4.624   -10.657 1.00 32.66  ? 37  VAL A C   1 
ATOM   237  O O   . VAL A 1 37 ? 7.386   5.791   -11.071 1.00 32.07  ? 37  VAL A O   1 
ATOM   238  C CB  . VAL A 1 37 ? 5.308   3.377   -9.966  1.00 32.14  ? 37  VAL A CB  1 
ATOM   239  C CG1 . VAL A 1 37 ? 4.629   4.672   -9.559  1.00 30.32  ? 37  VAL A CG1 1 
ATOM   240  C CG2 . VAL A 1 37 ? 4.264   2.435   -10.450 1.00 30.27  ? 37  VAL A CG2 1 
ATOM   241  N N   . TRP A 1 38 ? 8.376   4.173   -9.876  1.00 33.73  ? 38  TRP A N   1 
ATOM   242  C CA  . TRP A 1 38 ? 9.413   5.089   -9.424  1.00 34.16  ? 38  TRP A CA  1 
ATOM   243  C C   . TRP A 1 38 ? 10.174  5.663   -10.598 1.00 34.28  ? 38  TRP A C   1 
ATOM   244  O O   . TRP A 1 38 ? 10.227  6.836   -10.726 1.00 34.10  ? 38  TRP A O   1 
ATOM   245  C CB  . TRP A 1 38 ? 10.337  4.403   -8.458  1.00 34.94  ? 38  TRP A CB  1 
ATOM   246  C CG  . TRP A 1 38 ? 11.210  5.347   -7.671  1.00 36.22  ? 38  TRP A CG  1 
ATOM   247  C CD1 . TRP A 1 38 ? 10.945  5.894   -6.435  1.00 35.62  ? 38  TRP A CD1 1 
ATOM   248  C CD2 . TRP A 1 38 ? 12.500  5.826   -8.054  1.00 35.53  ? 38  TRP A CD2 1 
ATOM   249  N NE1 . TRP A 1 38 ? 11.988  6.689   -6.039  1.00 34.83  ? 38  TRP A NE1 1 
ATOM   250  C CE2 . TRP A 1 38 ? 12.959  6.663   -7.010  1.00 35.71  ? 38  TRP A CE2 1 
ATOM   251  C CE3 . TRP A 1 38 ? 13.318  5.627   -9.182  1.00 37.34  ? 38  TRP A CE3 1 
ATOM   252  C CZ2 . TRP A 1 38 ? 14.211  7.314   -7.059  1.00 36.87  ? 38  TRP A CZ2 1 
ATOM   253  C CZ3 . TRP A 1 38 ? 14.562  6.276   -9.243  1.00 35.53  ? 38  TRP A CZ3 1 
ATOM   254  C CH2 . TRP A 1 38 ? 14.989  7.121   -8.182  1.00 36.90  ? 38  TRP A CH2 1 
ATOM   255  N N   . ARG A 1 39 ? 10.730  4.865   -11.487 1.00 34.77  ? 39  ARG A N   1 
ATOM   256  C CA  . ARG A 1 39 ? 11.391  5.454   -12.651 1.00 36.18  ? 39  ARG A CA  1 
ATOM   257  C C   . ARG A 1 39 ? 10.573  6.466   -13.498 1.00 35.45  ? 39  ARG A C   1 
ATOM   258  O O   . ARG A 1 39 ? 11.046  7.552   -13.828 1.00 35.60  ? 39  ARG A O   1 
ATOM   259  C CB  . ARG A 1 39 ? 11.906  4.359   -13.549 1.00 36.87  ? 39  ARG A CB  1 
ATOM   260  C CG  . ARG A 1 39 ? 13.089  3.613   -12.947 1.00 40.00  ? 39  ARG A CG  1 
ATOM   261  C CD  . ARG A 1 39 ? 13.582  2.744   -14.064 1.00 45.19  ? 39  ARG A CD  1 
ATOM   262  N NE  . ARG A 1 39 ? 14.030  1.519   -13.482 1.00 55.69  ? 39  ARG A NE  1 
ATOM   263  C CZ  . ARG A 1 39 ? 13.479  0.306   -13.579 1.00 60.55  ? 39  ARG A CZ  1 
ATOM   264  N NH1 . ARG A 1 39 ? 12.378  0.031   -14.309 1.00 60.74  ? 39  ARG A NH1 1 
ATOM   265  N NH2 . ARG A 1 39 ? 14.086  -0.673  -12.902 1.00 62.39  ? 39  ARG A NH2 1 
ATOM   266  N N   . PHE A 1 40 ? 9.340   6.120   -13.821 1.00 34.25  ? 40  PHE A N   1 
ATOM   267  C CA  . PHE A 1 40 ? 8.445   7.041   -14.511 1.00 33.29  ? 40  PHE A CA  1 
ATOM   268  C C   . PHE A 1 40 ? 8.266   8.380   -13.730 1.00 33.56  ? 40  PHE A C   1 
ATOM   269  O O   . PHE A 1 40 ? 8.404   9.511   -14.222 1.00 33.26  ? 40  PHE A O   1 
ATOM   270  C CB  . PHE A 1 40 ? 7.140   6.305   -14.668 1.00 32.21  ? 40  PHE A CB  1 
ATOM   271  C CG  . PHE A 1 40 ? 6.167   6.979   -15.518 1.00 31.65  ? 40  PHE A CG  1 
ATOM   272  C CD1 . PHE A 1 40 ? 6.390   7.114   -16.886 1.00 30.51  ? 40  PHE A CD1 1 
ATOM   273  C CD2 . PHE A 1 40 ? 4.977   7.455   -14.957 1.00 32.45  ? 40  PHE A CD2 1 
ATOM   274  C CE1 . PHE A 1 40 ? 5.434   7.776   -17.711 1.00 28.61  ? 40  PHE A CE1 1 
ATOM   275  C CE2 . PHE A 1 40 ? 4.021   8.107   -15.718 1.00 32.66  ? 40  PHE A CE2 1 
ATOM   276  C CZ  . PHE A 1 40 ? 4.244   8.271   -17.135 1.00 30.81  ? 40  PHE A CZ  1 
ATOM   277  N N   . VAL A 1 41 ? 7.957   8.247   -12.471 1.00 33.85  ? 41  VAL A N   1 
ATOM   278  C CA  . VAL A 1 41 ? 7.683   9.386   -11.649 1.00 33.44  ? 41  VAL A CA  1 
ATOM   279  C C   . VAL A 1 41 ? 8.963   10.272  -11.395 1.00 34.11  ? 41  VAL A C   1 
ATOM   280  O O   . VAL A 1 41 ? 8.884   11.523  -11.382 1.00 33.22  ? 41  VAL A O   1 
ATOM   281  C CB  . VAL A 1 41 ? 6.992   8.815   -10.436 1.00 32.98  ? 41  VAL A CB  1 
ATOM   282  C CG1 . VAL A 1 41 ? 7.686   9.140   -9.184  1.00 31.73  ? 41  VAL A CG1 1 
ATOM   283  C CG2 . VAL A 1 41 ? 5.607   9.215   -10.471 1.00 31.79  ? 41  VAL A CG2 1 
ATOM   284  N N   . ALA A 1 42 ? 10.137  9.620   -11.263 1.00 34.91  ? 42  ALA A N   1 
ATOM   285  C CA  . ALA A 1 42 ? 11.451  10.255  -11.009 1.00 35.66  ? 42  ALA A CA  1 
ATOM   286  C C   . ALA A 1 42 ? 11.713  11.214  -12.125 1.00 38.16  ? 42  ALA A C   1 
ATOM   287  O O   . ALA A 1 42 ? 12.631  12.056  -12.155 1.00 40.55  ? 42  ALA A O   1 
ATOM   288  C CB  . ALA A 1 42 ? 12.504  9.253   -11.063 1.00 34.86  ? 42  ALA A CB  1 
ATOM   289  N N   . TYR A 1 43 ? 10.868  11.156  -13.088 1.00 39.00  ? 43  TYR A N   1 
ATOM   290  C CA  . TYR A 1 43 ? 11.384  11.530  -14.271 1.00 38.97  ? 43  TYR A CA  1 
ATOM   291  C C   . TYR A 1 43 ? 10.446  12.470  -15.010 1.00 39.34  ? 43  TYR A C   1 
ATOM   292  O O   . TYR A 1 43 ? 10.904  13.381  -15.686 1.00 39.72  ? 43  TYR A O   1 
ATOM   293  C CB  . TYR A 1 43 ? 11.495  10.205  -14.775 1.00 39.96  ? 43  TYR A CB  1 
ATOM   294  C CG  . TYR A 1 43 ? 11.350  10.286  -16.050 1.00 41.29  ? 43  TYR A CG  1 
ATOM   295  C CD1 . TYR A 1 43 ? 10.245  9.762   -16.608 1.00 44.72  ? 43  TYR A CD1 1 
ATOM   296  C CD2 . TYR A 1 43 ? 12.284  10.974  -16.743 1.00 44.67  ? 43  TYR A CD2 1 
ATOM   297  C CE1 . TYR A 1 43 ? 10.055  9.881   -17.776 1.00 43.89  ? 43  TYR A CE1 1 
ATOM   298  C CE2 . TYR A 1 43 ? 12.138  11.109  -17.954 1.00 44.80  ? 43  TYR A CE2 1 
ATOM   299  C CZ  . TYR A 1 43 ? 10.993  10.556  -18.449 1.00 45.80  ? 43  TYR A CZ  1 
ATOM   300  O OH  . TYR A 1 43 ? 10.697  10.645  -19.697 1.00 46.52  ? 43  TYR A OH  1 
ATOM   301  N N   . LEU A 1 44 ? 9.142   12.259  -14.831 1.00 39.17  ? 44  LEU A N   1 
ATOM   302  C CA  . LEU A 1 44 ? 8.194   13.331  -14.896 1.00 39.14  ? 44  LEU A CA  1 
ATOM   303  C C   . LEU A 1 44 ? 8.519   14.453  -13.891 1.00 40.63  ? 44  LEU A C   1 
ATOM   304  O O   . LEU A 1 44 ? 8.267   15.619  -14.221 1.00 41.58  ? 44  LEU A O   1 
ATOM   305  C CB  . LEU A 1 44 ? 6.814   12.769  -14.659 1.00 38.51  ? 44  LEU A CB  1 
ATOM   306  C CG  . LEU A 1 44 ? 5.947   12.471  -15.887 1.00 37.58  ? 44  LEU A CG  1 
ATOM   307  C CD1 . LEU A 1 44 ? 6.640   12.389  -17.233 1.00 33.10  ? 44  LEU A CD1 1 
ATOM   308  C CD2 . LEU A 1 44 ? 5.103   11.270  -15.623 1.00 33.42  ? 44  LEU A CD2 1 
ATOM   309  N N   . SER A 1 45 ? 9.066   14.156  -12.692 1.00 41.68  ? 45  SER A N   1 
ATOM   310  C CA  . SER A 1 45 ? 9.645   15.258  -11.888 1.00 43.62  ? 45  SER A CA  1 
ATOM   311  C C   . SER A 1 45 ? 11.135  15.137  -11.580 1.00 44.92  ? 45  SER A C   1 
ATOM   312  O O   . SER A 1 45 ? 11.971  15.561  -12.410 1.00 45.90  ? 45  SER A O   1 
ATOM   313  C CB  . SER A 1 45 ? 8.849   15.644  -10.649 1.00 43.67  ? 45  SER A CB  1 
ATOM   314  O OG  . SER A 1 45 ? 8.400   14.512  -9.998  1.00 44.86  ? 45  SER A OG  1 
ATOM   315  N N   . ASP A 1 46 ? 11.494  14.599  -10.412 1.00 45.20  ? 46  ASP A N   1 
ATOM   316  C CA  . ASP A 1 46 ? 12.922  14.426  -10.116 1.00 45.70  ? 46  ASP A CA  1 
ATOM   317  C C   . ASP A 1 46 ? 13.116  13.279  -9.143  1.00 45.44  ? 46  ASP A C   1 
ATOM   318  O O   . ASP A 1 46 ? 12.180  12.912  -8.404  1.00 46.01  ? 46  ASP A O   1 
ATOM   319  C CB  . ASP A 1 46 ? 13.574  15.744  -9.587  1.00 46.07  ? 46  ASP A CB  1 
ATOM   320  C CG  . ASP A 1 46 ? 12.804  16.331  -8.429  1.00 48.64  ? 46  ASP A CG  1 
ATOM   321  O OD1 . ASP A 1 46 ? 13.003  15.847  -7.301  1.00 51.36  ? 46  ASP A OD1 1 
ATOM   322  O OD2 . ASP A 1 46 ? 11.952  17.229  -8.655  1.00 51.04  ? 46  ASP A OD2 1 
ATOM   323  N N   . VAL A 1 47 ? 14.336  12.732  -9.146  1.00 44.75  ? 47  VAL A N   1 
ATOM   324  C CA  . VAL A 1 47 ? 14.780  11.733  -8.178  1.00 43.93  ? 47  VAL A CA  1 
ATOM   325  C C   . VAL A 1 47 ? 14.369  12.107  -6.725  1.00 44.24  ? 47  VAL A C   1 
ATOM   326  O O   . VAL A 1 47 ? 13.932  11.265  -5.933  1.00 44.67  ? 47  VAL A O   1 
ATOM   327  C CB  . VAL A 1 47 ? 16.298  11.462  -8.337  1.00 43.32  ? 47  VAL A CB  1 
ATOM   328  C CG1 . VAL A 1 47 ? 16.827  10.651  -7.176  1.00 44.29  ? 47  VAL A CG1 1 
ATOM   329  C CG2 . VAL A 1 47 ? 16.566  10.720  -9.640  1.00 41.31  ? 47  VAL A CG2 1 
ATOM   330  N N   . GLY A 1 48 ? 14.449  13.378  -6.375  1.00 43.93  ? 48  GLY A N   1 
ATOM   331  C CA  . GLY A 1 48 ? 14.146  13.756  -5.005  1.00 43.45  ? 48  GLY A CA  1 
ATOM   332  C C   . GLY A 1 48 ? 12.705  13.562  -4.572  1.00 43.66  ? 48  GLY A C   1 
ATOM   333  O O   . GLY A 1 48 ? 12.461  13.229  -3.438  1.00 43.72  ? 48  GLY A O   1 
ATOM   334  N N   . SER A 1 49 ? 11.741  13.777  -5.469  1.00 43.46  ? 49  SER A N   1 
ATOM   335  C CA  . SER A 1 49 ? 10.326  13.671  -5.103  1.00 42.67  ? 49  SER A CA  1 
ATOM   336  C C   . SER A 1 49 ? 9.707   12.320  -5.482  1.00 41.86  ? 49  SER A C   1 
ATOM   337  O O   . SER A 1 49 ? 8.511   12.084  -5.199  1.00 42.38  ? 49  SER A O   1 
ATOM   338  C CB  . SER A 1 49 ? 9.562   14.768  -5.793  1.00 42.76  ? 49  SER A CB  1 
ATOM   339  O OG  . SER A 1 49 ? 10.179  14.988  -7.042  1.00 46.15  ? 49  SER A OG  1 
ATOM   340  N N   . ALA A 1 50 ? 10.510  11.444  -6.105  1.00 40.16  ? 50  ALA A N   1 
ATOM   341  C CA  . ALA A 1 50 ? 10.014  10.182  -6.675  1.00 39.09  ? 50  ALA A CA  1 
ATOM   342  C C   . ALA A 1 50 ? 9.420   9.247   -5.634  1.00 38.84  ? 50  ALA A C   1 
ATOM   343  O O   . ALA A 1 50 ? 8.407   8.634   -5.867  1.00 39.45  ? 50  ALA A O   1 
ATOM   344  C CB  . ALA A 1 50 ? 11.095  9.479   -7.514  1.00 38.10  ? 50  ALA A CB  1 
ATOM   345  N N   . ASP A 1 51 ? 10.041  9.156   -4.462  1.00 39.19  ? 51  ASP A N   1 
ATOM   346  C CA  . ASP A 1 51 ? 9.511   8.334   -3.342  1.00 37.92  ? 51  ASP A CA  1 
ATOM   347  C C   . ASP A 1 51 ? 8.124   8.727   -2.928  1.00 37.37  ? 51  ASP A C   1 
ATOM   348  O O   . ASP A 1 51 ? 7.260   7.869   -2.893  1.00 37.21  ? 51  ASP A O   1 
ATOM   349  C CB  . ASP A 1 51 ? 10.403  8.419   -2.120  1.00 37.72  ? 51  ASP A CB  1 
ATOM   350  C CG  . ASP A 1 51 ? 11.655  7.637   -2.269  1.00 39.17  ? 51  ASP A CG  1 
ATOM   351  O OD1 . ASP A 1 51 ? 11.827  6.869   -3.233  1.00 41.49  ? 51  ASP A OD1 1 
ATOM   352  O OD2 . ASP A 1 51 ? 12.496  7.772   -1.388  1.00 44.01  ? 51  ASP A OD2 1 
ATOM   353  N N   . ASP A 1 52 ? 7.925   10.011  -2.618  1.00 37.09  ? 52  ASP A N   1 
ATOM   354  C CA  . ASP A 1 52 ? 6.610   10.560  -2.280  1.00 37.08  ? 52  ASP A CA  1 
ATOM   355  C C   . ASP A 1 52 ? 5.587   10.267  -3.353  1.00 36.12  ? 52  ASP A C   1 
ATOM   356  O O   . ASP A 1 52 ? 4.482   9.852   -3.054  1.00 36.44  ? 52  ASP A O   1 
ATOM   357  C CB  . ASP A 1 52 ? 6.678   12.096  -2.141  1.00 38.46  ? 52  ASP A CB  1 
ATOM   358  C CG  . ASP A 1 52 ? 7.177   12.549  -0.810  1.00 41.83  ? 52  ASP A CG  1 
ATOM   359  O OD2 . ASP A 1 52 ? 7.727   11.670  -0.142  1.00 46.98  ? 52  ASP A OD2 1 
ATOM   360  N N   . LEU A 1 53 ? 5.938   10.538  -4.602  1.00 35.01  ? 53  LEU A N   1 
ATOM   361  C CA  . LEU A 1 53 ? 5.008   10.390  -5.697  1.00 34.17  ? 53  LEU A CA  1 
ATOM   362  C C   . LEU A 1 53 ? 4.716   8.911   -5.984  1.00 34.15  ? 53  LEU A C   1 
ATOM   363  O O   . LEU A 1 53 ? 3.568   8.530   -6.316  1.00 33.56  ? 53  LEU A O   1 
ATOM   364  C CB  . LEU A 1 53 ? 5.570   11.122  -6.916  1.00 34.44  ? 53  LEU A CB  1 
ATOM   365  C CG  . LEU A 1 53 ? 5.237   12.611  -7.183  1.00 34.64  ? 53  LEU A CG  1 
ATOM   366  C CD1 . LEU A 1 53 ? 4.598   13.330  -6.055  1.00 36.56  ? 53  LEU A CD1 1 
ATOM   367  C CD2 . LEU A 1 53 ? 6.461   13.326  -7.611  1.00 35.13  ? 53  LEU A CD2 1 
ATOM   368  N N   . THR A 1 54 ? 5.739   8.062   -5.825  1.00 33.12  ? 54  THR A N   1 
ATOM   369  C CA  . THR A 1 54 ? 5.521   6.628   -5.922  1.00 32.67  ? 54  THR A CA  1 
ATOM   370  C C   . THR A 1 54 ? 4.502   6.115   -4.880  1.00 33.26  ? 54  THR A C   1 
ATOM   371  O O   . THR A 1 54 ? 3.589   5.401   -5.246  1.00 33.76  ? 54  THR A O   1 
ATOM   372  C CB  . THR A 1 54 ? 6.810   5.847   -5.816  1.00 32.22  ? 54  THR A CB  1 
ATOM   373  O OG1 . THR A 1 54 ? 7.668   6.244   -6.879  1.00 32.47  ? 54  THR A OG1 1 
ATOM   374  C CG2 . THR A 1 54 ? 6.526   4.358   -5.947  1.00 30.00  ? 54  THR A CG2 1 
ATOM   375  N N   . GLN A 1 55 ? 4.635   6.499   -3.607  1.00 33.55  ? 55  GLN A N   1 
ATOM   376  C CA  . GLN A 1 55 ? 3.631   6.168   -2.556  1.00 34.50  ? 55  GLN A CA  1 
ATOM   377  C C   . GLN A 1 55 ? 2.234   6.446   -3.019  1.00 33.07  ? 55  GLN A C   1 
ATOM   378  O O   . GLN A 1 55 ? 1.310   5.823   -2.517  1.00 33.48  ? 55  GLN A O   1 
ATOM   379  C CB  . GLN A 1 55 ? 3.804   6.945   -1.320  1.00 35.79  ? 55  GLN A CB  1 
ATOM   380  C CG  . GLN A 1 55 ? 4.762   6.505   -0.350  1.00 41.81  ? 55  GLN A CG  1 
ATOM   381  C CD  . GLN A 1 55 ? 4.155   6.663   1.049   1.00 50.99  ? 55  GLN A CD  1 
ATOM   382  O OE1 . GLN A 1 55 ? 4.711   6.144   2.003   1.00 53.56  ? 55  GLN A OE1 1 
ATOM   383  N NE2 . GLN A 1 55 ? 2.983   7.334   1.162   1.00 50.75  ? 55  GLN A NE2 1 
ATOM   384  N N   . GLU A 1 56 ? 2.004   7.517   -3.767  1.00 31.69  ? 56  GLU A N   1 
ATOM   385  C CA  . GLU A 1 56 ? 0.910   8.439   -3.533  1.00 30.46  ? 56  GLU A CA  1 
ATOM   386  C C   . GLU A 1 56 ? 0.154   7.756   -4.743  1.00 29.04  ? 56  GLU A C   1 
ATOM   387  O O   . GLU A 1 56 ? -0.992  7.337   -4.650  1.00 27.80  ? 56  GLU A O   1 
ATOM   388  C CB  . GLU A 1 56 ? 1.192   9.934   -3.775  1.00 30.63  ? 56  GLU A CB  1 
ATOM   389  C CG  . GLU A 1 56 ? -0.057  10.793  -4.134  1.00 31.75  ? 56  GLU A CG  1 
ATOM   390  C CD  . GLU A 1 56 ? -1.250  10.558  -3.197  1.00 37.94  ? 56  GLU A CD  1 
ATOM   391  O OE1 . GLU A 1 56 ? -0.985  10.189  -2.034  1.00 42.50  ? 56  GLU A OE1 1 
ATOM   392  O OE2 . GLU A 1 56 ? -2.445  10.751  -3.561  1.00 36.49  ? 56  GLU A OE2 1 
ATOM   393  N N   . THR A 1 57 ? 0.885   7.528   -5.828  1.00 27.77  ? 57  THR A N   1 
ATOM   394  C CA  . THR A 1 57 ? 0.437   6.612   -6.883  1.00 27.35  ? 57  THR A CA  1 
ATOM   395  C C   . THR A 1 57 ? -0.113  5.287   -6.364  1.00 26.70  ? 57  THR A C   1 
ATOM   396  O O   . THR A 1 57 ? -1.242  4.897   -6.720  1.00 26.62  ? 57  THR A O   1 
ATOM   397  C CB  . THR A 1 57 ? 1.545   6.304   -7.893  1.00 27.84  ? 57  THR A CB  1 
ATOM   398  O OG1 . THR A 1 57 ? 2.126   7.520   -8.353  1.00 27.42  ? 57  THR A OG1 1 
ATOM   399  C CG2 . THR A 1 57 ? 1.000   5.609   -9.068  1.00 26.19  ? 57  THR A CG2 1 
ATOM   400  N N   . PHE A 1 58 ? 0.633   4.612   -5.493  1.00 25.22  ? 58  PHE A N   1 
ATOM   401  C CA  . PHE A 1 58 ? 0.125   3.359   -4.951  1.00 24.42  ? 58  PHE A CA  1 
ATOM   402  C C   . PHE A 1 58 ? -1.077  3.498   -4.043  1.00 25.67  ? 58  PHE A C   1 
ATOM   403  O O   . PHE A 1 58 ? -1.982  2.645   -4.053  1.00 26.25  ? 58  PHE A O   1 
ATOM   404  C CB  . PHE A 1 58 ? 1.214   2.566   -4.297  1.00 23.32  ? 58  PHE A CB  1 
ATOM   405  C CG  . PHE A 1 58 ? 2.057   1.844   -5.306  1.00 26.03  ? 58  PHE A CG  1 
ATOM   406  C CD1 . PHE A 1 58 ? 3.402   2.185   -5.499  1.00 24.02  ? 58  PHE A CD1 1 
ATOM   407  C CD2 . PHE A 1 58 ? 1.462   0.911   -6.171  1.00 23.14  ? 58  PHE A CD2 1 
ATOM   408  C CE1 . PHE A 1 58 ? 4.137   1.540   -6.486  1.00 25.86  ? 58  PHE A CE1 1 
ATOM   409  C CE2 . PHE A 1 58 ? 2.190   0.285   -7.137  1.00 23.87  ? 58  PHE A CE2 1 
ATOM   410  C CZ  . PHE A 1 58 ? 3.536   0.582   -7.303  1.00 23.01  ? 58  PHE A CZ  1 
ATOM   411  N N   . LEU A 1 59 ? -1.100  4.559   -3.225  1.00 25.92  ? 59  LEU A N   1 
ATOM   412  C CA  . LEU A 1 59 ? -2.261  4.827   -2.410  1.00 25.39  ? 59  LEU A CA  1 
ATOM   413  C C   . LEU A 1 59 ? -3.544  4.935   -3.302  1.00 25.55  ? 59  LEU A C   1 
ATOM   414  O O   . LEU A 1 59 ? -4.492  4.139   -3.150  1.00 24.72  ? 59  LEU A O   1 
ATOM   415  C CB  . LEU A 1 59 ? -1.932  6.062   -1.630  1.00 25.52  ? 59  LEU A CB  1 
ATOM   416  C CG  . LEU A 1 59 ? -1.566  5.973   -0.133  1.00 26.52  ? 59  LEU A CG  1 
ATOM   417  C CD1 . LEU A 1 59 ? -1.395  4.698   0.440   1.00 20.37  ? 59  LEU A CD1 1 
ATOM   418  C CD2 . LEU A 1 59 ? -0.400  6.678   0.227   1.00 21.84  ? 59  LEU A CD2 1 
ATOM   419  N N   . ARG A 1 60 ? -3.509  5.834   -4.306  1.00 25.87  ? 60  ARG A N   1 
ATOM   420  C CA  . ARG A 1 60 ? -4.588  5.926   -5.303  1.00 25.76  ? 60  ARG A CA  1 
ATOM   421  C C   . ARG A 1 60 ? -4.760  4.615   -6.006  1.00 26.04  ? 60  ARG A C   1 
ATOM   422  O O   . ARG A 1 60 ? -5.877  4.226   -6.248  1.00 27.14  ? 60  ARG A O   1 
ATOM   423  C CB  . ARG A 1 60 ? -4.390  7.020   -6.357  1.00 25.54  ? 60  ARG A CB  1 
ATOM   424  C CG  . ARG A 1 60 ? -3.569  8.162   -5.879  1.00 27.00  ? 60  ARG A CG  1 
ATOM   425  C CD  . ARG A 1 60 ? -4.259  9.464   -5.757  1.00 29.77  ? 60  ARG A CD  1 
ATOM   426  N NE  . ARG A 1 60 ? -4.171  10.325  -6.913  1.00 33.59  ? 60  ARG A NE  1 
ATOM   427  C CZ  . ARG A 1 60 ? -3.635  11.541  -7.013  1.00 33.19  ? 60  ARG A CZ  1 
ATOM   428  N NH1 . ARG A 1 60 ? -3.749  12.155  -8.168  1.00 34.62  ? 60  ARG A NH1 1 
ATOM   429  N NH2 . ARG A 1 60 ? -2.995  12.138  -6.048  1.00 29.95  ? 60  ARG A NH2 1 
ATOM   430  N N   . ALA A 1 61 ? -3.674  3.918   -6.337  1.00 25.79  ? 61  ALA A N   1 
ATOM   431  C CA  . ALA A 1 61 ? -3.882  2.604   -6.971  1.00 25.54  ? 61  ALA A CA  1 
ATOM   432  C C   . ALA A 1 61 ? -4.744  1.720   -6.066  1.00 25.37  ? 61  ALA A C   1 
ATOM   433  O O   . ALA A 1 61 ? -5.723  1.130   -6.541  1.00 26.16  ? 61  ALA A O   1 
ATOM   434  C CB  . ALA A 1 61 ? -2.543  1.871   -7.400  1.00 24.00  ? 61  ALA A CB  1 
ATOM   435  N N   . ILE A 1 62 ? -4.396  1.643   -4.777  1.00 25.42  ? 62  ILE A N   1 
ATOM   436  C CA  . ILE A 1 62 ? -5.106  0.771   -3.832  1.00 25.56  ? 62  ILE A CA  1 
ATOM   437  C C   . ILE A 1 62 ? -6.603  1.130   -3.824  1.00 26.18  ? 62  ILE A C   1 
ATOM   438  O O   . ILE A 1 62 ? -7.483  0.267   -3.932  1.00 25.78  ? 62  ILE A O   1 
ATOM   439  C CB  . ILE A 1 62 ? -4.482  0.825   -2.436  1.00 25.22  ? 62  ILE A CB  1 
ATOM   440  C CG1 . ILE A 1 62 ? -3.181  0.047   -2.404  1.00 23.45  ? 62  ILE A CG1 1 
ATOM   441  C CG2 . ILE A 1 62 ? -5.411  0.233   -1.405  1.00 24.86  ? 62  ILE A CG2 1 
ATOM   442  C CD1 . ILE A 1 62 ? -2.201  0.609   -1.334  1.00 21.71  ? 62  ILE A CD1 1 
ATOM   443  N N   . GLY A 1 63 ? -6.857  2.423   -3.788  1.00 27.16  ? 63  GLY A N   1 
ATOM   444  C CA  . GLY A 1 63 ? -8.206  2.919   -3.800  1.00 28.69  ? 63  GLY A CA  1 
ATOM   445  C C   . GLY A 1 63 ? -8.987  2.694   -5.085  1.00 30.05  ? 63  GLY A C   1 
ATOM   446  O O   . GLY A 1 63 ? -10.235 2.667   -5.025  1.00 31.83  ? 63  GLY A O   1 
ATOM   447  N N   . ALA A 1 64 ? -8.322  2.553   -6.239  1.00 30.20  ? 64  ALA A N   1 
ATOM   448  C CA  . ALA A 1 64 ? -9.036  2.384   -7.531  1.00 30.96  ? 64  ALA A CA  1 
ATOM   449  C C   . ALA A 1 64 ? -9.093  0.924   -8.002  1.00 32.68  ? 64  ALA A C   1 
ATOM   450  O O   . ALA A 1 64 ? -9.931  0.528   -8.814  1.00 33.66  ? 64  ALA A O   1 
ATOM   451  C CB  . ALA A 1 64 ? -8.435  3.243   -8.590  1.00 30.10  ? 64  ALA A CB  1 
ATOM   452  N N   . ILE A 1 65 ? -8.296  0.071   -7.418  1.00 34.15  ? 65  ILE A N   1 
ATOM   453  C CA  . ILE A 1 65 ? -8.095  -1.195  -8.025  1.00 34.74  ? 65  ILE A CA  1 
ATOM   454  C C   . ILE A 1 65 ? -9.302  -2.058  -8.116  1.00 37.11  ? 65  ILE A C   1 
ATOM   455  O O   . ILE A 1 65 ? -9.372  -2.914  -8.942  1.00 37.93  ? 65  ILE A O   1 
ATOM   456  C CB  . ILE A 1 65 ? -6.842  -1.907  -7.560  1.00 34.22  ? 65  ILE A CB  1 
ATOM   457  C CG1 . ILE A 1 65 ? -6.366  -2.872  -8.610  1.00 31.43  ? 65  ILE A CG1 1 
ATOM   458  C CG2 . ILE A 1 65 ? -7.036  -2.600  -6.319  1.00 32.69  ? 65  ILE A CG2 1 
ATOM   459  C CD1 . ILE A 1 65 ? -5.044  -3.372  -8.356  1.00 26.31  ? 65  ILE A CD1 1 
ATOM   460  N N   . PRO A 1 66 ? -10.284 -1.824  -7.282  1.00 38.75  ? 66  PRO A N   1 
ATOM   461  C CA  . PRO A 1 66 ? -11.485 -2.616  -7.343  1.00 40.25  ? 66  PRO A CA  1 
ATOM   462  C C   . PRO A 1 66 ? -12.274 -2.387  -8.591  1.00 41.05  ? 66  PRO A C   1 
ATOM   463  O O   . PRO A 1 66 ? -13.075 -3.197  -8.967  1.00 42.65  ? 66  PRO A O   1 
ATOM   464  C CB  . PRO A 1 66 ? -12.236 -2.119  -6.152  1.00 39.39  ? 66  PRO A CB  1 
ATOM   465  C CG  . PRO A 1 66 ? -11.234 -1.844  -5.236  1.00 39.01  ? 66  PRO A CG  1 
ATOM   466  C CD  . PRO A 1 66 ? -10.141 -1.237  -5.957  1.00 38.34  ? 66  PRO A CD  1 
ATOM   467  N N   . ARG A 1 67 ? -12.036 -1.288  -9.253  1.00 20.00  ? 67  ARG A N   1 
ATOM   468  C CA  . ARG A 1 67 ? -12.689 -1.027  -10.498 1.00 20.00  ? 67  ARG A CA  1 
ATOM   469  C C   . ARG A 1 67 ? -11.798 -1.271  -11.696 1.00 20.00  ? 67  ARG A C   1 
ATOM   470  O O   . ARG A 1 67 ? -12.061 -0.799  -12.762 1.00 44.51  ? 67  ARG A O   1 
ATOM   471  C CB  . ARG A 1 67 ? -13.168 0.405   -10.501 1.00 20.00  ? 67  ARG A CB  1 
ATOM   472  C CG  . ARG A 1 67 ? -14.135 0.697   -9.425  1.00 20.00  ? 67  ARG A CG  1 
ATOM   473  C CD  . ARG A 1 67 ? -14.396 2.155   -9.307  1.00 20.00  ? 67  ARG A CD  1 
ATOM   474  N NE  . ARG A 1 67 ? -15.274 2.474   -8.182  1.00 20.00  ? 67  ARG A NE  1 
ATOM   475  C CZ  . ARG A 1 67 ? -14.873 2.598   -6.921  1.00 20.00  ? 67  ARG A CZ  1 
ATOM   476  N NH1 . ARG A 1 67 ? -13.600 2.420   -6.621  1.00 20.00  ? 67  ARG A NH1 1 
ATOM   477  N NH2 . ARG A 1 67 ? -15.744 2.903   -5.961  1.00 20.00  ? 67  ARG A NH2 1 
ATOM   478  N N   . PHE A 1 68 ? -10.725 -1.999  -11.518 1.00 43.35  ? 68  PHE A N   1 
ATOM   479  C CA  . PHE A 1 68 ? -9.917  -2.349  -12.638 1.00 42.94  ? 68  PHE A CA  1 
ATOM   480  C C   . PHE A 1 68 ? -10.525 -3.568  -13.236 1.00 44.74  ? 68  PHE A C   1 
ATOM   481  O O   . PHE A 1 68 ? -10.834 -4.498  -12.545 1.00 45.25  ? 68  PHE A O   1 
ATOM   482  C CB  . PHE A 1 68 ? -8.496  -2.633  -12.197 1.00 41.50  ? 68  PHE A CB  1 
ATOM   483  C CG  . PHE A 1 68 ? -7.627  -3.108  -13.278 1.00 38.20  ? 68  PHE A CG  1 
ATOM   484  C CD1 . PHE A 1 68 ? -7.241  -2.285  -14.249 1.00 36.97  ? 68  PHE A CD1 1 
ATOM   485  C CD2 . PHE A 1 68 ? -7.225  -4.396  -13.338 1.00 37.59  ? 68  PHE A CD2 1 
ATOM   486  C CE1 . PHE A 1 68 ? -6.472  -2.709  -15.222 1.00 35.85  ? 68  PHE A CE1 1 
ATOM   487  C CE2 . PHE A 1 68 ? -6.452  -4.818  -14.340 1.00 37.75  ? 68  PHE A CE2 1 
ATOM   488  C CZ  . PHE A 1 68 ? -6.085  -3.969  -15.276 1.00 38.23  ? 68  PHE A CZ  1 
ATOM   489  N N   . SER A 1 69 ? -10.717 -3.558  -14.535 1.00 45.84  ? 69  SER A N   1 
ATOM   490  C CA  . SER A 1 69 ? -11.309 -4.730  -15.225 1.00 47.32  ? 69  SER A CA  1 
ATOM   491  C C   . SER A 1 69 ? -10.517 -5.191  -16.462 1.00 47.55  ? 69  SER A C   1 
ATOM   492  O O   . SER A 1 69 ? -10.967 -6.114  -17.167 1.00 47.85  ? 69  SER A O   1 
ATOM   493  C CB  . SER A 1 69 ? -12.753 -4.457  -15.640 1.00 46.44  ? 69  SER A CB  1 
ATOM   494  O OG  . SER A 1 69 ? -12.722 -3.327  -16.514 1.00 49.39  ? 69  SER A OG  1 
ATOM   495  N N   . ALA A 1 70 ? -9.358  -4.580  -16.716 1.00 47.38  ? 70  ALA A N   1 
ATOM   496  C CA  . ALA A 1 70 ? -8.482  -4.969  -17.845 1.00 47.21  ? 70  ALA A CA  1 
ATOM   497  C C   . ALA A 1 70 ? -8.968  -4.439  -19.212 1.00 47.34  ? 70  ALA A C   1 
ATOM   498  O O   . ALA A 1 70 ? -8.695  -5.021  -20.269 1.00 46.80  ? 70  ALA A O   1 
ATOM   499  C CB  . ALA A 1 70 ? -8.161  -6.513  -17.875 1.00 46.17  ? 70  ALA A CB  1 
ATOM   500  N N   . ARG A 1 71 ? -9.646  -3.299  -19.184 1.00 47.59  ? 71  ARG A N   1 
ATOM   501  C CA  . ARG A 1 71 ? -9.909  -2.614  -20.444 1.00 48.85  ? 71  ARG A CA  1 
ATOM   502  C C   . ARG A 1 71 ? -8.563  -2.253  -21.073 1.00 46.63  ? 71  ARG A C   1 
ATOM   503  O O   . ARG A 1 71 ? -8.470  -2.093  -22.252 1.00 47.60  ? 71  ARG A O   1 
ATOM   504  C CB  . ARG A 1 71 ? -10.905 -1.440  -20.286 1.00 48.23  ? 71  ARG A CB  1 
ATOM   505  C CG  . ARG A 1 71 ? -12.099 -1.799  -19.279 1.00 53.24  ? 71  ARG A CG  1 
ATOM   506  C CD  . ARG A 1 71 ? -13.593 -1.415  -19.711 1.00 55.98  ? 71  ARG A CD  1 
ATOM   507  N NE  . ARG A 1 71 ? -13.701 -0.261  -20.644 1.00 64.74  ? 71  ARG A NE  1 
ATOM   508  C CZ  . ARG A 1 71 ? -13.289 0.994   -20.393 1.00 66.33  ? 71  ARG A CZ  1 
ATOM   509  N NH1 . ARG A 1 71 ? -12.704 1.320   -19.236 1.00 66.97  ? 71  ARG A NH1 1 
ATOM   510  N NH2 . ARG A 1 71 ? -13.453 1.938   -21.309 1.00 66.46  ? 71  ARG A NH2 1 
ATOM   511  N N   . SER A 1 72 ? -7.506  -2.203  -20.273 1.00 45.08  ? 72  SER A N   1 
ATOM   512  C CA  . SER A 1 72 ? -6.122  -1.976  -20.740 1.00 42.56  ? 72  SER A CA  1 
ATOM   513  C C   . SER A 1 72 ? -5.206  -2.822  -19.852 1.00 40.89  ? 72  SER A C   1 
ATOM   514  O O   . SER A 1 72 ? -5.703  -3.447  -18.926 1.00 40.65  ? 72  SER A O   1 
ATOM   515  C CB  . SER A 1 72 ? -5.731  -0.481  -20.629 1.00 42.87  ? 72  SER A CB  1 
ATOM   516  O OG  . SER A 1 72 ? -5.393  -0.113  -19.290 1.00 41.70  ? 72  SER A OG  1 
ATOM   517  N N   . SER A 1 73 ? -3.890  -2.853  -20.096 1.00 38.29  ? 73  SER A N   1 
ATOM   518  C CA  . SER A 1 73 ? -3.050  -3.545  -19.139 1.00 36.65  ? 73  SER A CA  1 
ATOM   519  C C   . SER A 1 73 ? -3.003  -2.781  -17.765 1.00 36.55  ? 73  SER A C   1 
ATOM   520  O O   . SER A 1 73 ? -3.167  -1.549  -17.713 1.00 36.92  ? 73  SER A O   1 
ATOM   521  C CB  . SER A 1 73 ? -1.661  -3.736  -19.705 1.00 36.06  ? 73  SER A CB  1 
ATOM   522  O OG  . SER A 1 73 ? -1.009  -2.493  -19.816 1.00 34.47  ? 73  SER A OG  1 
ATOM   523  N N   . ALA A 1 74 ? -2.758  -3.510  -16.680 1.00 35.16  ? 74  ALA A N   1 
ATOM   524  C CA  . ALA A 1 74 ? -2.571  -2.925  -15.355 1.00 34.27  ? 74  ALA A CA  1 
ATOM   525  C C   . ALA A 1 74 ? -1.426  -1.919  -15.354 1.00 34.07  ? 74  ALA A C   1 
ATOM   526  O O   . ALA A 1 74 ? -1.528  -0.874  -14.721 1.00 34.03  ? 74  ALA A O   1 
ATOM   527  C CB  . ALA A 1 74 ? -2.324  -4.004  -14.321 1.00 33.23  ? 74  ALA A CB  1 
ATOM   528  N N   . ARG A 1 75 ? -0.344  -2.217  -16.066 1.00 34.48  ? 75  ARG A N   1 
ATOM   529  C CA  . ARG A 1 75 ? 0.773   -1.260  -16.214 1.00 35.12  ? 75  ARG A CA  1 
ATOM   530  C C   . ARG A 1 75 ? 0.339   0.092   -16.832 1.00 34.34  ? 75  ARG A C   1 
ATOM   531  O O   . ARG A 1 75 ? 0.781   1.133   -16.350 1.00 34.64  ? 75  ARG A O   1 
ATOM   532  C CB  . ARG A 1 75 ? 1.873   -1.860  -17.064 1.00 35.55  ? 75  ARG A CB  1 
ATOM   533  C CG  . ARG A 1 75 ? 3.262   -1.351  -16.813 1.00 40.28  ? 75  ARG A CG  1 
ATOM   534  C CD  . ARG A 1 75 ? 4.237   -2.581  -17.032 1.00 47.53  ? 75  ARG A CD  1 
ATOM   535  N NE  . ARG A 1 75 ? 5.061   -2.961  -15.850 1.00 49.29  ? 75  ARG A NE  1 
ATOM   536  C CZ  . ARG A 1 75 ? 5.546   -4.193  -15.585 1.00 51.10  ? 75  ARG A CZ  1 
ATOM   537  N NH1 . ARG A 1 75 ? 5.283   -5.253  -16.379 1.00 52.48  ? 75  ARG A NH1 1 
ATOM   538  N NH2 . ARG A 1 75 ? 6.302   -4.385  -14.491 1.00 47.76  ? 75  ARG A NH2 1 
ATOM   539  N N   . THR A 1 76 ? -0.515  0.089   -17.857 1.00 32.27  ? 76  THR A N   1 
ATOM   540  C CA  . THR A 1 76 ? -0.972  1.345   -18.410 1.00 31.49  ? 76  THR A CA  1 
ATOM   541  C C   . THR A 1 76 ? -1.897  2.089   -17.438 1.00 31.29  ? 76  THR A C   1 
ATOM   542  O O   . THR A 1 76 ? -1.737  3.288   -17.196 1.00 31.89  ? 76  THR A O   1 
ATOM   543  C CB  . THR A 1 76 ? -1.752  1.082   -19.670 1.00 32.11  ? 76  THR A CB  1 
ATOM   544  O OG1 . THR A 1 76 ? -0.881  0.486   -20.617 1.00 31.78  ? 76  THR A OG1 1 
ATOM   545  C CG2 . THR A 1 76 ? -2.397  2.371   -20.238 1.00 30.62  ? 76  THR A CG2 1 
ATOM   546  N N   . TRP A 1 77 ? -2.880  1.368   -16.922 1.00 29.78  ? 77  TRP A N   1 
ATOM   547  C CA  . TRP A 1 77 ? -3.760  1.850   -15.901 1.00 29.54  ? 77  TRP A CA  1 
ATOM   548  C C   . TRP A 1 77 ? -2.971  2.524   -14.746 1.00 29.74  ? 77  TRP A C   1 
ATOM   549  O O   . TRP A 1 77 ? -3.300  3.656   -14.292 1.00 30.24  ? 77  TRP A O   1 
ATOM   550  C CB  . TRP A 1 77 ? -4.540  0.646   -15.397 1.00 29.20  ? 77  TRP A CB  1 
ATOM   551  C CG  . TRP A 1 77 ? -5.457  0.917   -14.274 1.00 30.03  ? 77  TRP A CG  1 
ATOM   552  C CD1 . TRP A 1 77 ? -6.727  1.413   -14.354 1.00 27.64  ? 77  TRP A CD1 1 
ATOM   553  C CD2 . TRP A 1 77 ? -5.211  0.656   -12.883 1.00 30.02  ? 77  TRP A CD2 1 
ATOM   554  N NE1 . TRP A 1 77 ? -7.268  1.476   -13.114 1.00 26.82  ? 77  TRP A NE1 1 
ATOM   555  C CE2 . TRP A 1 77 ? -6.371  1.021   -12.186 1.00 27.68  ? 77  TRP A CE2 1 
ATOM   556  C CE3 . TRP A 1 77 ? -4.139  0.118   -12.169 1.00 31.71  ? 77  TRP A CE3 1 
ATOM   557  C CZ2 . TRP A 1 77 ? -6.487  0.904   -10.783 1.00 30.52  ? 77  TRP A CZ2 1 
ATOM   558  C CZ3 . TRP A 1 77 ? -4.252  -0.005  -10.754 1.00 30.47  ? 77  TRP A CZ3 1 
ATOM   559  C CH2 . TRP A 1 77 ? -5.417  0.402   -10.084 1.00 30.77  ? 77  TRP A CH2 1 
ATOM   560  N N   . LEU A 1 78 ? -1.920  1.837   -14.298 1.00 28.28  ? 78  LEU A N   1 
ATOM   561  C CA  . LEU A 1 78 ? -1.177  2.273   -13.148 1.00 27.34  ? 78  LEU A CA  1 
ATOM   562  C C   . LEU A 1 78 ? -0.379  3.502   -13.471 1.00 28.05  ? 78  LEU A C   1 
ATOM   563  O O   . LEU A 1 78 ? -0.323  4.445   -12.658 1.00 28.53  ? 78  LEU A O   1 
ATOM   564  C CB  . LEU A 1 78 ? -0.251  1.177   -12.661 1.00 26.58  ? 78  LEU A CB  1 
ATOM   565  C CG  . LEU A 1 78 ? 0.564   1.485   -11.413 1.00 24.58  ? 78  LEU A CG  1 
ATOM   566  C CD1 . LEU A 1 78 ? -0.319  1.855   -10.244 1.00 20.74  ? 78  LEU A CD1 1 
ATOM   567  C CD2 . LEU A 1 78 ? 1.445   0.304   -11.108 1.00 23.49  ? 78  LEU A CD2 1 
ATOM   568  N N   . LEU A 1 79 ? 0.267   3.502   -14.641 1.00 28.61  ? 79  LEU A N   1 
ATOM   569  C CA  . LEU A 1 79 ? 1.031   4.685   -15.090 1.00 27.73  ? 79  LEU A CA  1 
ATOM   570  C C   . LEU A 1 79 ? 0.116   5.855   -15.401 1.00 27.37  ? 79  LEU A C   1 
ATOM   571  O O   . LEU A 1 79 ? 0.512   6.982   -15.167 1.00 27.42  ? 79  LEU A O   1 
ATOM   572  C CB  . LEU A 1 79 ? 2.008   4.379   -16.222 1.00 27.77  ? 79  LEU A CB  1 
ATOM   573  C CG  . LEU A 1 79 ? 3.027   3.234   -15.929 1.00 27.07  ? 79  LEU A CG  1 
ATOM   574  C CD1 . LEU A 1 79 ? 3.962   3.020   -17.131 1.00 25.78  ? 79  LEU A CD1 1 
ATOM   575  C CD2 . LEU A 1 79 ? 3.816   3.426   -14.660 1.00 23.32  ? 79  LEU A CD2 1 
ATOM   576  N N   . ALA A 1 80 ? -1.128  5.592   -15.813 1.00 26.89  ? 80  ALA A N   1 
ATOM   577  C CA  . ALA A 1 80 ? -2.130  6.665   -15.946 1.00 25.98  ? 80  ALA A CA  1 
ATOM   578  C C   . ALA A 1 80 ? -2.389  7.310   -14.575 1.00 26.55  ? 80  ALA A C   1 
ATOM   579  O O   . ALA A 1 80 ? -2.515  8.524   -14.453 1.00 27.18  ? 80  ALA A O   1 
ATOM   580  C CB  . ALA A 1 80 ? -3.381  6.154   -16.559 1.00 24.02  ? 80  ALA A CB  1 
ATOM   581  N N   . ILE A 1 81 ? -2.422  6.509   -13.522 1.00 26.96  ? 81  ILE A N   1 
ATOM   582  C CA  . ILE A 1 81 ? -2.593  7.089   -12.191 1.00 27.26  ? 81  ILE A CA  1 
ATOM   583  C C   . ILE A 1 81 ? -1.387  7.916   -11.863 1.00 28.63  ? 81  ILE A C   1 
ATOM   584  O O   . ILE A 1 81 ? -1.552  9.067   -11.447 1.00 30.31  ? 81  ILE A O   1 
ATOM   585  C CB  . ILE A 1 81 ? -2.817  6.057   -11.112 1.00 26.94  ? 81  ILE A CB  1 
ATOM   586  C CG1 . ILE A 1 81 ? -4.143  5.340   -11.416 1.00 24.48  ? 81  ILE A CG1 1 
ATOM   587  C CG2 . ILE A 1 81 ? -2.762  6.734   -9.731  1.00 25.09  ? 81  ILE A CG2 1 
ATOM   588  C CD1 . ILE A 1 81 ? -4.340  4.085   -10.723 1.00 27.12  ? 81  ILE A CD1 1 
ATOM   589  N N   . ALA A 1 82 ? -0.195  7.358   -12.063 1.00 28.86  ? 82  ALA A N   1 
ATOM   590  C CA  . ALA A 1 82 ? 1.059   8.093   -11.856 1.00 29.65  ? 82  ALA A CA  1 
ATOM   591  C C   . ALA A 1 82 ? 1.103   9.468   -12.526 1.00 30.44  ? 82  ALA A C   1 
ATOM   592  O O   . ALA A 1 82 ? 1.612   10.413  -11.938 1.00 30.31  ? 82  ALA A O   1 
ATOM   593  C CB  . ALA A 1 82 ? 2.250   7.283   -12.310 1.00 28.90  ? 82  ALA A CB  1 
ATOM   594  N N   . ARG A 1 83 ? 0.605   9.578   -13.753 1.00 31.41  ? 83  ARG A N   1 
ATOM   595  C CA  . ARG A 1 83 ? 0.494   10.878  -14.374 1.00 33.12  ? 83  ARG A CA  1 
ATOM   596  C C   . ARG A 1 83 ? -0.303  11.900  -13.652 1.00 34.22  ? 83  ARG A C   1 
ATOM   597  O O   . ARG A 1 83 ? 0.147   13.062  -13.528 1.00 33.95  ? 83  ARG A O   1 
ATOM   598  C CB  . ARG A 1 83 ? -0.151  10.773  -15.683 1.00 32.96  ? 83  ARG A CB  1 
ATOM   599  C CG  . ARG A 1 83 ? 0.934   10.734  -16.539 1.00 37.81  ? 83  ARG A CG  1 
ATOM   600  C CD  . ARG A 1 83 ? 0.722   9.659   -17.365 1.00 40.37  ? 83  ARG A CD  1 
ATOM   601  N NE  . ARG A 1 83 ? 0.088   10.066  -18.564 1.00 44.13  ? 83  ARG A NE  1 
ATOM   602  C CZ  . ARG A 1 83 ? -0.734  9.276   -19.218 1.00 48.67  ? 83  ARG A CZ  1 
ATOM   603  N NH1 . ARG A 1 83 ? -1.120  8.052   -18.813 1.00 50.10  ? 83  ARG A NH1 1 
ATOM   604  N NH2 . ARG A 1 83 ? -1.178  9.724   -20.314 1.00 45.81  ? 83  ARG A NH2 1 
ATOM   605  N N   . HIS A 1 84 ? -1.491  11.480  -13.198 1.00 34.79  ? 84  HIS A N   1 
ATOM   606  C CA  . HIS A 1 84 ? -2.336  12.368  -12.492 1.00 35.80  ? 84  HIS A CA  1 
ATOM   607  C C   . HIS A 1 84 ? -1.562  12.816  -11.265 1.00 35.30  ? 84  HIS A C   1 
ATOM   608  O O   . HIS A 1 84 ? -1.550  14.006  -10.947 1.00 35.81  ? 84  HIS A O   1 
ATOM   609  C CB  . HIS A 1 84 ? -3.662  11.695  -12.175 1.00 37.46  ? 84  HIS A CB  1 
ATOM   610  C CG  . HIS A 1 84 ? -4.526  11.448  -13.385 1.00 43.45  ? 84  HIS A CG  1 
ATOM   611  N ND1 . HIS A 1 84 ? -5.613  12.239  -13.701 1.00 49.81  ? 84  HIS A ND1 1 
ATOM   612  C CD2 . HIS A 1 84 ? -4.466  10.493  -14.349 1.00 48.85  ? 84  HIS A CD2 1 
ATOM   613  C CE1 . HIS A 1 84 ? -6.183  11.787  -14.808 1.00 50.92  ? 84  HIS A CE1 1 
ATOM   614  N NE2 . HIS A 1 84 ? -5.500  10.732  -15.226 1.00 51.87  ? 84  HIS A NE2 1 
ATOM   615  N N   . VAL A 1 85 ? -0.843  11.896  -10.623 1.00 34.57  ? 85  VAL A N   1 
ATOM   616  C CA  . VAL A 1 85 ? -0.190  12.206  -9.352  1.00 33.83  ? 85  VAL A CA  1 
ATOM   617  C C   . VAL A 1 85 ? 0.874   13.278  -9.572  1.00 34.28  ? 85  VAL A C   1 
ATOM   618  O O   . VAL A 1 85 ? 0.939   14.290  -8.896  1.00 33.89  ? 85  VAL A O   1 
ATOM   619  C CB  . VAL A 1 85 ? 0.400   10.940  -8.659  1.00 33.25  ? 85  VAL A CB  1 
ATOM   620  C CG1 . VAL A 1 85 ? 1.304   11.336  -7.506  1.00 32.04  ? 85  VAL A CG1 1 
ATOM   621  C CG2 . VAL A 1 85 ? -0.704  10.030  -8.154  1.00 31.96  ? 85  VAL A CG2 1 
ATOM   622  N N   . VAL A 1 86 ? 1.715   13.058  -10.550 1.00 35.41  ? 86  VAL A N   1 
ATOM   623  C CA  . VAL A 1 86 ? 2.670   14.090  -10.925 1.00 36.32  ? 86  VAL A CA  1 
ATOM   624  C C   . VAL A 1 86 ? 2.012   15.424  -11.398 1.00 36.87  ? 86  VAL A C   1 
ATOM   625  O O   . VAL A 1 86 ? 2.460   16.490  -10.987 1.00 36.27  ? 86  VAL A O   1 
ATOM   626  C CB  . VAL A 1 86 ? 3.696   13.562  -11.924 1.00 36.08  ? 86  VAL A CB  1 
ATOM   627  C CG1 . VAL A 1 86 ? 4.729   14.655  -12.237 1.00 36.26  ? 86  VAL A CG1 1 
ATOM   628  C CG2 . VAL A 1 86 ? 4.346   12.347  -11.345 1.00 33.90  ? 86  VAL A CG2 1 
ATOM   629  N N   . ALA A 1 87 ? 0.959   15.349  -12.226 1.00 37.72  ? 87  ALA A N   1 
ATOM   630  C CA  . ALA A 1 87 ? 0.213   16.537  -12.635 1.00 38.67  ? 87  ALA A CA  1 
ATOM   631  C C   . ALA A 1 87 ? -0.220  17.339  -11.387 1.00 40.25  ? 87  ALA A C   1 
ATOM   632  O O   . ALA A 1 87 ? 0.198   18.498  -11.256 1.00 41.35  ? 87  ALA A O   1 
ATOM   633  C CB  . ALA A 1 87 ? -0.966  16.169  -13.549 1.00 37.79  ? 87  ALA A CB  1 
ATOM   634  N N   . ASP A 1 88 ? -0.974  16.740  -10.450 1.00 40.89  ? 88  ASP A N   1 
ATOM   635  C CA  . ASP A 1 88 ? -1.280  17.422  -9.190  1.00 41.70  ? 88  ASP A CA  1 
ATOM   636  C C   . ASP A 1 88 ? -0.070  18.011  -8.474  1.00 43.34  ? 88  ASP A C   1 
ATOM   637  O O   . ASP A 1 88 ? -0.127  19.124  -8.007  1.00 43.83  ? 88  ASP A O   1 
ATOM   638  C CB  . ASP A 1 88 ? -1.992  16.502  -8.247  1.00 40.85  ? 88  ASP A CB  1 
ATOM   639  C CG  . ASP A 1 88 ? -3.213  15.871  -8.845  1.00 41.69  ? 88  ASP A CG  1 
ATOM   640  O OD1 . ASP A 1 88 ? -3.705  16.272  -9.926  1.00 43.26  ? 88  ASP A OD1 1 
ATOM   641  O OD2 . ASP A 1 88 ? -3.702  14.927  -8.203  1.00 44.18  ? 88  ASP A OD2 1 
ATOM   642  N N   . HIS A 1 89 ? 1.031   17.274  -8.392  1.00 46.12  ? 89  HIS A N   1 
ATOM   643  C CA  . HIS A 1 89 ? 2.217   17.718  -7.645  1.00 48.85  ? 89  HIS A CA  1 
ATOM   644  C C   . HIS A 1 89 ? 2.762   18.994  -8.246  1.00 50.97  ? 89  HIS A C   1 
ATOM   645  O O   . HIS A 1 89 ? 3.438   19.757  -7.577  1.00 52.03  ? 89  HIS A O   1 
ATOM   646  C CB  . HIS A 1 89 ? 3.298   16.637  -7.669  1.00 48.77  ? 89  HIS A CB  1 
ATOM   647  C CG  . HIS A 1 89 ? 4.663   17.084  -7.211  1.00 50.23  ? 89  HIS A CG  1 
ATOM   648  N ND1 . HIS A 1 89 ? 5.003   17.219  -5.879  1.00 53.26  ? 89  HIS A ND1 1 
ATOM   649  C CD2 . HIS A 1 89 ? 5.799   17.328  -7.904  1.00 51.79  ? 89  HIS A CD2 1 
ATOM   650  C CE1 . HIS A 1 89 ? 6.278   17.558  -5.775  1.00 52.20  ? 89  HIS A CE1 1 
ATOM   651  N NE2 . HIS A 1 89 ? 6.782   17.640  -6.993  1.00 51.74  ? 89  HIS A NE2 1 
ATOM   652  N N   . ILE A 1 90 ? 2.501   19.244  -9.516  1.00 52.99  ? 90  ILE A N   1 
ATOM   653  C CA  . ILE A 1 90 ? 3.025   20.473  -10.069 1.00 54.84  ? 90  ILE A CA  1 
ATOM   654  C C   . ILE A 1 90 ? 1.938   21.526  -10.278 1.00 56.03  ? 90  ILE A C   1 
ATOM   655  O O   . ILE A 1 90 ? 2.160   22.436  -10.990 1.00 56.26  ? 90  ILE A O   1 
ATOM   656  C CB  . ILE A 1 90 ? 3.909   20.245  -11.358 1.00 55.45  ? 90  ILE A CB  1 
ATOM   657  C CG1 . ILE A 1 90 ? 3.103   19.644  -12.518 1.00 55.18  ? 90  ILE A CG1 1 
ATOM   658  C CG2 . ILE A 1 90 ? 5.216   19.397  -11.058 1.00 55.70  ? 90  ILE A CG2 1 
ATOM   659  C CD1 . ILE A 1 90 ? 3.992   19.061  -13.591 1.00 54.56  ? 90  ILE A CD1 1 
ATOM   660  N N   . ARG A 1 91 ? 0.745   21.386  -9.694  1.00 57.35  ? 91  ARG A N   1 
ATOM   661  C CA  . ARG A 1 91 ? -0.296  22.422  -9.849  1.00 58.14  ? 91  ARG A CA  1 
ATOM   662  C C   . ARG A 1 91 ? -0.232  23.335  -8.656  1.00 57.68  ? 91  ARG A C   1 
ATOM   663  O O   . ARG A 1 91 ? 0.801   23.923  -8.417  1.00 58.21  ? 91  ARG A O   1 
ATOM   664  C CB  . ARG A 1 91 ? -1.699  21.827  -9.981  1.00 58.56  ? 91  ARG A CB  1 
ATOM   665  C CG  . ARG A 1 91 ? -2.497  21.803  -8.658  1.00 62.20  ? 91  ARG A CG  1 
ATOM   666  C CD  . ARG A 1 91 ? -3.515  20.657  -8.603  1.00 67.64  ? 91  ARG A CD  1 
ATOM   667  N NE  . ARG A 1 91 ? -4.428  20.635  -9.764  1.00 71.01  ? 91  ARG A NE  1 
ATOM   668  C CZ  . ARG A 1 91 ? -4.332  19.803  -10.817 1.00 72.08  ? 91  ARG A CZ  1 
ATOM   669  N NH1 . ARG A 1 91 ? -3.360  18.905  -10.919 1.00 73.12  ? 91  ARG A NH1 1 
ATOM   670  N NH2 . ARG A 1 91 ? -5.220  19.864  -11.793 1.00 72.06  ? 91  ARG A NH2 1 
ATOM   671  N N   . ALA B 1 3  ? -10.691 10.419  23.614  1.00 20.00  ? 3   ALA B N   1 
ATOM   672  C CA  . ALA B 1 3  ? -11.353 9.306   22.978  1.00 20.00  ? 3   ALA B CA  1 
ATOM   673  C C   . ALA B 1 3  ? -11.172 9.305   21.456  1.00 20.00  ? 3   ALA B C   1 
ATOM   674  O O   . ALA B 1 3  ? -12.016 8.786   20.726  1.00 20.00  ? 3   ALA B O   1 
ATOM   675  C CB  . ALA B 1 3  ? -12.807 9.266   23.364  1.00 20.00  ? 3   ALA B CB  1 
ATOM   676  N N   . THR B 1 4  ? -10.059 9.857   20.975  1.00 20.00  ? 4   THR B N   1 
ATOM   677  C CA  . THR B 1 4  ? -8.844  9.094   20.793  1.00 20.00  ? 4   THR B CA  1 
ATOM   678  C C   . THR B 1 4  ? -9.065  7.606   20.628  1.00 20.00  ? 4   THR B C   1 
ATOM   679  O O   . THR B 1 4  ? -8.652  7.035   19.656  1.00 64.22  ? 4   THR B O   1 
ATOM   680  N N   . ALA B 1 5  ? -9.727  6.972   21.576  1.00 62.83  ? 5   ALA B N   1 
ATOM   681  C CA  . ALA B 1 5  ? -10.241 5.639   21.378  1.00 61.63  ? 5   ALA B CA  1 
ATOM   682  C C   . ALA B 1 5  ? -11.395 5.634   20.395  1.00 60.71  ? 5   ALA B C   1 
ATOM   683  O O   . ALA B 1 5  ? -11.739 4.622   19.847  1.00 61.41  ? 5   ALA B O   1 
ATOM   684  C CB  . ALA B 1 5  ? -10.710 5.111   22.689  1.00 61.49  ? 5   ALA B CB  1 
ATOM   685  N N   . SER B 1 6  ? -12.060 6.760   20.273  1.00 58.80  ? 6   SER B N   1 
ATOM   686  C CA  . SER B 1 6  ? -12.904 7.081   19.144  1.00 57.76  ? 6   SER B CA  1 
ATOM   687  C C   . SER B 1 6  ? -12.128 6.966   17.857  1.00 56.38  ? 6   SER B C   1 
ATOM   688  O O   . SER B 1 6  ? -12.627 6.516   16.860  1.00 55.52  ? 6   SER B O   1 
ATOM   689  C CB  . SER B 1 6  ? -13.415 8.503   19.319  1.00 58.21  ? 6   SER B CB  1 
ATOM   690  O OG  . SER B 1 6  ? -14.503 8.803   18.473  1.00 59.77  ? 6   SER B OG  1 
ATOM   691  N N   . ASP B 1 7  ? -10.893 7.409   17.886  1.00 20.00  ? 7   ASP B N   1 
ATOM   692  C CA  . ASP B 1 7  ? -9.955  7.173   16.812  1.00 20.00  ? 7   ASP B CA  1 
ATOM   693  C C   . ASP B 1 7  ? -9.634  5.743   16.458  1.00 20.00  ? 7   ASP B C   1 
ATOM   694  O O   . ASP B 1 7  ? -9.654  5.368   15.323  1.00 49.49  ? 7   ASP B O   1 
ATOM   695  C CB  . ASP B 1 7  ? -8.673  7.860   17.143  1.00 20.00  ? 7   ASP B CB  1 
ATOM   696  C CG  . ASP B 1 7  ? -8.250  8.771   16.075  1.00 20.00  ? 7   ASP B CG  1 
ATOM   697  O OD1 . ASP B 1 7  ? -7.358  8.386   15.306  1.00 20.00  ? 7   ASP B OD1 1 
ATOM   698  O OD2 . ASP B 1 7  ? -8.826  9.866   16.000  1.00 20.00  ? 7   ASP B OD2 1 
ATOM   699  N N   . ASP B 1 8  ? -9.293  4.950   17.438  1.00 46.74  ? 8   ASP B N   1 
ATOM   700  C CA  . ASP B 1 8  ? -9.105  3.562   17.196  1.00 44.54  ? 8   ASP B CA  1 
ATOM   701  C C   . ASP B 1 8  ? -10.281 2.943   16.570  1.00 42.21  ? 8   ASP B C   1 
ATOM   702  O O   . ASP B 1 8  ? -10.173 2.002   15.863  1.00 42.61  ? 8   ASP B O   1 
ATOM   703  C CB  . ASP B 1 8  ? -8.739  2.823   18.461  1.00 46.01  ? 8   ASP B CB  1 
ATOM   704  C CG  . ASP B 1 8  ? -7.282  2.639   18.611  1.00 48.04  ? 8   ASP B CG  1 
ATOM   705  O OD1 . ASP B 1 8  ? -6.533  3.212   17.839  1.00 49.68  ? 8   ASP B OD1 1 
ATOM   706  O OD2 . ASP B 1 8  ? -6.876  1.925   19.505  1.00 53.71  ? 8   ASP B OD2 1 
ATOM   707  N N   . GLU B 1 9  ? -11.439 3.416   16.920  1.00 39.38  ? 9   GLU B N   1 
ATOM   708  C CA  . GLU B 1 9  ? -12.634 2.864   16.366  1.00 36.85  ? 9   GLU B CA  1 
ATOM   709  C C   . GLU B 1 9  ? -12.812 3.024   14.890  1.00 34.87  ? 9   GLU B C   1 
ATOM   710  O O   . GLU B 1 9  ? -13.332 2.164   14.253  1.00 34.47  ? 9   GLU B O   1 
ATOM   711  C CB  . GLU B 1 9  ? -13.837 3.378   17.105  1.00 37.17  ? 9   GLU B CB  1 
ATOM   712  C CG  . GLU B 1 9  ? -14.197 2.622   18.325  1.00 38.31  ? 9   GLU B CG  1 
ATOM   713  C CD  . GLU B 1 9  ? -14.641 1.223   18.069  1.00 41.40  ? 9   GLU B CD  1 
ATOM   714  O OE1 . GLU B 1 9  ? -14.347 0.420   18.915  1.00 44.18  ? 9   GLU B OE1 1 
ATOM   715  O OE2 . GLU B 1 9  ? -15.290 0.900   17.079  1.00 39.13  ? 9   GLU B OE2 1 
ATOM   716  N N   . ALA B 1 10 ? -12.424 4.160   14.363  1.00 33.11  ? 10  ALA B N   1 
ATOM   717  C CA  . ALA B 1 10 ? -12.432 4.418   12.943  1.00 32.09  ? 10  ALA B CA  1 
ATOM   718  C C   . ALA B 1 10 ? -11.518 3.575   12.097  1.00 30.40  ? 10  ALA B C   1 
ATOM   719  C CB  . ALA B 1 10 ? -12.146 5.814   12.727  1.00 30.82  ? 10  ALA B CB  1 
ATOM   720  N N   . VAL B 1 11 ? -10.289 3.567   12.549  1.00 29.96  ? 11  VAL B N   1 
ATOM   721  C CA  . VAL B 1 11 ? -9.261  2.691   12.078  1.00 29.20  ? 11  VAL B CA  1 
ATOM   722  C C   . VAL B 1 11 ? -9.646  1.234   12.068  1.00 29.51  ? 11  VAL B C   1 
ATOM   723  O O   . VAL B 1 11 ? -9.391  0.564   11.134  1.00 29.98  ? 11  VAL B O   1 
ATOM   724  C CB  . VAL B 1 11 ? -8.029  2.903   12.898  1.00 29.38  ? 11  VAL B CB  1 
ATOM   725  C CG1 . VAL B 1 11 ? -6.984  1.926   12.596  1.00 27.00  ? 11  VAL B CG1 1 
ATOM   726  C CG2 . VAL B 1 11 ? -7.546  4.237   12.708  1.00 26.13  ? 11  VAL B CG2 1 
ATOM   727  N N   . THR B 1 12 ? -10.257 0.735   13.112  1.00 28.50  ? 12  THR B N   1 
ATOM   728  C CA  . THR B 1 12 ? -10.797 -0.587  13.064  1.00 27.79  ? 12  THR B CA  1 
ATOM   729  C C   . THR B 1 12 ? -11.875 -0.740  12.032  1.00 29.14  ? 12  THR B C   1 
ATOM   730  O O   . THR B 1 12 ? -11.977 -1.723  11.368  1.00 30.54  ? 12  THR B O   1 
ATOM   731  C CB  . THR B 1 12 ? -11.257 -1.024  14.412  1.00 27.38  ? 12  THR B CB  1 
ATOM   732  O OG1 . THR B 1 12 ? -10.170 -0.952  15.296  1.00 26.24  ? 12  THR B OG1 1 
ATOM   733  C CG2 . THR B 1 12 ? -11.743 -2.387  14.382  1.00 23.21  ? 12  THR B CG2 1 
ATOM   734  N N   . ALA B 1 13 ? -12.723 0.246   11.932  1.00 29.02  ? 13  ALA B N   1 
ATOM   735  C CA  . ALA B 1 13 ? -13.701 0.283   10.904  1.00 29.22  ? 13  ALA B CA  1 
ATOM   736  C C   . ALA B 1 13 ? -13.153 0.315   9.502   1.00 29.75  ? 13  ALA B C   1 
ATOM   737  O O   . ALA B 1 13 ? -13.598 -0.407  8.669   1.00 30.43  ? 13  ALA B O   1 
ATOM   738  C CB  . ALA B 1 13 ? -14.624 1.398   11.143  1.00 29.07  ? 13  ALA B CB  1 
ATOM   739  N N   . LEU B 1 14 ? -12.172 1.156   9.248   1.00 28.98  ? 14  LEU B N   1 
ATOM   740  C CA  . LEU B 1 14 ? -11.459 1.123   7.995   1.00 29.26  ? 14  LEU B CA  1 
ATOM   741  C C   . LEU B 1 14 ? -10.883 -0.206  7.630   1.00 29.51  ? 14  LEU B C   1 
ATOM   742  O O   . LEU B 1 14 ? -10.975 -0.610  6.522   1.00 29.88  ? 14  LEU B O   1 
ATOM   743  C CB  . LEU B 1 14 ? -10.388 2.184   7.971   1.00 28.52  ? 14  LEU B CB  1 
ATOM   744  C CG  . LEU B 1 14 ? -10.815 3.618   7.807   1.00 28.06  ? 14  LEU B CG  1 
ATOM   745  C CD1 . LEU B 1 14 ? -9.680  4.503   7.976   1.00 23.66  ? 14  LEU B CD1 1 
ATOM   746  C CD2 . LEU B 1 14 ? -11.479 3.804   6.515   1.00 24.24  ? 14  LEU B CD2 1 
ATOM   747  N N   . ALA B 1 15 ? -10.291 -0.875  8.594   1.00 29.76  ? 15  ALA B N   1 
ATOM   748  C CA  . ALA B 1 15 ? -9.712  -2.173  8.442   1.00 29.89  ? 15  ALA B CA  1 
ATOM   749  C C   . ALA B 1 15 ? -10.752 -3.197  8.081   1.00 31.32  ? 15  ALA B C   1 
ATOM   750  O O   . ALA B 1 15 ? -10.465 -4.093  7.277   1.00 31.27  ? 15  ALA B O   1 
ATOM   751  C CB  . ALA B 1 15 ? -8.999  -2.559  9.665   1.00 29.03  ? 15  ALA B CB  1 
ATOM   752  N N   . LEU B 1 16 ? -11.953 -3.073  8.652   1.00 33.21  ? 16  LEU B N   1 
ATOM   753  C CA  . LEU B 1 16 ? -12.978 -4.092  8.477   1.00 35.08  ? 16  LEU B CA  1 
ATOM   754  C C   . LEU B 1 16 ? -13.579 -3.962  7.118   1.00 35.83  ? 16  LEU B C   1 
ATOM   755  O O   . LEU B 1 16 ? -13.870 -4.996  6.464   1.00 37.24  ? 16  LEU B O   1 
ATOM   756  C CB  . LEU B 1 16 ? -14.095 -3.957  9.476   1.00 35.63  ? 16  LEU B CB  1 
ATOM   757  C CG  . LEU B 1 16 ? -13.926 -4.769  10.756  1.00 39.02  ? 16  LEU B CG  1 
ATOM   758  C CD1 . LEU B 1 16 ? -15.183 -4.562  11.633  1.00 38.91  ? 16  LEU B CD1 1 
ATOM   759  C CD2 . LEU B 1 16 ? -13.572 -6.303  10.506  1.00 38.44  ? 16  LEU B CD2 1 
ATOM   760  N N   . SER B 1 17 ? -13.764 -2.713  6.682   1.00 35.00  ? 17  SER B N   1 
ATOM   761  C CA  . SER B 1 17 ? -14.206 -2.455  5.328   1.00 35.06  ? 17  SER B CA  1 
ATOM   762  C C   . SER B 1 17 ? -13.107 -2.859  4.284   1.00 35.07  ? 17  SER B C   1 
ATOM   763  O O   . SER B 1 17 ? -13.403 -3.542  3.281   1.00 35.51  ? 17  SER B O   1 
ATOM   764  C CB  . SER B 1 17 ? -14.619 -1.007  5.207   1.00 34.36  ? 17  SER B CB  1 
ATOM   765  O OG  . SER B 1 17 ? -14.987 -0.697  3.895   1.00 38.30  ? 17  SER B OG  1 
ATOM   766  N N   . ALA B 1 18 ? -11.853 -2.468  4.527   1.00 33.88  ? 18  ALA B N   1 
ATOM   767  C CA  . ALA B 1 18 ? -10.774 -2.891  3.675   1.00 33.04  ? 18  ALA B CA  1 
ATOM   768  C C   . ALA B 1 18 ? -10.759 -4.417  3.551   1.00 33.16  ? 18  ALA B C   1 
ATOM   769  O O   . ALA B 1 18 ? -10.650 -4.901  2.459   1.00 32.94  ? 18  ALA B O   1 
ATOM   770  C CB  . ALA B 1 18 ? -9.460  -2.382  4.176   1.00 32.60  ? 18  ALA B CB  1 
ATOM   771  N N   . ALA B 1 19 ? -10.893 -5.170  4.648   1.00 33.55  ? 19  ALA B N   1 
ATOM   772  C CA  . ALA B 1 19 ? -10.984 -6.655  4.610   1.00 34.25  ? 19  ALA B CA  1 
ATOM   773  C C   . ALA B 1 19 ? -12.106 -7.199  3.716   1.00 35.00  ? 19  ALA B C   1 
ATOM   774  O O   . ALA B 1 19 ? -11.993 -8.210  3.130   1.00 35.60  ? 19  ALA B O   1 
ATOM   775  C CB  . ALA B 1 19 ? -11.183 -7.160  5.989   1.00 34.51  ? 19  ALA B CB  1 
ATOM   776  N N   . LYS B 1 20 ? -13.201 -6.498  3.606   1.00 36.53  ? 20  LYS B N   1 
ATOM   777  C CA  . LYS B 1 20 ? -14.238 -6.865  2.696   1.00 37.60  ? 20  LYS B CA  1 
ATOM   778  C C   . LYS B 1 20 ? -14.002 -6.372  1.268   1.00 37.57  ? 20  LYS B C   1 
ATOM   779  O O   . LYS B 1 20 ? -14.932 -6.358  0.474   1.00 38.90  ? 20  LYS B O   1 
ATOM   780  C CB  . LYS B 1 20 ? -15.548 -6.275  3.209   1.00 38.42  ? 20  LYS B CB  1 
ATOM   781  C CG  . LYS B 1 20 ? -16.164 -7.102  4.332   1.00 43.01  ? 20  LYS B CG  1 
ATOM   782  C CD  . LYS B 1 20 ? -16.938 -6.203  5.310   1.00 53.89  ? 20  LYS B CD  1 
ATOM   783  C CE  . LYS B 1 20 ? -18.116 -6.941  6.047   1.00 59.34  ? 20  LYS B CE  1 
ATOM   784  N NZ  . LYS B 1 20 ? -18.103 -8.478  5.927   1.00 63.49  ? 20  LYS B NZ  1 
ATOM   785  N N   . GLY B 1 21 ? -12.802 -5.936  0.914   1.00 36.36  ? 21  GLY B N   1 
ATOM   786  C CA  . GLY B 1 21 ? -12.556 -5.634  -0.476  1.00 34.75  ? 21  GLY B CA  1 
ATOM   787  C C   . GLY B 1 21 ? -12.772 -4.195  -0.830  1.00 34.67  ? 21  GLY B C   1 
ATOM   788  O O   . GLY B 1 21 ? -12.766 -3.839  -2.003  1.00 35.75  ? 21  GLY B O   1 
ATOM   789  N N   . ASN B 1 22 ? -12.959 -3.326  0.154   1.00 34.30  ? 22  ASN B N   1 
ATOM   790  C CA  . ASN B 1 22 ? -13.047 -1.922  -0.162  1.00 33.24  ? 22  ASN B CA  1 
ATOM   791  C C   . ASN B 1 22 ? -11.688 -1.230  -0.272  1.00 33.39  ? 22  ASN B C   1 
ATOM   792  O O   . ASN B 1 22 ? -11.001 -1.008  0.737   1.00 33.24  ? 22  ASN B O   1 
ATOM   793  C CB  . ASN B 1 22 ? -13.903 -1.199  0.818   1.00 33.14  ? 22  ASN B CB  1 
ATOM   794  C CG  . ASN B 1 22 ? -14.092 0.255   0.428   1.00 36.15  ? 22  ASN B CG  1 
ATOM   795  O OD1 . ASN B 1 22 ? -14.812 0.952   1.014   1.00 41.81  ? 22  ASN B OD1 1 
ATOM   796  N ND2 . ASN B 1 22 ? -13.465 0.691   -0.580  1.00 39.05  ? 22  ASN B ND2 1 
ATOM   797  N N   . GLY B 1 23 ? -11.315 -0.849  -1.506  1.00 33.08  ? 23  GLY B N   1 
ATOM   798  C CA  . GLY B 1 23 ? -10.016 -0.232  -1.745  1.00 32.39  ? 23  GLY B CA  1 
ATOM   799  C C   . GLY B 1 23 ? -9.818  1.102   -1.059  1.00 32.47  ? 23  GLY B C   1 
ATOM   800  O O   . GLY B 1 23 ? -8.715  1.415   -0.576  1.00 32.02  ? 23  GLY B O   1 
ATOM   801  N N   . ARG B 1 24 ? -10.857 1.920   -1.080  1.00 32.28  ? 24  ARG B N   1 
ATOM   802  C CA  . ARG B 1 24 ? -10.750 3.306   -0.670  1.00 32.33  ? 24  ARG B CA  1 
ATOM   803  C C   . ARG B 1 24 ? -10.653 3.339   0.832   1.00 31.68  ? 24  ARG B C   1 
ATOM   804  O O   . ARG B 1 24 ? -10.185 4.292   1.413   1.00 31.94  ? 24  ARG B O   1 
ATOM   805  C CB  . ARG B 1 24 ? -11.960 4.113   -1.139  1.00 32.63  ? 24  ARG B CB  1 
ATOM   806  C CG  . ARG B 1 24 ? -12.006 4.350   -2.617  1.00 35.95  ? 24  ARG B CG  1 
ATOM   807  C CD  . ARG B 1 24 ? -12.296 5.782   -2.977  1.00 43.29  ? 24  ARG B CD  1 
ATOM   808  N NE  . ARG B 1 24 ? -11.458 6.229   -4.090  1.00 56.80  ? 24  ARG B NE  1 
ATOM   809  C CZ  . ARG B 1 24 ? -11.600 5.835   -5.354  1.00 61.73  ? 24  ARG B CZ  1 
ATOM   810  N NH1 . ARG B 1 24 ? -12.559 4.986   -5.683  1.00 61.78  ? 24  ARG B NH1 1 
ATOM   811  N NH2 . ARG B 1 24 ? -10.786 6.295   -6.292  1.00 60.42  ? 24  ARG B NH2 1 
ATOM   812  N N   . ALA B 1 25 ? -11.098 2.260   1.445   1.00 30.64  ? 25  ALA B N   1 
ATOM   813  C CA  . ALA B 1 25 ? -10.947 2.049   2.861   1.00 29.58  ? 25  ALA B CA  1 
ATOM   814  C C   . ALA B 1 25 ? -9.579  1.538   3.225   1.00 29.50  ? 25  ALA B C   1 
ATOM   815  O O   . ALA B 1 25 ? -9.030  1.952   4.228   1.00 29.78  ? 25  ALA B O   1 
ATOM   816  C CB  . ALA B 1 25 ? -11.993 1.115   3.355   1.00 29.50  ? 25  ALA B CB  1 
ATOM   817  N N   . LEU B 1 26 ? -9.024  0.637   2.422   1.00 27.98  ? 26  LEU B N   1 
ATOM   818  C CA  . LEU B 1 26 ? -7.635  0.268   2.625   1.00 26.80  ? 26  LEU B CA  1 
ATOM   819  C C   . LEU B 1 26 ? -6.721  1.486   2.509   1.00 26.98  ? 26  LEU B C   1 
ATOM   820  O O   . LEU B 1 26 ? -5.815  1.699   3.338   1.00 27.72  ? 26  LEU B O   1 
ATOM   821  C CB  . LEU B 1 26 ? -7.266  -0.772  1.601   1.00 26.98  ? 26  LEU B CB  1 
ATOM   822  C CG  . LEU B 1 26 ? -5.903  -1.443  1.645   1.00 27.32  ? 26  LEU B CG  1 
ATOM   823  C CD1 . LEU B 1 26 ? -5.456  -1.701  2.975   1.00 24.74  ? 26  LEU B CD1 1 
ATOM   824  C CD2 . LEU B 1 26 ? -5.982  -2.721  1.103   1.00 23.23  ? 26  LEU B CD2 1 
ATOM   825  N N   . GLU B 1 27 ? -6.947  2.310   1.489   1.00 25.85  ? 27  GLU B N   1 
ATOM   826  C CA  . GLU B 1 27 ? -6.085  3.456   1.309   1.00 25.46  ? 27  GLU B CA  1 
ATOM   827  C C   . GLU B 1 27 ? -6.100  4.409   2.525   1.00 26.05  ? 27  GLU B C   1 
ATOM   828  O O   . GLU B 1 27 ? -5.064  4.890   2.982   1.00 26.69  ? 27  GLU B O   1 
ATOM   829  C CB  . GLU B 1 27 ? -6.490  4.197   0.052   1.00 24.22  ? 27  GLU B CB  1 
ATOM   830  C CG  . GLU B 1 27 ? -5.778  5.501   -0.139  1.00 24.40  ? 27  GLU B CG  1 
ATOM   831  C CD  . GLU B 1 27 ? -6.241  6.139   -1.418  1.00 29.02  ? 27  GLU B CD  1 
ATOM   832  O OE1 . GLU B 1 27 ? -5.680  7.012   -2.002  1.00 27.54  ? 27  GLU B OE1 1 
ATOM   833  O OE2 . GLU B 1 27 ? -7.209  5.746   -1.974  1.00 29.70  ? 27  GLU B OE2 1 
ATOM   834  N N   . ALA B 1 28 ? -7.296  4.695   3.023   1.00 26.01  ? 28  ALA B N   1 
ATOM   835  C CA  . ALA B 1 28 ? -7.466  5.593   4.117   1.00 25.84  ? 28  ALA B CA  1 
ATOM   836  C C   . ALA B 1 28 ? -6.865  4.930   5.370   1.00 26.47  ? 28  ALA B C   1 
ATOM   837  O O   . ALA B 1 28 ? -6.134  5.571   6.147   1.00 27.53  ? 28  ALA B O   1 
ATOM   838  C CB  . ALA B 1 28 ? -8.966  5.902   4.291   1.00 25.81  ? 28  ALA B CB  1 
ATOM   839  N N   . PHE B 1 29 ? -7.102  3.631   5.563   1.00 25.74  ? 29  PHE B N   1 
ATOM   840  C CA  . PHE B 1 29 ? -6.443  2.934   6.672   1.00 25.41  ? 29  PHE B CA  1 
ATOM   841  C C   . PHE B 1 29 ? -4.922  3.172   6.683   1.00 26.43  ? 29  PHE B C   1 
ATOM   842  O O   . PHE B 1 29 ? -4.310  3.477   7.764   1.00 27.43  ? 29  PHE B O   1 
ATOM   843  C CB  . PHE B 1 29 ? -6.767  1.465   6.590   1.00 24.76  ? 29  PHE B CB  1 
ATOM   844  C CG  . PHE B 1 29 ? -6.052  0.630   7.559   1.00 24.41  ? 29  PHE B CG  1 
ATOM   845  C CD1 . PHE B 1 29 ? -6.525  0.479   8.857   1.00 24.48  ? 29  PHE B CD1 1 
ATOM   846  C CD2 . PHE B 1 29 ? -4.916  -0.099  7.168   1.00 26.55  ? 29  PHE B CD2 1 
ATOM   847  C CE1 . PHE B 1 29 ? -5.885  -0.362  9.760   1.00 20.94  ? 29  PHE B CE1 1 
ATOM   848  C CE2 . PHE B 1 29 ? -4.247  -0.929  8.082   1.00 22.15  ? 29  PHE B CE2 1 
ATOM   849  C CZ  . PHE B 1 29 ? -4.756  -1.039  9.389   1.00 23.25  ? 29  PHE B CZ  1 
ATOM   850  N N   . ILE B 1 30 ? -4.288  3.022   5.513   1.00 26.24  ? 30  ILE B N   1 
ATOM   851  C CA  . ILE B 1 30 ? -2.829  3.159   5.474   1.00 26.16  ? 30  ILE B CA  1 
ATOM   852  C C   . ILE B 1 30 ? -2.440  4.594   5.788   1.00 26.51  ? 30  ILE B C   1 
ATOM   853  O O   . ILE B 1 30 ? -1.547  4.825   6.607   1.00 27.33  ? 30  ILE B O   1 
ATOM   854  C CB  . ILE B 1 30 ? -2.263  2.761   4.143   1.00 26.29  ? 30  ILE B CB  1 
ATOM   855  C CG1 . ILE B 1 30 ? -2.394  1.256   3.945   1.00 24.53  ? 30  ILE B CG1 1 
ATOM   856  C CG2 . ILE B 1 30 ? -0.798  3.240   3.993   1.00 25.69  ? 30  ILE B CG2 1 
ATOM   857  C CD1 . ILE B 1 30 ? -2.088  0.863   2.527   1.00 20.83  ? 30  ILE B CD1 1 
ATOM   858  N N   . LYS B 1 31 ? -3.134  5.560   5.178   1.00 26.85  ? 31  LYS B N   1 
ATOM   859  C CA  . LYS B 1 31 ? -2.964  7.007   5.533   1.00 26.84  ? 31  LYS B CA  1 
ATOM   860  C C   . LYS B 1 31 ? -3.109  7.287   7.058   1.00 26.04  ? 31  LYS B C   1 
ATOM   861  O O   . LYS B 1 31 ? -2.272  7.937   7.655   1.00 25.94  ? 31  LYS B O   1 
ATOM   862  C CB  . LYS B 1 31 ? -3.932  7.861   4.721   1.00 26.66  ? 31  LYS B CB  1 
ATOM   863  C CG  . LYS B 1 31 ? -3.455  8.110   3.311   1.00 30.36  ? 31  LYS B CG  1 
ATOM   864  C CD  . LYS B 1 31 ? -4.409  9.038   2.552   1.00 39.07  ? 31  LYS B CD  1 
ATOM   865  C CE  . LYS B 1 31 ? -3.610  9.769   1.498   1.00 47.19  ? 31  LYS B CE  1 
ATOM   866  N NZ  . LYS B 1 31 ? -4.433  10.300  0.388   1.00 51.55  ? 31  LYS B NZ  1 
ATOM   867  N N   . ALA B 1 32 ? -4.148  6.731   7.676   1.00 25.27  ? 32  ALA B N   1 
ATOM   868  C CA  . ALA B 1 32 ? -4.443  6.941   9.074   1.00 25.01  ? 32  ALA B CA  1 
ATOM   869  C C   . ALA B 1 32 ? -3.398  6.335   9.996   1.00 25.60  ? 32  ALA B C   1 
ATOM   870  O O   . ALA B 1 32 ? -3.308  6.736   11.113  1.00 25.64  ? 32  ALA B O   1 
ATOM   871  C CB  . ALA B 1 32 ? -5.807  6.350   9.396   1.00 24.15  ? 32  ALA B CB  1 
ATOM   872  N N   . THR B 1 33 ? -2.638  5.336   9.560   1.00 26.77  ? 33  THR B N   1 
ATOM   873  C CA  . THR B 1 33 ? -1.816  4.575   10.497  1.00 27.49  ? 33  THR B CA  1 
ATOM   874  C C   . THR B 1 33 ? -0.360  4.624   10.198  1.00 28.97  ? 33  THR B C   1 
ATOM   875  O O   . THR B 1 33 ? 0.434   4.223   11.029  1.00 28.68  ? 33  THR B O   1 
ATOM   876  C CB  . THR B 1 33 ? -2.203  3.093   10.541  1.00 27.45  ? 33  THR B CB  1 
ATOM   877  O OG1 . THR B 1 33 ? -2.140  2.538   9.206   1.00 27.72  ? 33  THR B OG1 1 
ATOM   878  C CG2 . THR B 1 33 ? -3.618  2.931   11.127  1.00 25.74  ? 33  THR B CG2 1 
ATOM   879  N N   . GLN B 1 34 ? -0.012  5.111   9.014   1.00 31.80  ? 34  GLN B N   1 
ATOM   880  C CA  . GLN B 1 34 ? 1.373   5.267   8.549   1.00 35.17  ? 34  GLN B CA  1 
ATOM   881  C C   . GLN B 1 34 ? 2.295   5.882   9.597   1.00 35.65  ? 34  GLN B C   1 
ATOM   882  O O   . GLN B 1 34 ? 3.391   5.411   9.873   1.00 35.53  ? 34  GLN B O   1 
ATOM   883  C CB  . GLN B 1 34 ? 1.389   6.141   7.290   1.00 36.10  ? 34  GLN B CB  1 
ATOM   884  C CG  . GLN B 1 34 ? 2.654   5.977   6.413   1.00 42.77  ? 34  GLN B CG  1 
ATOM   885  C CD  . GLN B 1 34 ? 2.352   6.224   4.911   1.00 51.26  ? 34  GLN B CD  1 
ATOM   886  O OE1 . GLN B 1 34 ? 1.572   7.161   4.569   1.00 52.78  ? 34  GLN B OE1 1 
ATOM   887  N NE2 . GLN B 1 34 ? 2.958   5.391   4.007   1.00 49.61  ? 34  GLN B NE2 1 
ATOM   888  N N   . GLN B 1 35 ? 1.843   6.964   10.174  1.00 37.60  ? 35  GLN B N   1 
ATOM   889  C CA  . GLN B 1 35 ? 2.671   7.696   11.116  1.00 39.43  ? 35  GLN B CA  1 
ATOM   890  C C   . GLN B 1 35 ? 2.986   6.831   12.363  1.00 37.60  ? 35  GLN B C   1 
ATOM   891  O O   . GLN B 1 35 ? 4.149   6.692   12.751  1.00 37.20  ? 35  GLN B O   1 
ATOM   892  C CB  . GLN B 1 35 ? 1.910   8.974   11.464  1.00 41.37  ? 35  GLN B CB  1 
ATOM   893  C CG  . GLN B 1 35 ? 2.726   10.054  12.090  1.00 49.60  ? 35  GLN B CG  1 
ATOM   894  C CD  . GLN B 1 35 ? 3.483   10.879  11.037  1.00 60.19  ? 35  GLN B CD  1 
ATOM   895  O OE1 . GLN B 1 35 ? 4.503   10.423  10.431  1.00 62.36  ? 35  GLN B OE1 1 
ATOM   896  N NE2 . GLN B 1 35 ? 2.992   12.114  10.820  1.00 61.03  ? 35  GLN B NE2 1 
ATOM   897  N N   . ASP B 1 36 ? 1.943   6.246   12.952  1.00 35.98  ? 36  ASP B N   1 
ATOM   898  C CA  . ASP B 1 36 ? 2.085   5.279   14.041  1.00 35.48  ? 36  ASP B CA  1 
ATOM   899  C C   . ASP B 1 36 ? 3.033   4.135   13.749  1.00 35.33  ? 36  ASP B C   1 
ATOM   900  O O   . ASP B 1 36 ? 3.859   3.807   14.596  1.00 36.56  ? 36  ASP B O   1 
ATOM   901  C CB  . ASP B 1 36 ? 0.763   4.654   14.389  1.00 35.27  ? 36  ASP B CB  1 
ATOM   902  C CG  . ASP B 1 36 ? -0.177  5.639   15.008  1.00 38.20  ? 36  ASP B CG  1 
ATOM   903  O OD1 . ASP B 1 36 ? 0.315   6.590   15.667  1.00 36.27  ? 36  ASP B OD1 1 
ATOM   904  O OD2 . ASP B 1 36 ? -1.401  5.478   14.791  1.00 41.52  ? 36  ASP B OD2 1 
ATOM   905  N N   . VAL B 1 37 ? 2.924   3.526   12.572  1.00 33.91  ? 37  VAL B N   1 
ATOM   906  C CA  . VAL B 1 37 ? 3.826   2.467   12.192  1.00 32.48  ? 37  VAL B CA  1 
ATOM   907  C C   . VAL B 1 37 ? 5.244   3.003   12.087  1.00 32.89  ? 37  VAL B C   1 
ATOM   908  O O   . VAL B 1 37 ? 6.194   2.431   12.643  1.00 32.64  ? 37  VAL B O   1 
ATOM   909  C CB  . VAL B 1 37 ? 3.383   1.781   10.875  1.00 32.39  ? 37  VAL B CB  1 
ATOM   910  C CG1 . VAL B 1 37 ? 4.401   0.745   10.448  1.00 30.49  ? 37  VAL B CG1 1 
ATOM   911  C CG2 . VAL B 1 37 ? 2.026   1.149   11.051  1.00 30.25  ? 37  VAL B CG2 1 
ATOM   912  N N   . TRP B 1 38 ? 5.419   4.105   11.385  1.00 33.78  ? 38  TRP B N   1 
ATOM   913  C CA  . TRP B 1 38 ? 6.749   4.680   11.339  1.00 34.61  ? 38  TRP B CA  1 
ATOM   914  C C   . TRP B 1 38 ? 7.317   4.919   12.767  1.00 34.58  ? 38  TRP B C   1 
ATOM   915  O O   . TRP B 1 38 ? 8.379   4.446   13.081  1.00 34.08  ? 38  TRP B O   1 
ATOM   916  C CB  . TRP B 1 38 ? 6.733   5.960   10.536  1.00 35.15  ? 38  TRP B CB  1 
ATOM   917  C CG  . TRP B 1 38 ? 8.111   6.366   10.066  1.00 36.52  ? 38  TRP B CG  1 
ATOM   918  C CD1 . TRP B 1 38 ? 8.720   6.008   8.894   1.00 36.19  ? 38  TRP B CD1 1 
ATOM   919  C CD2 . TRP B 1 38 ? 9.034   7.217   10.754  1.00 36.30  ? 38  TRP B CD2 1 
ATOM   920  N NE1 . TRP B 1 38 ? 9.952   6.595   8.809   1.00 35.37  ? 38  TRP B NE1 1 
ATOM   921  C CE2 . TRP B 1 38 ? 10.168  7.352   9.930   1.00 36.04  ? 38  TRP B CE2 1 
ATOM   922  C CE3 . TRP B 1 38 ? 9.009   7.886   12.001  1.00 38.04  ? 38  TRP B CE3 1 
ATOM   923  C CZ2 . TRP B 1 38 ? 11.301  8.102   10.320  1.00 37.53  ? 38  TRP B CZ2 1 
ATOM   924  C CZ3 . TRP B 1 38 ? 10.127  8.646   12.395  1.00 35.81  ? 38  TRP B CZ3 1 
ATOM   925  C CH2 . TRP B 1 38 ? 11.254  8.749   11.552  1.00 37.18  ? 38  TRP B CH2 1 
ATOM   926  N N   . ARG B 1 39 ? 6.598   5.599   13.649  1.00 34.98  ? 39  ARG B N   1 
ATOM   927  C CA  . ARG B 1 39 ? 7.179   5.844   14.974  1.00 36.93  ? 39  ARG B CA  1 
ATOM   928  C C   . ARG B 1 39 ? 7.619   4.575   15.711  1.00 35.58  ? 39  ARG B C   1 
ATOM   929  O O   . ARG B 1 39 ? 8.779   4.447   16.113  1.00 36.04  ? 39  ARG B O   1 
ATOM   930  C CB  . ARG B 1 39 ? 6.321   6.799   15.810  1.00 36.31  ? 39  ARG B CB  1 
ATOM   931  C CG  . ARG B 1 39 ? 6.450   8.215   15.201  1.00 39.71  ? 39  ARG B CG  1 
ATOM   932  C CD  . ARG B 1 39 ? 5.854   9.360   16.032  1.00 44.11  ? 39  ARG B CD  1 
ATOM   933  N NE  . ARG B 1 39 ? 4.412   9.174   16.119  1.00 55.33  ? 39  ARG B NE  1 
ATOM   934  C CZ  . ARG B 1 39 ? 3.419   9.885   15.570  1.00 59.48  ? 39  ARG B CZ  1 
ATOM   935  N NH1 . ARG B 1 39 ? 2.188   9.439   15.796  1.00 59.74  ? 39  ARG B NH1 1 
ATOM   936  N NH2 . ARG B 1 39 ? 3.594   10.992  14.834  1.00 61.08  ? 39  ARG B NH2 1 
ATOM   937  N N   . PHE B 1 40 ? 6.703   3.617   15.848  1.00 34.43  ? 40  PHE B N   1 
ATOM   938  C CA  . PHE B 1 40 ? 6.897   2.277   16.402  1.00 33.20  ? 40  PHE B CA  1 
ATOM   939  C C   . PHE B 1 40 ? 8.068   1.503   15.859  1.00 33.91  ? 40  PHE B C   1 
ATOM   940  O O   . PHE B 1 40 ? 8.822   0.890   16.568  1.00 33.50  ? 40  PHE B O   1 
ATOM   941  C CB  . PHE B 1 40 ? 5.632   1.465   16.131  1.00 31.91  ? 40  PHE B CB  1 
ATOM   942  C CG  . PHE B 1 40 ? 5.634   0.094   16.713  1.00 31.83  ? 40  PHE B CG  1 
ATOM   943  C CD1 . PHE B 1 40 ? 5.312   -0.114  18.005  1.00 30.57  ? 40  PHE B CD1 1 
ATOM   944  C CD2 . PHE B 1 40 ? 5.943   -0.987  15.960  1.00 32.75  ? 40  PHE B CD2 1 
ATOM   945  C CE1 . PHE B 1 40 ? 5.314   -1.336  18.502  1.00 28.59  ? 40  PHE B CE1 1 
ATOM   946  C CE2 . PHE B 1 40 ? 5.945   -2.200  16.490  1.00 32.43  ? 40  PHE B CE2 1 
ATOM   947  C CZ  . PHE B 1 40 ? 5.629   -2.367  17.747  1.00 30.19  ? 40  PHE B CZ  1 
ATOM   948  N N   . VAL B 1 41 ? 8.160   1.498   14.554  1.00 34.35  ? 41  VAL B N   1 
ATOM   949  C CA  . VAL B 1 41 ? 9.214   0.855   13.830  1.00 33.79  ? 41  VAL B CA  1 
ATOM   950  C C   . VAL B 1 41 ? 10.582  1.439   14.032  1.00 33.78  ? 41  VAL B C   1 
ATOM   951  O O   . VAL B 1 41 ? 11.539  0.742   14.123  1.00 33.12  ? 41  VAL B O   1 
ATOM   952  C CB  . VAL B 1 41 ? 8.811   0.703   12.369  1.00 33.54  ? 41  VAL B CB  1 
ATOM   953  C CG1 . VAL B 1 41 ? 9.833   1.167   11.453  1.00 32.34  ? 41  VAL B CG1 1 
ATOM   954  C CG2 . VAL B 1 41 ? 8.419   -0.664  12.085  1.00 31.48  ? 41  VAL B CG2 1 
ATOM   955  N N   . ALA B 1 42 ? 10.648  2.737   14.154  1.00 34.33  ? 42  ALA B N   1 
ATOM   956  C CA  . ALA B 1 42 ? 11.875  3.406   14.462  1.00 35.78  ? 42  ALA B CA  1 
ATOM   957  C C   . ALA B 1 42 ? 12.341  3.305   15.885  1.00 38.15  ? 42  ALA B C   1 
ATOM   958  O O   . ALA B 1 42 ? 13.485  3.550   16.149  1.00 40.53  ? 42  ALA B O   1 
ATOM   959  C CB  . ALA B 1 42 ? 11.779  4.802   14.073  1.00 35.39  ? 42  ALA B CB  1 
ATOM   960  N N   . TYR B 1 43 ? 11.463  2.980   16.812  1.00 38.46  ? 43  TYR B N   1 
ATOM   961  C CA  . TYR B 1 43 ? 11.877  2.728   18.160  1.00 39.51  ? 43  TYR B CA  1 
ATOM   962  C C   . TYR B 1 43 ? 12.610  1.452   18.220  1.00 39.88  ? 43  TYR B C   1 
ATOM   963  O O   . TYR B 1 43 ? 13.457  1.262   19.038  1.00 40.18  ? 43  TYR B O   1 
ATOM   964  C CB  . TYR B 1 43 ? 10.694  2.593   19.068  1.00 40.55  ? 43  TYR B CB  1 
ATOM   965  C CG  . TYR B 1 43 ? 10.112  3.871   19.476  1.00 41.93  ? 43  TYR B CG  1 
ATOM   966  C CD1 . TYR B 1 43 ? 8.778   4.068   19.414  1.00 45.17  ? 43  TYR B CD1 1 
ATOM   967  C CD2 . TYR B 1 43 ? 10.888  4.878   19.915  1.00 44.42  ? 43  TYR B CD2 1 
ATOM   968  C CE1 . TYR B 1 43 ? 8.246   5.226   19.764  1.00 43.91  ? 43  TYR B CE1 1 
ATOM   969  C CE2 . TYR B 1 43 ? 10.360  6.039   20.271  1.00 44.22  ? 43  TYR B CE2 1 
ATOM   970  C CZ  . TYR B 1 43 ? 9.039   6.208   20.190  1.00 45.54  ? 43  TYR B CZ  1 
ATOM   971  O OH  . TYR B 1 43 ? 8.489   7.385   20.547  1.00 46.33  ? 43  TYR B OH  1 
ATOM   972  N N   . LEU B 1 44 ? 12.266  0.551   17.350  1.00 20.00  ? 44  LEU B N   1 
ATOM   973  C CA  . LEU B 1 44 ? 12.661  -0.800  17.525  1.00 20.00  ? 44  LEU B CA  1 
ATOM   974  C C   . LEU B 1 44 ? 13.796  -1.104  16.593  1.00 20.00  ? 44  LEU B C   1 
ATOM   975  O O   . LEU B 1 44 ? 14.436  -2.088  16.737  1.00 20.00  ? 44  LEU B O   1 
ATOM   976  C CB  . LEU B 1 44 ? 11.489  -1.697  17.247  1.00 20.00  ? 44  LEU B CB  1 
ATOM   977  C CG  . LEU B 1 44 ? 10.884  -2.473  18.393  1.00 20.00  ? 44  LEU B CG  1 
ATOM   978  C CD1 . LEU B 1 44 ? 11.212  -1.920  19.676  1.00 20.00  ? 44  LEU B CD1 1 
ATOM   979  C CD2 . LEU B 1 44 ? 9.446   -2.541  18.253  1.00 20.00  ? 44  LEU B CD2 1 
ATOM   980  N N   . SER B 1 45 ? 14.079  -0.223  15.655  1.00 20.00  ? 45  SER B N   1 
ATOM   981  C CA  . SER B 1 45 ? 15.423  -0.106  15.145  1.00 20.00  ? 45  SER B CA  1 
ATOM   982  C C   . SER B 1 45 ? 15.960  1.281   15.136  1.00 20.00  ? 45  SER B C   1 
ATOM   983  O O   . SER B 1 45 ? 16.021  1.924   16.140  1.00 45.84  ? 45  SER B O   1 
ATOM   984  C CB  . SER B 1 45 ? 15.541  -0.707  13.772  1.00 20.00  ? 45  SER B CB  1 
ATOM   985  O OG  . SER B 1 45 ? 14.483  -0.294  12.982  1.00 20.00  ? 45  SER B OG  1 
ATOM   986  N N   . ASP B 1 46 ? 16.374  1.735   13.978  1.00 45.22  ? 46  ASP B N   1 
ATOM   987  C CA  . ASP B 1 46 ? 16.716  3.116   13.810  1.00 45.72  ? 46  ASP B CA  1 
ATOM   988  C C   . ASP B 1 46 ? 15.749  3.961   13.080  1.00 45.46  ? 46  ASP B C   1 
ATOM   989  O O   . ASP B 1 46 ? 14.764  3.496   12.641  1.00 45.90  ? 46  ASP B O   1 
ATOM   990  C CB  . ASP B 1 46 ? 18.148  3.311   13.417  1.00 46.05  ? 46  ASP B CB  1 
ATOM   991  C CG  . ASP B 1 46 ? 18.518  2.529   12.241  1.00 49.07  ? 46  ASP B CG  1 
ATOM   992  O OD1 . ASP B 1 46 ? 18.871  3.148   11.234  1.00 52.43  ? 46  ASP B OD1 1 
ATOM   993  O OD2 . ASP B 1 46 ? 18.489  1.299   12.319  1.00 51.65  ? 46  ASP B OD2 1 
ATOM   994  N N   . VAL B 1 47 ? 16.130  5.190   12.844  1.00 44.92  ? 47  VAL B N   1 
ATOM   995  C CA  . VAL B 1 47 ? 15.370  6.091   12.037  1.00 43.92  ? 47  VAL B CA  1 
ATOM   996  C C   . VAL B 1 47 ? 15.645  5.924   10.575  1.00 44.29  ? 47  VAL B C   1 
ATOM   997  O O   . VAL B 1 47 ? 14.821  6.206   9.754   1.00 44.86  ? 47  VAL B O   1 
ATOM   998  C CB  . VAL B 1 47 ? 15.515  7.511   12.475  1.00 43.55  ? 47  VAL B CB  1 
ATOM   999  C CG1 . VAL B 1 47 ? 15.274  8.388   11.368  1.00 44.73  ? 47  VAL B CG1 1 
ATOM   1000 C CG2 . VAL B 1 47 ? 14.579  7.823   13.549  1.00 41.37  ? 47  VAL B CG2 1 
ATOM   1001 N N   . GLY B 1 48 ? 16.845  5.496   10.257  1.00 44.00  ? 48  GLY B N   1 
ATOM   1002 C CA  . GLY B 1 48 ? 17.211  5.205   8.902   1.00 43.34  ? 48  GLY B CA  1 
ATOM   1003 C C   . GLY B 1 48 ? 16.592  3.974   8.340   1.00 43.79  ? 48  GLY B C   1 
ATOM   1004 O O   . GLY B 1 48 ? 16.346  3.891   7.171   1.00 44.58  ? 48  GLY B O   1 
ATOM   1005 N N   . SER B 1 49 ? 16.373  3.000   9.188   1.00 43.32  ? 49  SER B N   1 
ATOM   1006 C CA  . SER B 1 49 ? 15.593  1.836   8.877   1.00 42.71  ? 49  SER B CA  1 
ATOM   1007 C C   . SER B 1 49 ? 14.111  1.977   8.635   1.00 41.68  ? 49  SER B C   1 
ATOM   1008 O O   . SER B 1 49 ? 13.515  1.144   8.039   1.00 42.34  ? 49  SER B O   1 
ATOM   1009 C CB  . SER B 1 49 ? 15.900  0.754   9.857   1.00 43.36  ? 49  SER B CB  1 
ATOM   1010 O OG  . SER B 1 49 ? 17.224  0.915   10.283  1.00 46.66  ? 49  SER B OG  1 
ATOM   1011 N N   . ALA B 1 50 ? 13.511  2.984   9.218   1.00 39.99  ? 50  ALA B N   1 
ATOM   1012 C CA  . ALA B 1 50 ? 12.096  3.036   9.444   1.00 38.98  ? 50  ALA B CA  1 
ATOM   1013 C C   . ALA B 1 50 ? 11.237  3.130   8.222   1.00 38.98  ? 50  ALA B C   1 
ATOM   1014 O O   . ALA B 1 50 ? 10.194  2.542   8.160   1.00 39.64  ? 50  ALA B O   1 
ATOM   1015 C CB  . ALA B 1 50 ? 11.765  4.086   10.420  1.00 38.05  ? 50  ALA B CB  1 
ATOM   1016 N N   . ASP B 1 51 ? 11.658  3.916   7.259   1.00 38.44  ? 51  ASP B N   1 
ATOM   1017 C CA  . ASP B 1 51 ? 10.929  4.019   6.017   1.00 37.73  ? 51  ASP B CA  1 
ATOM   1018 C C   . ASP B 1 51 ? 10.748  2.707   5.326   1.00 37.21  ? 51  ASP B C   1 
ATOM   1019 O O   . ASP B 1 51 ? 9.699   2.406   4.824   1.00 36.87  ? 51  ASP B O   1 
ATOM   1020 C CB  . ASP B 1 51 ? 11.685  4.893   5.063   1.00 37.63  ? 51  ASP B CB  1 
ATOM   1021 C CG  . ASP B 1 51 ? 11.364  6.314   5.210   1.00 39.05  ? 51  ASP B CG  1 
ATOM   1022 O OD1 . ASP B 1 51 ? 10.474  6.646   5.962   1.00 41.18  ? 51  ASP B OD1 1 
ATOM   1023 O OD2 . ASP B 1 51 ? 11.999  7.118   4.548   1.00 43.22  ? 51  ASP B OD2 1 
ATOM   1024 N N   . ASP B 1 52 ? 11.828  1.972   5.225   1.00 37.06  ? 52  ASP B N   1 
ATOM   1025 C CA  . ASP B 1 52 ? 11.819  0.656   4.660   1.00 37.24  ? 52  ASP B CA  1 
ATOM   1026 C C   . ASP B 1 52 ? 11.044  -0.352  5.449   1.00 36.35  ? 52  ASP B C   1 
ATOM   1027 O O   . ASP B 1 52 ? 10.344  -1.134  4.907   1.00 36.62  ? 52  ASP B O   1 
ATOM   1028 C CB  . ASP B 1 52 ? 13.232  0.168   4.443   1.00 38.67  ? 52  ASP B CB  1 
ATOM   1029 C CG  . ASP B 1 52 ? 13.882  0.761   3.218   1.00 43.33  ? 52  ASP B CG  1 
ATOM   1030 O OD1 . ASP B 1 52 ? 14.944  0.262   2.846   1.00 51.62  ? 52  ASP B OD1 1 
ATOM   1031 O OD2 . ASP B 1 52 ? 13.352  1.707   2.619   1.00 46.74  ? 52  ASP B OD2 1 
ATOM   1032 N N   . LEU B 1 53 ? 11.207  -0.362  6.747   1.00 35.04  ? 53  LEU B N   1 
ATOM   1033 C CA  . LEU B 1 53 ? 10.358  -1.127  7.613   1.00 34.19  ? 53  LEU B CA  1 
ATOM   1034 C C   . LEU B 1 53 ? 8.890   -0.770  7.638   1.00 34.33  ? 53  LEU B C   1 
ATOM   1035 O O   . LEU B 1 53 ? 8.050   -1.605  7.771   1.00 33.81  ? 53  LEU B O   1 
ATOM   1036 C CB  . LEU B 1 53 ? 10.931  -1.168  8.990   1.00 34.18  ? 53  LEU B CB  1 
ATOM   1037 C CG  . LEU B 1 53 ? 11.851  -2.318  9.252   1.00 34.90  ? 53  LEU B CG  1 
ATOM   1038 C CD1 . LEU B 1 53 ? 12.536  -2.626  8.021   1.00 36.23  ? 53  LEU B CD1 1 
ATOM   1039 C CD2 . LEU B 1 53 ? 12.789  -1.939  10.282  1.00 35.57  ? 53  LEU B CD2 1 
ATOM   1040 N N   . THR B 1 54 ? 8.587   0.500   7.552   1.00 33.18  ? 54  THR B N   1 
ATOM   1041 C CA  . THR B 1 54 ? 7.236   0.934   7.424   1.00 32.83  ? 54  THR B CA  1 
ATOM   1042 C C   . THR B 1 54 ? 6.511   0.372   6.227   1.00 33.56  ? 54  THR B C   1 
ATOM   1043 O O   . THR B 1 54 ? 5.399   0.014   6.327   1.00 33.99  ? 54  THR B O   1 
ATOM   1044 C CB  . THR B 1 54 ? 7.139   2.431   7.485   1.00 32.45  ? 54  THR B CB  1 
ATOM   1045 O OG1 . THR B 1 54 ? 7.719   2.880   8.688   1.00 33.77  ? 54  THR B OG1 1 
ATOM   1046 C CG2 . THR B 1 54 ? 5.746   2.873   7.449   1.00 29.86  ? 54  THR B CG2 1 
ATOM   1047 N N   . GLN B 1 55 ? 7.123   0.364   5.071   1.00 34.12  ? 55  GLN B N   1 
ATOM   1048 C CA  . GLN B 1 55 ? 6.473   -0.139  3.889   1.00 34.68  ? 55  GLN B CA  1 
ATOM   1049 C C   . GLN B 1 55 ? 6.354   -1.607  3.750   1.00 32.95  ? 55  GLN B C   1 
ATOM   1050 O O   . GLN B 1 55 ? 5.432   -2.078  3.196   1.00 33.25  ? 55  GLN B O   1 
ATOM   1051 C CB  . GLN B 1 55 ? 6.955   0.524   2.628   1.00 35.59  ? 55  GLN B CB  1 
ATOM   1052 C CG  . GLN B 1 55 ? 8.163   -0.055  2.099   1.00 41.94  ? 55  GLN B CG  1 
ATOM   1053 C CD  . GLN B 1 55 ? 8.384   0.287   0.676   1.00 51.37  ? 55  GLN B CD  1 
ATOM   1054 O OE1 . GLN B 1 55 ? 8.325   1.445   0.287   1.00 53.72  ? 55  GLN B OE1 1 
ATOM   1055 N NE2 . GLN B 1 55 ? 8.662   -0.718  -0.124  1.00 51.11  ? 55  GLN B NE2 1 
ATOM   1056 N N   . GLU B 1 56 ? 7.344   -2.325  4.210   1.00 31.43  ? 56  GLU B N   1 
ATOM   1057 C CA  . GLU B 1 56 ? 7.224   -3.736  4.421   1.00 30.39  ? 56  GLU B CA  1 
ATOM   1058 C C   . GLU B 1 56 ? 6.102   -4.128  5.320   1.00 29.54  ? 56  GLU B C   1 
ATOM   1059 O O   . GLU B 1 56 ? 5.396   -5.047  5.058   1.00 28.89  ? 56  GLU B O   1 
ATOM   1060 C CB  . GLU B 1 56 ? 8.529   -4.312  4.910   1.00 30.64  ? 56  GLU B CB  1 
ATOM   1061 C CG  . GLU B 1 56 ? 8.539   -5.792  5.040   1.00 32.71  ? 56  GLU B CG  1 
ATOM   1062 C CD  . GLU B 1 56 ? 8.310   -6.505  3.753   1.00 38.53  ? 56  GLU B CD  1 
ATOM   1063 O OE1 . GLU B 1 56 ? 8.475   -5.895  2.695   1.00 41.63  ? 56  GLU B OE1 1 
ATOM   1064 O OE2 . GLU B 1 56 ? 7.959   -7.690  3.795   1.00 37.43  ? 56  GLU B OE2 1 
ATOM   1065 N N   . THR B 1 57 ? 5.937   -3.407  6.394   1.00 27.83  ? 57  THR B N   1 
ATOM   1066 C CA  . THR B 1 57 ? 4.801   -3.585  7.251   1.00 27.34  ? 57  THR B CA  1 
ATOM   1067 C C   . THR B 1 57 ? 3.466   -3.448  6.555   1.00 26.51  ? 57  THR B C   1 
ATOM   1068 O O   . THR B 1 57 ? 2.584   -4.212  6.778   1.00 26.34  ? 57  THR B O   1 
ATOM   1069 C CB  . THR B 1 57 ? 4.872   -2.614  8.385   1.00 27.96  ? 57  THR B CB  1 
ATOM   1070 O OG1 . THR B 1 57 ? 6.119   -2.740  9.022   1.00 27.46  ? 57  THR B OG1 1 
ATOM   1071 C CG2 . THR B 1 57 ? 3.806   -2.851  9.366   1.00 26.06  ? 57  THR B CG2 1 
ATOM   1072 N N   . PHE B 1 58 ? 3.327   -2.446  5.728   1.00 25.11  ? 58  PHE B N   1 
ATOM   1073 C CA  . PHE B 1 58 ? 2.124   -2.242  4.968   1.00 24.31  ? 58  PHE B CA  1 
ATOM   1074 C C   . PHE B 1 58 ? 1.890   -3.269  3.872   1.00 25.36  ? 58  PHE B C   1 
ATOM   1075 O O   . PHE B 1 58 ? 0.743   -3.667  3.645   1.00 25.28  ? 58  PHE B O   1 
ATOM   1076 C CB  . PHE B 1 58 ? 2.049   -0.838  4.473   1.00 22.99  ? 58  PHE B CB  1 
ATOM   1077 C CG  . PHE B 1 58 ? 1.587   0.108   5.549   1.00 26.06  ? 58  PHE B CG  1 
ATOM   1078 C CD1 . PHE B 1 58 ? 2.411   1.151   6.020   1.00 24.31  ? 58  PHE B CD1 1 
ATOM   1079 C CD2 . PHE B 1 58 ? 0.321   -0.071  6.159   1.00 23.22  ? 58  PHE B CD2 1 
ATOM   1080 C CE1 . PHE B 1 58 ? 1.977   2.005   7.045   1.00 25.50  ? 58  PHE B CE1 1 
ATOM   1081 C CE2 . PHE B 1 58 ? -0.083  0.777   7.181   1.00 24.02  ? 58  PHE B CE2 1 
ATOM   1082 C CZ  . PHE B 1 58 ? 0.740   1.827   7.622   1.00 22.57  ? 58  PHE B CZ  1 
ATOM   1083 N N   . LEU B 1 59 ? 2.963   -3.722  3.201   1.00 25.67  ? 59  LEU B N   1 
ATOM   1084 C CA  . LEU B 1 59 ? 2.828   -4.788  2.210   1.00 25.13  ? 59  LEU B CA  1 
ATOM   1085 C C   . LEU B 1 59 ? 2.297   -6.069  2.857   1.00 25.71  ? 59  LEU B C   1 
ATOM   1086 O O   . LEU B 1 59 ? 1.300   -6.661  2.362   1.00 25.17  ? 59  LEU B O   1 
ATOM   1087 C CB  . LEU B 1 59 ? 4.131   -5.047  1.535   1.00 25.41  ? 59  LEU B CB  1 
ATOM   1088 C CG  . LEU B 1 59 ? 4.566   -3.871  0.649   1.00 26.19  ? 59  LEU B CG  1 
ATOM   1089 C CD1 . LEU B 1 59 ? 5.863   -4.071  0.190   1.00 20.96  ? 59  LEU B CD1 1 
ATOM   1090 C CD2 . LEU B 1 59 ? 3.869   -3.729  -0.565  1.00 21.46  ? 59  LEU B CD2 1 
ATOM   1091 N N   . ARG B 1 60 ? 2.851   -6.450  4.014   1.00 25.54  ? 60  ARG B N   1 
ATOM   1092 C CA  . ARG B 1 60 ? 2.263   -7.583  4.725   1.00 25.45  ? 60  ARG B CA  1 
ATOM   1093 C C   . ARG B 1 60 ? 0.880   -7.258  5.172   1.00 26.07  ? 60  ARG B C   1 
ATOM   1094 O O   . ARG B 1 60 ? 0.003   -8.108  5.080   1.00 27.44  ? 60  ARG B O   1 
ATOM   1095 C CB  . ARG B 1 60 ? 3.071   -8.003  5.929   1.00 25.68  ? 60  ARG B CB  1 
ATOM   1096 C CG  . ARG B 1 60 ? 4.494   -8.081  5.673   1.00 26.49  ? 60  ARG B CG  1 
ATOM   1097 C CD  . ARG B 1 60 ? 5.067   -9.246  6.328   1.00 29.64  ? 60  ARG B CD  1 
ATOM   1098 N NE  . ARG B 1 60 ? 6.509   -9.116  6.278   1.00 33.60  ? 60  ARG B NE  1 
ATOM   1099 C CZ  . ARG B 1 60 ? 7.405   -9.526  7.176   1.00 33.58  ? 60  ARG B CZ  1 
ATOM   1100 N NH1 . ARG B 1 60 ? 7.067   -10.135 8.327   1.00 34.59  ? 60  ARG B NH1 1 
ATOM   1101 N NH2 . ARG B 1 60 ? 8.683   -9.291  6.891   1.00 30.45  ? 60  ARG B NH2 1 
ATOM   1102 N N   . ALA B 1 61 ? 0.658   -6.035  5.666   1.00 25.94  ? 61  ALA B N   1 
ATOM   1103 C CA  . ALA B 1 61 ? -0.703  -5.659  6.089   1.00 25.16  ? 61  ALA B CA  1 
ATOM   1104 C C   . ALA B 1 61 ? -1.644  -5.873  4.899   1.00 24.94  ? 61  ALA B C   1 
ATOM   1105 O O   . ALA B 1 61 ? -2.682  -6.498  5.022   1.00 25.40  ? 61  ALA B O   1 
ATOM   1106 C CB  . ALA B 1 61 ? -0.763  -4.200  6.612   1.00 23.65  ? 61  ALA B CB  1 
ATOM   1107 N N   . ILE B 1 62 ? -1.263  -5.345  3.742   1.00 25.04  ? 62  ILE B N   1 
ATOM   1108 C CA  . ILE B 1 62 ? -2.101  -5.448  2.569   1.00 25.49  ? 62  ILE B CA  1 
ATOM   1109 C C   . ILE B 1 62 ? -2.441  -6.911  2.285   1.00 26.47  ? 62  ILE B C   1 
ATOM   1110 O O   . ILE B 1 62 ? -3.587  -7.203  1.980   1.00 26.58  ? 62  ILE B O   1 
ATOM   1111 C CB  . ILE B 1 62 ? -1.488  -4.761  1.331   1.00 25.20  ? 62  ILE B CB  1 
ATOM   1112 C CG1 . ILE B 1 62 ? -1.673  -3.247  1.428   1.00 23.60  ? 62  ILE B CG1 1 
ATOM   1113 C CG2 . ILE B 1 62 ? -2.213  -5.183  0.121   1.00 24.53  ? 62  ILE B CG2 1 
ATOM   1114 C CD1 . ILE B 1 62 ? -0.714  -2.447  0.565   1.00 21.61  ? 62  ILE B CD1 1 
ATOM   1115 N N   . GLY B 1 63 ? -1.459  -7.806  2.447   1.00 27.54  ? 63  GLY B N   1 
ATOM   1116 C CA  . GLY B 1 63 ? -1.624  -9.218  2.225   1.00 28.36  ? 63  GLY B CA  1 
ATOM   1117 C C   . GLY B 1 63 ? -2.562  -9.855  3.214   1.00 30.01  ? 63  GLY B C   1 
ATOM   1118 O O   . GLY B 1 63 ? -3.363  -10.704 2.812   1.00 31.36  ? 63  GLY B O   1 
ATOM   1119 N N   . ALA B 1 64 ? -2.490  -9.464  4.500   1.00 30.60  ? 64  ALA B N   1 
ATOM   1120 C CA  . ALA B 1 64 ? -3.226  -10.158 5.606   1.00 30.77  ? 64  ALA B CA  1 
ATOM   1121 C C   . ALA B 1 64 ? -4.614  -9.597  5.904   1.00 32.17  ? 64  ALA B C   1 
ATOM   1122 O O   . ALA B 1 64 ? -5.469  -10.242 6.531   1.00 32.62  ? 64  ALA B O   1 
ATOM   1123 C CB  . ALA B 1 64 ? -2.417  -10.108 6.817   1.00 29.88  ? 64  ALA B CB  1 
ATOM   1124 N N   . ILE B 1 65 ? -4.837  -8.367  5.461   1.00 33.92  ? 65  ILE B N   1 
ATOM   1125 C CA  . ILE B 1 65 ? -6.055  -7.688  5.806   1.00 34.71  ? 65  ILE B CA  1 
ATOM   1126 C C   . ILE B 1 65 ? -7.306  -8.468  5.414   1.00 36.93  ? 65  ILE B C   1 
ATOM   1127 O O   . ILE B 1 65 ? -8.248  -8.457  6.190   1.00 37.80  ? 65  ILE B O   1 
ATOM   1128 C CB  . ILE B 1 65 ? -6.104  -6.180  5.390   1.00 34.17  ? 65  ILE B CB  1 
ATOM   1129 C CG1 . ILE B 1 65 ? -7.123  -5.424  6.273   1.00 31.70  ? 65  ILE B CG1 1 
ATOM   1130 C CG2 . ILE B 1 65 ? -6.453  -6.006  3.958   1.00 32.16  ? 65  ILE B CG2 1 
ATOM   1131 C CD1 . ILE B 1 65 ? -6.590  -4.102  6.778   1.00 26.34  ? 65  ILE B CD1 1 
ATOM   1132 N N   . PRO B 1 66 ? -7.345  -9.149  4.233   1.00 38.63  ? 66  PRO B N   1 
ATOM   1133 C CA  . PRO B 1 66 ? -8.575  -9.940  4.037   1.00 39.84  ? 66  PRO B CA  1 
ATOM   1134 C C   . PRO B 1 66 ? -8.964  -10.860 5.188   1.00 40.97  ? 66  PRO B C   1 
ATOM   1135 O O   . PRO B 1 66 ? -10.014 -11.293 5.183   1.00 41.41  ? 66  PRO B O   1 
ATOM   1136 C CB  . PRO B 1 66 ? -8.261  -10.790 2.822   1.00 38.99  ? 66  PRO B CB  1 
ATOM   1137 C CG  . PRO B 1 66 ? -7.264  -10.070 2.098   1.00 38.37  ? 66  PRO B CG  1 
ATOM   1138 C CD  . PRO B 1 66 ? -6.466  -9.253  3.058   1.00 38.24  ? 66  PRO B CD  1 
ATOM   1139 N N   . ARG B 1 67 ? -8.154  -11.112 6.190   1.00 42.29  ? 67  ARG B N   1 
ATOM   1140 C CA  . ARG B 1 67 ? -8.506  -12.029 7.258   1.00 43.76  ? 67  ARG B CA  1 
ATOM   1141 C C   . ARG B 1 67 ? -8.649  -11.298 8.590   1.00 43.91  ? 67  ARG B C   1 
ATOM   1142 O O   . ARG B 1 67 ? -8.767  -11.918 9.632   1.00 44.59  ? 67  ARG B O   1 
ATOM   1143 C CB  . ARG B 1 67 ? -7.348  -13.003 7.430   1.00 43.75  ? 67  ARG B CB  1 
ATOM   1144 C CG  . ARG B 1 67 ? -7.377  -14.243 6.561   1.00 48.03  ? 67  ARG B CG  1 
ATOM   1145 C CD  . ARG B 1 67 ? -6.014  -14.925 6.699   1.00 53.28  ? 67  ARG B CD  1 
ATOM   1146 N NE  . ARG B 1 67 ? -5.760  -15.911 5.624   1.00 64.04  ? 67  ARG B NE  1 
ATOM   1147 C CZ  . ARG B 1 67 ? -5.160  -15.640 4.449   1.00 67.40  ? 67  ARG B CZ  1 
ATOM   1148 N NH1 . ARG B 1 67 ? -4.748  -14.392 4.159   1.00 68.67  ? 67  ARG B NH1 1 
ATOM   1149 N NH2 . ARG B 1 67 ? -4.972  -16.617 3.553   1.00 66.31  ? 67  ARG B NH2 1 
ATOM   1150 N N   . PHE B 1 68 ? -8.542  -9.985  8.581   1.00 43.71  ? 68  PHE B N   1 
ATOM   1151 C CA  . PHE B 1 68 ? -8.769  -9.229  9.783   1.00 43.28  ? 68  PHE B CA  1 
ATOM   1152 C C   . PHE B 1 68 ? -10.272 -9.234  10.080  1.00 44.81  ? 68  PHE B C   1 
ATOM   1153 O O   . PHE B 1 68 ? -11.070 -8.893  9.201   1.00 45.30  ? 68  PHE B O   1 
ATOM   1154 C CB  . PHE B 1 68 ? -8.269  -7.804  9.611   1.00 41.81  ? 68  PHE B CB  1 
ATOM   1155 C CG  . PHE B 1 68 ? -8.529  -6.957  10.781  1.00 38.89  ? 68  PHE B CG  1 
ATOM   1156 C CD1 . PHE B 1 68 ? -7.815  -7.173  11.975  1.00 37.57  ? 68  PHE B CD1 1 
ATOM   1157 C CD2 . PHE B 1 68 ? -9.507  -5.971  10.727  1.00 37.73  ? 68  PHE B CD2 1 
ATOM   1158 C CE1 . PHE B 1 68 ? -8.044  -6.397  13.090  1.00 36.35  ? 68  PHE B CE1 1 
ATOM   1159 C CE2 . PHE B 1 68 ? -9.781  -5.188  11.836  1.00 37.92  ? 68  PHE B CE2 1 
ATOM   1160 C CZ  . PHE B 1 68 ? -9.038  -5.396  13.028  1.00 38.80  ? 68  PHE B CZ  1 
ATOM   1161 N N   . SER B 1 69 ? -10.642 -9.629  11.306  1.00 46.02  ? 69  SER B N   1 
ATOM   1162 C CA  . SER B 1 69 ? -12.063 -9.735  11.741  1.00 47.19  ? 69  SER B CA  1 
ATOM   1163 C C   . SER B 1 69 ? -12.335 -9.021  13.090  1.00 47.17  ? 69  SER B C   1 
ATOM   1164 O O   . SER B 1 69 ? -13.400 -9.152  13.659  1.00 47.15  ? 69  SER B O   1 
ATOM   1165 C CB  . SER B 1 69 ? -12.485 -11.201 11.840  1.00 46.44  ? 69  SER B CB  1 
ATOM   1166 O OG  . SER B 1 69 ? -11.674 -11.848 12.808  1.00 49.10  ? 69  SER B OG  1 
ATOM   1167 N N   . ALA B 1 70 ? -11.350 -8.268  13.574  1.00 47.57  ? 70  ALA B N   1 
ATOM   1168 C CA  . ALA B 1 70 ? -11.471 -7.398  14.753  1.00 47.20  ? 70  ALA B CA  1 
ATOM   1169 C C   . ALA B 1 70 ? -11.492 -8.232  16.035  1.00 47.40  ? 70  ALA B C   1 
ATOM   1170 O O   . ALA B 1 70 ? -12.109 -7.846  17.018  1.00 47.50  ? 70  ALA B O   1 
ATOM   1171 C CB  . ALA B 1 70 ? -12.695 -6.415  14.648  1.00 46.47  ? 70  ALA B CB  1 
ATOM   1172 N N   . ARG B 1 71 ? -10.804 -9.373  16.033  1.00 47.41  ? 71  ARG B N   1 
ATOM   1173 C CA  . ARG B 1 71 ? -10.551 -10.068 17.295  1.00 48.18  ? 71  ARG B CA  1 
ATOM   1174 C C   . ARG B 1 71 ? -9.761  -9.118  18.227  1.00 47.07  ? 71  ARG B C   1 
ATOM   1175 O O   . ARG B 1 71 ? -9.762  -9.294  19.447  1.00 48.01  ? 71  ARG B O   1 
ATOM   1176 C CB  . ARG B 1 71 ? -9.859  -11.435 17.086  1.00 48.10  ? 71  ARG B CB  1 
ATOM   1177 C CG  . ARG B 1 71 ? -10.482 -12.221 15.860  1.00 53.26  ? 71  ARG B CG  1 
ATOM   1178 C CD  . ARG B 1 71 ? -10.972 -13.692 16.093  1.00 56.86  ? 71  ARG B CD  1 
ATOM   1179 N NE  . ARG B 1 71 ? -10.168 -14.388 17.114  1.00 64.46  ? 71  ARG B NE  1 
ATOM   1180 C CZ  . ARG B 1 71 ? -8.848  -14.637 17.038  1.00 65.93  ? 71  ARG B CZ  1 
ATOM   1181 N NH1 . ARG B 1 71 ? -8.129  -14.260 15.982  1.00 66.10  ? 71  ARG B NH1 1 
ATOM   1182 N NH2 . ARG B 1 71 ? -8.232  -15.266 18.036  1.00 65.87  ? 71  ARG B NH2 1 
ATOM   1183 N N   . SER B 1 72 ? -9.124  -8.090  17.650  1.00 45.16  ? 72  SER B N   1 
ATOM   1184 C CA  . SER B 1 72 ? -8.473  -7.021  18.409  1.00 42.36  ? 72  SER B CA  1 
ATOM   1185 C C   . SER B 1 72 ? -8.623  -5.726  17.579  1.00 40.70  ? 72  SER B C   1 
ATOM   1186 O O   . SER B 1 72 ? -9.214  -5.769  16.525  1.00 40.72  ? 72  SER B O   1 
ATOM   1187 C CB  . SER B 1 72 ? -7.017  -7.386  18.691  1.00 42.32  ? 72  SER B CB  1 
ATOM   1188 O OG  . SER B 1 72 ? -6.188  -7.037  17.603  1.00 42.45  ? 72  SER B OG  1 
ATOM   1189 N N   . SER B 1 73 ? -8.145  -4.582  18.052  1.00 37.95  ? 73  SER B N   1 
ATOM   1190 C CA  . SER B 1 73 ? -8.206  -3.389  17.271  1.00 36.19  ? 73  SER B CA  1 
ATOM   1191 C C   . SER B 1 73 ? -7.246  -3.520  16.087  1.00 36.46  ? 73  SER B C   1 
ATOM   1192 O O   . SER B 1 73 ? -6.200  -4.229  16.159  1.00 37.17  ? 73  SER B O   1 
ATOM   1193 C CB  . SER B 1 73 ? -7.880  -2.162  18.117  1.00 35.60  ? 73  SER B CB  1 
ATOM   1194 O OG  . SER B 1 73 ? -6.530  -2.099  18.466  1.00 32.90  ? 73  SER B OG  1 
ATOM   1195 N N   . ALA B 1 74 ? -7.582  -2.845  14.995  1.00 34.98  ? 74  ALA B N   1 
ATOM   1196 C CA  . ALA B 1 74 ? -6.704  -2.872  13.827  1.00 34.27  ? 74  ALA B CA  1 
ATOM   1197 C C   . ALA B 1 74 ? -5.314  -2.345  14.178  1.00 33.68  ? 74  ALA B C   1 
ATOM   1198 O O   . ALA B 1 74 ? -4.343  -2.896  13.731  1.00 33.64  ? 74  ALA B O   1 
ATOM   1199 C CB  . ALA B 1 74 ? -7.324  -2.139  12.629  1.00 33.30  ? 74  ALA B CB  1 
ATOM   1200 N N   . ARG B 1 75 ? -5.211  -1.329  15.027  1.00 34.06  ? 75  ARG B N   1 
ATOM   1201 C CA  . ARG B 1 75 ? -3.888  -0.827  15.456  1.00 34.77  ? 75  ARG B CA  1 
ATOM   1202 C C   . ARG B 1 75 ? -3.018  -1.932  16.101  1.00 34.17  ? 75  ARG B C   1 
ATOM   1203 O O   . ARG B 1 75 ? -1.826  -2.027  15.818  1.00 34.31  ? 75  ARG B O   1 
ATOM   1204 C CB  . ARG B 1 75 ? -4.026  0.338   16.414  1.00 35.50  ? 75  ARG B CB  1 
ATOM   1205 C CG  . ARG B 1 75 ? -2.967  1.417   16.292  1.00 39.61  ? 75  ARG B CG  1 
ATOM   1206 C CD  . ARG B 1 75 ? -3.632  2.762   16.679  1.00 46.90  ? 75  ARG B CD  1 
ATOM   1207 N NE  . ARG B 1 75 ? -3.429  3.813   15.668  1.00 48.88  ? 75  ARG B NE  1 
ATOM   1208 C CZ  . ARG B 1 75 ? -4.249  4.838   15.400  1.00 50.37  ? 75  ARG B CZ  1 
ATOM   1209 N NH1 . ARG B 1 75 ? -5.414  4.995   16.042  1.00 51.94  ? 75  ARG B NH1 1 
ATOM   1210 N NH2 . ARG B 1 75 ? -3.899  5.712   14.450  1.00 47.05  ? 75  ARG B NH2 1 
ATOM   1211 N N   . THR B 1 76 ? -3.615  -2.776  16.936  1.00 32.55  ? 76  THR B N   1 
ATOM   1212 C CA  . THR B 1 76 ? -2.873  -3.829  17.603  1.00 31.50  ? 76  THR B CA  1 
ATOM   1213 C C   . THR B 1 76 ? -2.404  -4.852  16.613  1.00 31.08  ? 76  THR B C   1 
ATOM   1214 O O   . THR B 1 76 ? -1.235  -5.245  16.613  1.00 31.56  ? 76  THR B O   1 
ATOM   1215 C CB  . THR B 1 76 ? -3.782  -4.501  18.628  1.00 31.82  ? 76  THR B CB  1 
ATOM   1216 O OG1 . THR B 1 76 ? -4.049  -3.527  19.614  1.00 31.46  ? 76  THR B OG1 1 
ATOM   1217 C CG2 . THR B 1 76 ? -3.125  -5.705  19.307  1.00 30.22  ? 76  THR B CG2 1 
ATOM   1218 N N   . TRP B 1 77 ? -3.346  -5.297  15.797  1.00 29.68  ? 77  TRP B N   1 
ATOM   1219 C CA  . TRP B 1 77 ? -3.090  -6.207  14.697  1.00 29.37  ? 77  TRP B CA  1 
ATOM   1220 C C   . TRP B 1 77 ? -1.923  -5.673  13.806  1.00 29.36  ? 77  TRP B C   1 
ATOM   1221 O O   . TRP B 1 77 ? -0.940  -6.385  13.537  1.00 29.76  ? 77  TRP B O   1 
ATOM   1222 C CB  . TRP B 1 77 ? -4.397  -6.364  13.922  1.00 28.72  ? 77  TRP B CB  1 
ATOM   1223 C CG  . TRP B 1 77 ? -4.328  -7.118  12.686  1.00 29.54  ? 77  TRP B CG  1 
ATOM   1224 C CD1 . TRP B 1 77 ? -4.416  -8.475  12.558  1.00 27.68  ? 77  TRP B CD1 1 
ATOM   1225 C CD2 . TRP B 1 77 ? -4.202  -6.589  11.325  1.00 30.34  ? 77  TRP B CD2 1 
ATOM   1226 N NE1 . TRP B 1 77 ? -4.364  -8.831  11.213  1.00 27.10  ? 77  TRP B NE1 1 
ATOM   1227 C CE2 . TRP B 1 77 ? -4.212  -7.708  10.441  1.00 27.77  ? 77  TRP B CE2 1 
ATOM   1228 C CE3 . TRP B 1 77 ? -4.073  -5.280  10.776  1.00 31.96  ? 77  TRP B CE3 1 
ATOM   1229 C CZ2 . TRP B 1 77 ? -4.085  -7.574  9.037   1.00 29.98  ? 77  TRP B CZ2 1 
ATOM   1230 C CZ3 . TRP B 1 77 ? -3.960  -5.132  9.352   1.00 30.80  ? 77  TRP B CZ3 1 
ATOM   1231 C CH2 . TRP B 1 77 ? -3.967  -6.293  8.505   1.00 30.94  ? 77  TRP B CH2 1 
ATOM   1232 N N   . LEU B 1 78 ? -2.010  -4.400  13.426  1.00 28.15  ? 78  LEU B N   1 
ATOM   1233 C CA  . LEU B 1 78 ? -1.034  -3.764  12.532  1.00 27.50  ? 78  LEU B CA  1 
ATOM   1234 C C   . LEU B 1 78 ? 0.344   -3.670  13.157  1.00 27.72  ? 78  LEU B C   1 
ATOM   1235 O O   . LEU B 1 78 ? 1.325   -3.993  12.510  1.00 27.94  ? 78  LEU B O   1 
ATOM   1236 C CB  . LEU B 1 78 ? -1.500  -2.361  12.135  1.00 26.45  ? 78  LEU B CB  1 
ATOM   1237 C CG  . LEU B 1 78 ? -0.570  -1.588  11.253  1.00 24.01  ? 78  LEU B CG  1 
ATOM   1238 C CD1 . LEU B 1 78 ? -0.352  -2.337  9.929   1.00 20.71  ? 78  LEU B CD1 1 
ATOM   1239 C CD2 . LEU B 1 78 ? -1.206  -0.213  11.058  1.00 23.78  ? 78  LEU B CD2 1 
ATOM   1240 N N   . LEU B 1 79 ? 0.402   -3.232  14.411  1.00 27.96  ? 79  LEU B N   1 
ATOM   1241 C CA  . LEU B 1 79 ? 1.645   -3.202  15.170  1.00 27.67  ? 79  LEU B CA  1 
ATOM   1242 C C   . LEU B 1 79 ? 2.208   -4.626  15.452  1.00 27.67  ? 79  LEU B C   1 
ATOM   1243 O O   . LEU B 1 79 ? 3.435   -4.829  15.412  1.00 27.15  ? 79  LEU B O   1 
ATOM   1244 C CB  . LEU B 1 79 ? 1.497   -2.347  16.446  1.00 27.65  ? 79  LEU B CB  1 
ATOM   1245 C CG  . LEU B 1 79 ? 1.093   -0.875  16.186  1.00 26.95  ? 79  LEU B CG  1 
ATOM   1246 C CD1 . LEU B 1 79 ? 1.037   -0.029  17.473  1.00 25.94  ? 79  LEU B CD1 1 
ATOM   1247 C CD2 . LEU B 1 79 ? 2.015   -0.236  15.146  1.00 23.20  ? 79  LEU B CD2 1 
ATOM   1248 N N   . ALA B 1 80 ? 1.345   -5.631  15.671  1.00 26.95  ? 80  ALA B N   1 
ATOM   1249 C CA  . ALA B 1 80 ? 1.895   -7.004  15.743  1.00 25.98  ? 80  ALA B CA  1 
ATOM   1250 C C   . ALA B 1 80 ? 2.668   -7.343  14.457  1.00 26.53  ? 80  ALA B C   1 
ATOM   1251 O O   . ALA B 1 80 ? 3.778   -7.890  14.520  1.00 26.81  ? 80  ALA B O   1 
ATOM   1252 C CB  . ALA B 1 80 ? 0.853   -8.020  16.028  1.00 24.29  ? 80  ALA B CB  1 
ATOM   1253 N N   . ILE B 1 81 ? 2.103   -7.018  13.297  1.00 26.89  ? 81  ILE B N   1 
ATOM   1254 C CA  . ILE B 1 81 ? 2.822   -7.236  12.031  1.00 27.30  ? 81  ILE B CA  1 
ATOM   1255 C C   . ILE B 1 81 ? 4.090   -6.418  12.009  1.00 28.42  ? 81  ILE B C   1 
ATOM   1256 O O   . ILE B 1 81 ? 5.131   -6.928  11.616  1.00 29.58  ? 81  ILE B O   1 
ATOM   1257 C CB  . ILE B 1 81 ? 1.975   -6.843  10.808  1.00 27.08  ? 81  ILE B CB  1 
ATOM   1258 C CG1 . ILE B 1 81 ? 0.700   -7.664  10.811  1.00 24.29  ? 81  ILE B CG1 1 
ATOM   1259 C CG2 . ILE B 1 81 ? 2.812   -6.914  9.487   1.00 24.94  ? 81  ILE B CG2 1 
ATOM   1260 C CD1 . ILE B 1 81 ? -0.252  -7.233  9.708   1.00 27.88  ? 81  ILE B CD1 1 
ATOM   1261 N N   . ALA B 1 82 ? 4.017   -5.154  12.448  1.00 29.10  ? 82  ALA B N   1 
ATOM   1262 C CA  . ALA B 1 82 ? 5.229   -4.299  12.490  1.00 29.78  ? 82  ALA B CA  1 
ATOM   1263 C C   . ALA B 1 82 ? 6.331   -4.984  13.294  1.00 30.42  ? 82  ALA B C   1 
ATOM   1264 O O   . ALA B 1 82 ? 7.497   -4.863  12.968  1.00 30.63  ? 82  ALA B O   1 
ATOM   1265 C CB  . ALA B 1 82 ? 4.933   -2.922  13.055  1.00 28.64  ? 82  ALA B CB  1 
ATOM   1266 N N   . ARG B 1 83 ? 5.940   -5.695  14.348  1.00 31.57  ? 83  ARG B N   1 
ATOM   1267 C CA  . ARG B 1 83 ? 6.875   -6.361  15.175  1.00 33.26  ? 83  ARG B CA  1 
ATOM   1268 C C   . ARG B 1 83 ? 7.552   -7.521  14.481  1.00 34.20  ? 83  ARG B C   1 
ATOM   1269 O O   . ARG B 1 83 ? 8.778   -7.644  14.568  1.00 34.39  ? 83  ARG B O   1 
ATOM   1270 C CB  . ARG B 1 83 ? 6.188   -6.862  16.366  1.00 33.34  ? 83  ARG B CB  1 
ATOM   1271 C CG  . ARG B 1 83 ? 6.831   -6.312  17.551  1.00 37.65  ? 83  ARG B CG  1 
ATOM   1272 C CD  . ARG B 1 83 ? 6.219   -6.868  18.765  1.00 40.31  ? 83  ARG B CD  1 
ATOM   1273 N NE  . ARG B 1 83 ? 5.199   -6.040  19.351  1.00 43.54  ? 83  ARG B NE  1 
ATOM   1274 C CZ  . ARG B 1 83 ? 3.880   -6.265  19.290  1.00 48.20  ? 83  ARG B CZ  1 
ATOM   1275 N NH1 . ARG B 1 83 ? 3.261   -7.286  18.668  1.00 49.01  ? 83  ARG B NH1 1 
ATOM   1276 N NH2 . ARG B 1 83 ? 3.140   -5.420  19.911  1.00 45.21  ? 83  ARG B NH2 1 
ATOM   1277 N N   . HIS B 1 84 ? 6.783   -8.334  13.756  1.00 34.97  ? 84  HIS B N   1 
ATOM   1278 C CA  . HIS B 1 84 ? 7.370   -9.433  12.990  1.00 36.08  ? 84  HIS B CA  1 
ATOM   1279 C C   . HIS B 1 84 ? 8.342   -8.867  11.970  1.00 35.70  ? 84  HIS B C   1 
ATOM   1280 O O   . HIS B 1 84 ? 9.485   -9.357  11.853  1.00 35.93  ? 84  HIS B O   1 
ATOM   1281 C CB  . HIS B 1 84 ? 6.321   -10.324 12.345  1.00 36.84  ? 84  HIS B CB  1 
ATOM   1282 C CG  . HIS B 1 84 ? 5.465   -11.078 13.329  1.00 43.21  ? 84  HIS B CG  1 
ATOM   1283 N ND1 . HIS B 1 84 ? 5.620   -12.426 13.578  1.00 49.95  ? 84  HIS B ND1 1 
ATOM   1284 C CD2 . HIS B 1 84 ? 4.423   -10.682 14.108  1.00 48.93  ? 84  HIS B CD2 1 
ATOM   1285 C CE1 . HIS B 1 84 ? 4.725   -12.829 14.469  1.00 50.86  ? 84  HIS B CE1 1 
ATOM   1286 N NE2 . HIS B 1 84 ? 3.983   -11.789 14.806  1.00 51.55  ? 84  HIS B NE2 1 
ATOM   1287 N N   . VAL B 1 85 ? 7.939   -7.785  11.293  1.00 35.15  ? 85  VAL B N   1 
ATOM   1288 C CA  . VAL B 1 85 ? 8.829   -7.144  10.288  1.00 34.32  ? 85  VAL B CA  1 
ATOM   1289 C C   . VAL B 1 85 ? 10.145  -6.678  10.896  1.00 34.56  ? 85  VAL B C   1 
ATOM   1290 O O   . VAL B 1 85 ? 11.209  -6.857  10.314  1.00 34.37  ? 85  VAL B O   1 
ATOM   1291 C CB  . VAL B 1 85 ? 8.126   -6.013  9.531   1.00 34.06  ? 85  VAL B CB  1 
ATOM   1292 C CG1 . VAL B 1 85 ? 9.116   -5.241  8.686   1.00 32.57  ? 85  VAL B CG1 1 
ATOM   1293 C CG2 . VAL B 1 85 ? 6.966   -6.591  8.697   1.00 32.15  ? 85  VAL B CG2 1 
ATOM   1294 N N   . VAL B 1 86 ? 10.085  -6.100  12.080  1.00 35.53  ? 86  VAL B N   1 
ATOM   1295 C CA  . VAL B 1 86 ? 11.327  -5.726  12.770  1.00 36.62  ? 86  VAL B CA  1 
ATOM   1296 C C   . VAL B 1 86 ? 12.182  -6.952  13.225  1.00 36.92  ? 86  VAL B C   1 
ATOM   1297 O O   . VAL B 1 86 ? 13.409  -6.962  13.064  1.00 36.35  ? 86  VAL B O   1 
ATOM   1298 C CB  . VAL B 1 86 ? 11.047  -4.730  13.922  1.00 36.47  ? 86  VAL B CB  1 
ATOM   1299 C CG1 . VAL B 1 86 ? 12.356  -4.421  14.700  1.00 36.63  ? 86  VAL B CG1 1 
ATOM   1300 C CG2 . VAL B 1 86 ? 10.448  -3.456  13.346  1.00 34.58  ? 86  VAL B CG2 1 
ATOM   1301 N N   . ALA B 1 87 ? 11.515  -7.948  13.808  1.00 37.73  ? 87  ALA B N   1 
ATOM   1302 C CA  . ALA B 1 87 ? 12.144  -9.203  14.198  1.00 38.88  ? 87  ALA B CA  1 
ATOM   1303 C C   . ALA B 1 87 ? 12.897  -9.812  12.977  1.00 40.51  ? 87  ALA B C   1 
ATOM   1304 O O   . ALA B 1 87 ? 14.106  -10.071 13.067  1.00 41.92  ? 87  ALA B O   1 
ATOM   1305 C CB  . ALA B 1 87 ? 11.136  -10.169 14.773  1.00 37.33  ? 87  ALA B CB  1 
ATOM   1306 N N   . ASP B 1 88 ? 12.231  -10.001 11.867  1.00 40.98  ? 88  ASP B N   1 
ATOM   1307 C CA  . ASP B 1 88 ? 12.919  -10.433 10.691  1.00 41.94  ? 88  ASP B CA  1 
ATOM   1308 C C   . ASP B 1 88 ? 14.147  -9.631  10.339  1.00 43.62  ? 88  ASP B C   1 
ATOM   1309 O O   . ASP B 1 88 ? 15.072  -10.165 9.826   1.00 44.25  ? 88  ASP B O   1 
ATOM   1310 C CB  . ASP B 1 88 ? 11.972  -10.494 9.524   1.00 40.88  ? 88  ASP B CB  1 
ATOM   1311 C CG  . ASP B 1 88 ? 10.859  -11.426 9.750   1.00 41.65  ? 88  ASP B CG  1 
ATOM   1312 O OD1 . ASP B 1 88 ? 10.925  -12.188 10.681  1.00 43.24  ? 88  ASP B OD1 1 
ATOM   1313 O OD2 . ASP B 1 88 ? 9.908   -11.425 9.002   1.00 44.25  ? 88  ASP B OD2 1 
ATOM   1314 N N   . HIS B 1 89 ? 14.167  -8.349  10.612  1.00 46.18  ? 89  HIS B N   1 
ATOM   1315 C CA  . HIS B 1 89 ? 15.121  -7.474  9.988   1.00 48.92  ? 89  HIS B CA  1 
ATOM   1316 C C   . HIS B 1 89 ? 16.362  -7.510  10.790  1.00 51.45  ? 89  HIS B C   1 
ATOM   1317 O O   . HIS B 1 89 ? 17.390  -7.054  10.364  1.00 52.70  ? 89  HIS B O   1 
ATOM   1318 C CB  . HIS B 1 89 ? 14.585  -6.062  9.959   1.00 49.17  ? 89  HIS B CB  1 
ATOM   1319 C CG  . HIS B 1 89 ? 15.625  -4.993  9.839   1.00 50.87  ? 89  HIS B CG  1 
ATOM   1320 N ND1 . HIS B 1 89 ? 16.287  -4.728  8.668   1.00 53.46  ? 89  HIS B ND1 1 
ATOM   1321 C CD2 . HIS B 1 89 ? 16.062  -4.072  10.724  1.00 52.72  ? 89  HIS B CD2 1 
ATOM   1322 C CE1 . HIS B 1 89 ? 17.112  -3.720  8.848   1.00 52.48  ? 89  HIS B CE1 1 
ATOM   1323 N NE2 . HIS B 1 89 ? 16.994  -3.303  10.088  1.00 52.32  ? 89  HIS B NE2 1 
ATOM   1324 N N   . ILE B 1 90 ? 16.290  -8.069  11.972  1.00 53.71  ? 90  ILE B N   1 
ATOM   1325 C CA  . ILE B 1 90 ? 17.487  -8.194  12.736  1.00 55.62  ? 90  ILE B CA  1 
ATOM   1326 C C   . ILE B 1 90 ? 18.087  -9.578  12.741  1.00 57.11  ? 90  ILE B C   1 
ATOM   1327 O O   . ILE B 1 90 ? 17.584  -10.472 13.374  1.00 56.78  ? 90  ILE B O   1 
ATOM   1328 C CB  . ILE B 1 90 ? 17.412  -7.475  14.072  1.00 56.25  ? 90  ILE B CB  1 
ATOM   1329 C CG1 . ILE B 1 90 ? 16.156  -7.813  14.836  1.00 55.98  ? 90  ILE B CG1 1 
ATOM   1330 C CG2 . ILE B 1 90 ? 17.234  -6.004  13.841  1.00 56.54  ? 90  ILE B CG2 1 
ATOM   1331 C CD1 . ILE B 1 90 ? 15.747  -6.705  15.724  1.00 54.70  ? 90  ILE B CD1 1 
ATOM   1332 N N   . ARG B 1 91 ? 19.152  -9.755  11.970  1.00 20.00  ? 91  ARG B N   1 
ATOM   1333 C CA  . ARG B 1 91 ? 19.046  -9.809  10.517  1.00 20.00  ? 91  ARG B CA  1 
ATOM   1334 C C   . ARG B 1 91 ? 18.655  -11.195 10.086  1.00 20.00  ? 91  ARG B C   1 
ATOM   1335 O O   . ARG B 1 91 ? 18.327  -12.021 10.922  1.00 64.01  ? 91  ARG B O   1 
ATOM   1336 C CB  . ARG B 1 91 ? 20.339  -9.408  9.819   1.00 20.00  ? 91  ARG B CB  1 
ATOM   1337 C CG  . ARG B 1 91 ? 21.263  -8.451  10.564  1.00 20.00  ? 91  ARG B CG  1 
ATOM   1338 C CD  . ARG B 1 91 ? 22.668  -8.977  10.497  1.00 20.00  ? 91  ARG B CD  1 
ATOM   1339 N NE  . ARG B 1 91 ? 22.622  -10.392 10.163  1.00 20.00  ? 91  ARG B NE  1 
ATOM   1340 C CZ  . ARG B 1 91 ? 23.372  -10.983 9.248   1.00 20.00  ? 91  ARG B CZ  1 
ATOM   1341 N NH1 . ARG B 1 91 ? 24.271  -10.295 8.573   1.00 20.00  ? 91  ARG B NH1 1 
ATOM   1342 N NH2 . ARG B 1 91 ? 23.229  -12.276 9.027   1.00 20.00  ? 91  ARG B NH2 1 
HETATM 1343 S S   . SO4 C 2 .  ? -7.817  -5.373  -1.415  1.00 115.13 ? 113 SO4 A S   1 
HETATM 1344 O O1  . SO4 C 2 .  ? -8.025  -3.896  -1.442  1.00 113.89 ? 113 SO4 A O1  1 
HETATM 1345 O O2  . SO4 C 2 .  ? -7.118  -5.797  -2.634  1.00 114.49 ? 113 SO4 A O2  1 
HETATM 1346 O O3  . SO4 C 2 .  ? -7.005  -5.867  -0.255  1.00 114.81 ? 113 SO4 A O3  1 
HETATM 1347 O O4  . SO4 C 2 .  ? -9.162  -5.982  -1.366  1.00 115.00 ? 113 SO4 A O4  1 
HETATM 1348 S S   . SO4 D 2 .  ? 2.785   0.834   0.364   1.00 102.01 ? 113 SO4 B S   1 
HETATM 1349 O O1  . SO4 D 2 .  ? 1.438   1.342   0.640   1.00 100.35 ? 113 SO4 B O1  1 
HETATM 1350 O O2  . SO4 D 2 .  ? 3.202   1.306   -0.965  1.00 101.07 ? 113 SO4 B O2  1 
HETATM 1351 O O3  . SO4 D 2 .  ? 3.658   1.305   1.449   1.00 102.08 ? 113 SO4 B O3  1 
HETATM 1352 O O4  . SO4 D 2 .  ? 2.878   -0.627  0.369   1.00 101.09 ? 113 SO4 B O4  1 
HETATM 1353 S S   . SO4 E 2 .  ? -6.951  -4.620  21.425  1.00 86.62  ? 114 SO4 B S   1 
HETATM 1354 O O1  . SO4 E 2 .  ? -8.372  -4.978  21.528  1.00 87.21  ? 114 SO4 B O1  1 
HETATM 1355 O O2  . SO4 E 2 .  ? -6.573  -4.409  20.029  1.00 89.89  ? 114 SO4 B O2  1 
HETATM 1356 O O3  . SO4 E 2 .  ? -6.691  -3.346  22.093  1.00 87.55  ? 114 SO4 B O3  1 
HETATM 1357 O O4  . SO4 E 2 .  ? -6.133  -5.705  22.001  1.00 87.75  ? 114 SO4 B O4  1 
HETATM 1358 S S   . SO4 F 2 .  ? 17.552  6.503   16.001  1.00 101.92 ? 115 SO4 B S   1 
HETATM 1359 O O1  . SO4 F 2 .  ? 17.129  7.908   16.054  1.00 101.90 ? 115 SO4 B O1  1 
HETATM 1360 O O2  . SO4 F 2 .  ? 18.142  6.171   14.699  1.00 102.50 ? 115 SO4 B O2  1 
HETATM 1361 O O3  . SO4 F 2 .  ? 18.520  6.260   17.076  1.00 101.93 ? 115 SO4 B O3  1 
HETATM 1362 O O4  . SO4 F 2 .  ? 16.384  5.638   16.184  1.00 102.82 ? 115 SO4 B O4  1 
HETATM 1363 O O   . HOH G 3 .  ? 4.101   -11.396 -2.200  1.00 31.50  ? 114 HOH A O   1 
HETATM 1364 O O   . HOH G 3 .  ? -2.172  -1.553  -22.921 1.00 35.36  ? 115 HOH A O   1 
HETATM 1365 O O   . HOH G 3 .  ? -7.495  11.915  -6.476  1.00 39.99  ? 116 HOH A O   1 
HETATM 1366 O O   . HOH G 3 .  ? 7.009   -11.623 -24.868 1.00 41.71  ? 117 HOH A O   1 
HETATM 1367 O O   . HOH G 3 .  ? 2.718   -13.841 -22.954 1.00 28.09  ? 118 HOH A O   1 
HETATM 1368 O O   . HOH G 3 .  ? 10.485  1.442   -5.663  1.00 46.57  ? 119 HOH A O   1 
HETATM 1369 O O   . HOH G 3 .  ? 12.305  8.132   -20.268 1.00 41.33  ? 120 HOH A O   1 
HETATM 1370 O O   . HOH G 3 .  ? 0.539   -4.888  -17.043 1.00 34.16  ? 121 HOH A O   1 
HETATM 1371 O O   . HOH G 3 .  ? -1.742  -6.832  -20.097 1.00 28.36  ? 122 HOH A O   1 
HETATM 1372 O O   . HOH G 3 .  ? -5.550  -12.383 0.171   1.00 37.59  ? 123 HOH A O   1 
HETATM 1373 O O   . HOH G 3 .  ? 16.285  15.599  -7.310  1.00 35.07  ? 124 HOH A O   1 
HETATM 1374 O O   . HOH G 3 .  ? 6.261   -10.284 -12.366 1.00 39.39  ? 125 HOH A O   1 
HETATM 1375 O O   . HOH G 3 .  ? 9.248   -3.332  -9.100  1.00 34.33  ? 126 HOH A O   1 
HETATM 1376 O O   . HOH H 3 .  ? -9.070  8.337   11.190  1.00 38.62  ? 116 HOH B O   1 
HETATM 1377 O O   . HOH H 3 .  ? -13.329 1.104   -3.136  1.00 34.27  ? 117 HOH B O   1 
HETATM 1378 O O   . HOH H 3 .  ? -14.482 -2.290  17.800  1.00 44.84  ? 118 HOH B O   1 
HETATM 1379 O O   . HOH H 3 .  ? -7.481  0.204   15.855  1.00 34.33  ? 119 HOH B O   1 
HETATM 1380 O O   . HOH H 3 .  ? 5.197   8.747   8.213   1.00 45.78  ? 120 HOH B O   1 
HETATM 1381 O O   . HOH H 3 .  ? 0.459   -5.340  18.774  1.00 37.78  ? 121 HOH B O   1 
HETATM 1382 O O   . HOH H 3 .  ? 1.582   -12.260 16.429  1.00 40.96  ? 122 HOH B O   1 
# 
loop_
_pdbx_poly_seq_scheme.asym_id 
_pdbx_poly_seq_scheme.entity_id 
_pdbx_poly_seq_scheme.seq_id 
_pdbx_poly_seq_scheme.mon_id 
_pdbx_poly_seq_scheme.ndb_seq_num 
_pdbx_poly_seq_scheme.pdb_seq_num 
_pdbx_poly_seq_scheme.auth_seq_num 
_pdbx_poly_seq_scheme.pdb_mon_id 
_pdbx_poly_seq_scheme.auth_mon_id 
_pdbx_poly_seq_scheme.pdb_strand_id 
_pdbx_poly_seq_scheme.pdb_ins_code 
_pdbx_poly_seq_scheme.hetero 
A 1 1   MET 1   1   ?  ?   ?   A . n 
A 1 2   THR 2   2   ?  ?   ?   A . n 
A 1 3   ALA 3   3   ?  ?   ?   A . n 
A 1 4   THR 4   4   4  THR THR A . n 
A 1 5   ALA 5   5   5  ALA ALA A . n 
A 1 6   SER 6   6   6  SER SER A . n 
A 1 7   ASP 7   7   7  ASP ASP A . n 
A 1 8   ASP 8   8   8  ASP ASP A . n 
A 1 9   GLU 9   9   9  GLU GLU A . n 
A 1 10  ALA 10  10  10 ALA ALA A . n 
A 1 11  VAL 11  11  11 VAL VAL A . n 
A 1 12  THR 12  12  12 THR THR A . n 
A 1 13  ALA 13  13  13 ALA ALA A . n 
A 1 14  LEU 14  14  14 LEU LEU A . n 
A 1 15  ALA 15  15  15 ALA ALA A . n 
A 1 16  LEU 16  16  16 LEU LEU A . n 
A 1 17  SER 17  17  17 SER SER A . n 
A 1 18  ALA 18  18  18 ALA ALA A . n 
A 1 19  ALA 19  19  19 ALA ALA A . n 
A 1 20  LYS 20  20  20 LYS LYS A . n 
A 1 21  GLY 21  21  21 GLY GLY A . n 
A 1 22  ASN 22  22  22 ASN ASN A . n 
A 1 23  GLY 23  23  23 GLY GLY A . n 
A 1 24  ARG 24  24  24 ARG ARG A . n 
A 1 25  ALA 25  25  25 ALA ALA A . n 
A 1 26  LEU 26  26  26 LEU LEU A . n 
A 1 27  GLU 27  27  27 GLU GLU A . n 
A 1 28  ALA 28  28  28 ALA ALA A . n 
A 1 29  PHE 29  29  29 PHE PHE A . n 
A 1 30  ILE 30  30  30 ILE ILE A . n 
A 1 31  LYS 31  31  31 LYS LYS A . n 
A 1 32  ALA 32  32  32 ALA ALA A . n 
A 1 33  THR 33  33  33 THR THR A . n 
A 1 34  GLN 34  34  34 GLN GLN A . n 
A 1 35  GLN 35  35  35 GLN GLN A . n 
A 1 36  ASP 36  36  36 ASP ASP A . n 
A 1 37  VAL 37  37  37 VAL VAL A . n 
A 1 38  TRP 38  38  38 TRP TRP A . n 
A 1 39  ARG 39  39  39 ARG ARG A . n 
A 1 40  PHE 40  40  40 PHE PHE A . n 
A 1 41  VAL 41  41  41 VAL VAL A . n 
A 1 42  ALA 42  42  42 ALA ALA A . n 
A 1 43  TYR 43  43  43 TYR TYR A . n 
A 1 44  LEU 44  44  44 LEU LEU A . n 
A 1 45  SER 45  45  45 SER SER A . n 
A 1 46  ASP 46  46  46 ASP ASP A . n 
A 1 47  VAL 47  47  47 VAL VAL A . n 
A 1 48  GLY 48  48  48 GLY GLY A . n 
A 1 49  SER 49  49  49 SER SER A . n 
A 1 50  ALA 50  50  50 ALA ALA A . n 
A 1 51  ASP 51  51  51 ASP ASP A . n 
A 1 52  ASP 52  52  52 ASP ASP A . n 
A 1 53  LEU 53  53  53 LEU LEU A . n 
A 1 54  THR 54  54  54 THR THR A . n 
A 1 55  GLN 55  55  55 GLN GLN A . n 
A 1 56  GLU 56  56  56 GLU GLU A . n 
A 1 57  THR 57  57  57 THR THR A . n 
A 1 58  PHE 58  58  58 PHE PHE A . n 
A 1 59  LEU 59  59  59 LEU LEU A . n 
A 1 60  ARG 60  60  60 ARG ARG A . n 
A 1 61  ALA 61  61  61 ALA ALA A . n 
A 1 62  ILE 62  62  62 ILE ILE A . n 
A 1 63  GLY 63  63  63 GLY GLY A . n 
A 1 64  ALA 64  64  64 ALA ALA A . n 
A 1 65  ILE 65  65  65 ILE ILE A . n 
A 1 66  PRO 66  66  66 PRO PRO A . n 
A 1 67  ARG 67  67  67 ARG ARG A . n 
A 1 68  PHE 68  68  68 PHE PHE A . n 
A 1 69  SER 69  69  69 SER SER A . n 
A 1 70  ALA 70  70  70 ALA ALA A . n 
A 1 71  ARG 71  71  71 ARG ARG A . n 
A 1 72  SER 72  72  72 SER SER A . n 
A 1 73  SER 73  73  73 SER SER A . n 
A 1 74  ALA 74  74  74 ALA ALA A . n 
A 1 75  ARG 75  75  75 ARG ARG A . n 
A 1 76  THR 76  76  76 THR THR A . n 
A 1 77  TRP 77  77  77 TRP TRP A . n 
A 1 78  LEU 78  78  78 LEU LEU A . n 
A 1 79  LEU 79  79  79 LEU LEU A . n 
A 1 80  ALA 80  80  80 ALA ALA A . n 
A 1 81  ILE 81  81  81 ILE ILE A . n 
A 1 82  ALA 82  82  82 ALA ALA A . n 
A 1 83  ARG 83  83  83 ARG ARG A . n 
A 1 84  HIS 84  84  84 HIS HIS A . n 
A 1 85  VAL 85  85  85 VAL VAL A . n 
A 1 86  VAL 86  86  86 VAL VAL A . n 
A 1 87  ALA 87  87  87 ALA ALA A . n 
A 1 88  ASP 88  88  88 ASP ASP A . n 
A 1 89  HIS 89  89  89 HIS HIS A . n 
A 1 90  ILE 90  90  90 ILE ILE A . n 
A 1 91  ARG 91  91  91 ARG ARG A . n 
A 1 92  HIS 92  92  ?  ?   ?   A . n 
A 1 93  VAL 93  93  ?  ?   ?   A . n 
A 1 94  ARG 94  94  ?  ?   ?   A . n 
A 1 95  SER 95  95  ?  ?   ?   A . n 
A 1 96  ARG 96  96  ?  ?   ?   A . n 
A 1 97  PRO 97  97  ?  ?   ?   A . n 
A 1 98  ARG 98  98  ?  ?   ?   A . n 
A 1 99  THR 99  99  ?  ?   ?   A . n 
A 1 100 THR 100 100 ?  ?   ?   A . n 
A 1 101 ARG 101 101 ?  ?   ?   A . n 
A 1 102 GLY 102 102 ?  ?   ?   A . n 
A 1 103 ALA 103 103 ?  ?   ?   A . n 
A 1 104 ARG 104 104 ?  ?   ?   A . n 
A 1 105 PRO 105 105 ?  ?   ?   A . n 
A 1 106 GLU 106 106 ?  ?   ?   A . n 
A 1 107 HIS 107 107 ?  ?   ?   A . n 
A 1 108 LEU 108 108 ?  ?   ?   A . n 
A 1 109 ILE 109 109 ?  ?   ?   A . n 
A 1 110 ASP 110 110 ?  ?   ?   A . n 
A 1 111 GLY 111 111 ?  ?   ?   A . n 
A 1 112 ASP 112 112 ?  ?   ?   A . n 
B 1 1   MET 1   1   ?  ?   ?   B . n 
B 1 2   THR 2   2   ?  ?   ?   B . n 
B 1 3   ALA 3   3   3  ALA ALA B . n 
B 1 4   THR 4   4   4  THR GLY B . n 
B 1 5   ALA 5   5   5  ALA ALA B . n 
B 1 6   SER 6   6   6  SER SER B . n 
B 1 7   ASP 7   7   7  ASP ASP B . n 
B 1 8   ASP 8   8   8  ASP ASP B . n 
B 1 9   GLU 9   9   9  GLU GLU B . n 
B 1 10  ALA 10  10  10 ALA ALA B . n 
B 1 11  VAL 11  11  11 VAL VAL B . n 
B 1 12  THR 12  12  12 THR THR B . n 
B 1 13  ALA 13  13  13 ALA ALA B . n 
B 1 14  LEU 14  14  14 LEU LEU B . n 
B 1 15  ALA 15  15  15 ALA ALA B . n 
B 1 16  LEU 16  16  16 LEU LEU B . n 
B 1 17  SER 17  17  17 SER SER B . n 
B 1 18  ALA 18  18  18 ALA ALA B . n 
B 1 19  ALA 19  19  19 ALA ALA B . n 
B 1 20  LYS 20  20  20 LYS LYS B . n 
B 1 21  GLY 21  21  21 GLY GLY B . n 
B 1 22  ASN 22  22  22 ASN ASN B . n 
B 1 23  GLY 23  23  23 GLY GLY B . n 
B 1 24  ARG 24  24  24 ARG ARG B . n 
B 1 25  ALA 25  25  25 ALA ALA B . n 
B 1 26  LEU 26  26  26 LEU LEU B . n 
B 1 27  GLU 27  27  27 GLU GLU B . n 
B 1 28  ALA 28  28  28 ALA ALA B . n 
B 1 29  PHE 29  29  29 PHE PHE B . n 
B 1 30  ILE 30  30  30 ILE ILE B . n 
B 1 31  LYS 31  31  31 LYS LYS B . n 
B 1 32  ALA 32  32  32 ALA ALA B . n 
B 1 33  THR 33  33  33 THR THR B . n 
B 1 34  GLN 34  34  34 GLN GLN B . n 
B 1 35  GLN 35  35  35 GLN GLN B . n 
B 1 36  ASP 36  36  36 ASP ASP B . n 
B 1 37  VAL 37  37  37 VAL VAL B . n 
B 1 38  TRP 38  38  38 TRP TRP B . n 
B 1 39  ARG 39  39  39 ARG ARG B . n 
B 1 40  PHE 40  40  40 PHE PHE B . n 
B 1 41  VAL 41  41  41 VAL VAL B . n 
B 1 42  ALA 42  42  42 ALA ALA B . n 
B 1 43  TYR 43  43  43 TYR TYR B . n 
B 1 44  LEU 44  44  44 LEU LEU B . n 
B 1 45  SER 45  45  45 SER SER B . n 
B 1 46  ASP 46  46  46 ASP ASP B . n 
B 1 47  VAL 47  47  47 VAL VAL B . n 
B 1 48  GLY 48  48  48 GLY GLY B . n 
B 1 49  SER 49  49  49 SER SER B . n 
B 1 50  ALA 50  50  50 ALA ALA B . n 
B 1 51  ASP 51  51  51 ASP ASP B . n 
B 1 52  ASP 52  52  52 ASP ASP B . n 
B 1 53  LEU 53  53  53 LEU LEU B . n 
B 1 54  THR 54  54  54 THR THR B . n 
B 1 55  GLN 55  55  55 GLN GLN B . n 
B 1 56  GLU 56  56  56 GLU GLU B . n 
B 1 57  THR 57  57  57 THR THR B . n 
B 1 58  PHE 58  58  58 PHE PHE B . n 
B 1 59  LEU 59  59  59 LEU LEU B . n 
B 1 60  ARG 60  60  60 ARG ARG B . n 
B 1 61  ALA 61  61  61 ALA ALA B . n 
B 1 62  ILE 62  62  62 ILE ILE B . n 
B 1 63  GLY 63  63  63 GLY GLY B . n 
B 1 64  ALA 64  64  64 ALA ALA B . n 
B 1 65  ILE 65  65  65 ILE ILE B . n 
B 1 66  PRO 66  66  66 PRO PRO B . n 
B 1 67  ARG 67  67  67 ARG ARG B . n 
B 1 68  PHE 68  68  68 PHE PHE B . n 
B 1 69  SER 69  69  69 SER SER B . n 
B 1 70  ALA 70  70  70 ALA ALA B . n 
B 1 71  ARG 71  71  71 ARG ARG B . n 
B 1 72  SER 72  72  72 SER SER B . n 
B 1 73  SER 73  73  73 SER SER B . n 
B 1 74  ALA 74  74  74 ALA ALA B . n 
B 1 75  ARG 75  75  75 ARG ARG B . n 
B 1 76  THR 76  76  76 THR THR B . n 
B 1 77  TRP 77  77  77 TRP TRP B . n 
B 1 78  LEU 78  78  78 LEU LEU B . n 
B 1 79  LEU 79  79  79 LEU LEU B . n 
B 1 80  ALA 80  80  80 ALA ALA B . n 
B 1 81  ILE 81  81  81 ILE ILE B . n 
B 1 82  ALA 82  82  82 ALA ALA B . n 
B 1 83  ARG 83  83  83 ARG ARG B . n 
B 1 84  HIS 84  84  84 HIS HIS B . n 
B 1 85  VAL 85  85  85 VAL VAL B . n 
B 1 86  VAL 86  86  86 VAL VAL B . n 
B 1 87  ALA 87  87  87 ALA ALA B . n 
B 1 88  ASP 88  88  88 ASP ASP B . n 
B 1 89  HIS 89  89  89 HIS HIS B . n 
B 1 90  ILE 90  90  90 ILE ILE B . n 
B 1 91  ARG 91  91  91 ARG ARG B . n 
B 1 92  HIS 92  92  ?  ?   ?   B . n 
B 1 93  VAL 93  93  ?  ?   ?   B . n 
B 1 94  ARG 94  94  ?  ?   ?   B . n 
B 1 95  SER 95  95  ?  ?   ?   B . n 
B 1 96  ARG 96  96  ?  ?   ?   B . n 
B 1 97  PRO 97  97  ?  ?   ?   B . n 
B 1 98  ARG 98  98  ?  ?   ?   B . n 
B 1 99  THR 99  99  ?  ?   ?   B . n 
B 1 100 THR 100 100 ?  ?   ?   B . n 
B 1 101 ARG 101 101 ?  ?   ?   B . n 
B 1 102 GLY 102 102 ?  ?   ?   B . n 
B 1 103 ALA 103 103 ?  ?   ?   B . n 
B 1 104 ARG 104 104 ?  ?   ?   B . n 
B 1 105 PRO 105 105 ?  ?   ?   B . n 
B 1 106 GLU 106 106 ?  ?   ?   B . n 
B 1 107 HIS 107 107 ?  ?   ?   B . n 
B 1 108 LEU 108 108 ?  ?   ?   B . n 
B 1 109 ILE 109 109 ?  ?   ?   B . n 
B 1 110 ASP 110 110 ?  ?   ?   B . n 
B 1 111 GLY 111 111 ?  ?   ?   B . n 
B 1 112 ASP 112 112 ?  ?   ?   B . n 
# 
loop_
_pdbx_nonpoly_scheme.asym_id 
_pdbx_nonpoly_scheme.entity_id 
_pdbx_nonpoly_scheme.mon_id 
_pdbx_nonpoly_scheme.ndb_seq_num 
_pdbx_nonpoly_scheme.pdb_seq_num 
_pdbx_nonpoly_scheme.auth_seq_num 
_pdbx_nonpoly_scheme.pdb_mon_id 
_pdbx_nonpoly_scheme.auth_mon_id 
_pdbx_nonpoly_scheme.pdb_strand_id 
_pdbx_nonpoly_scheme.pdb_ins_code 
C 2 SO4 1  113 102 SO4 SO4 A . 
D 2 SO4 1  113 101 SO4 SO4 B . 
E 2 SO4 1  114 103 SO4 SO4 B . 
F 2 SO4 1  115 104 SO4 SO4 B . 
G 3 HOH 1  114 1   HOH HOH A . 
G 3 HOH 2  115 2   HOH HOH A . 
G 3 HOH 3  116 4   HOH HOH A . 
G 3 HOH 4  117 7   HOH HOH A . 
G 3 HOH 5  118 8   HOH HOH A . 
G 3 HOH 6  119 9   HOH HOH A . 
G 3 HOH 7  120 10  HOH HOH A . 
G 3 HOH 8  121 13  HOH HOH A . 
G 3 HOH 9  122 15  HOH HOH A . 
G 3 HOH 10 123 16  HOH HOH A . 
G 3 HOH 11 124 17  HOH HOH A . 
G 3 HOH 12 125 19  HOH HOH A . 
G 3 HOH 13 126 20  HOH HOH A . 
H 3 HOH 1  116 3   HOH HOH B . 
H 3 HOH 2  117 5   HOH HOH B . 
H 3 HOH 3  118 6   HOH HOH B . 
H 3 HOH 4  119 11  HOH HOH B . 
H 3 HOH 5  120 12  HOH HOH B . 
H 3 HOH 6  121 14  HOH HOH B . 
H 3 HOH 7  122 18  HOH HOH B . 
# 
_pdbx_struct_assembly.id                   1 
_pdbx_struct_assembly.details              author_and_software_defined_assembly 
_pdbx_struct_assembly.method_details       PISA 
_pdbx_struct_assembly.oligomeric_details   dimeric 
_pdbx_struct_assembly.oligomeric_count     2 
# 
_pdbx_struct_assembly_gen.assembly_id       1 
_pdbx_struct_assembly_gen.oper_expression   1 
_pdbx_struct_assembly_gen.asym_id_list      A,B,C,D,E,F,G,H 
# 
loop_
_pdbx_struct_assembly_prop.biol_id 
_pdbx_struct_assembly_prop.type 
_pdbx_struct_assembly_prop.value 
_pdbx_struct_assembly_prop.details 
1 'ABSA (A^2)' 2230 ? 
1 MORE         -68  ? 
1 'SSA (A^2)'  9300 ? 
# 
_pdbx_struct_oper_list.id                   1 
_pdbx_struct_oper_list.type                 'identity operation' 
_pdbx_struct_oper_list.name                 1_555 
_pdbx_struct_oper_list.symmetry_operation   x,y,z 
_pdbx_struct_oper_list.matrix[1][1]         1.0000000000 
_pdbx_struct_oper_list.matrix[1][2]         0.0000000000 
_pdbx_struct_oper_list.matrix[1][3]         0.0000000000 
_pdbx_struct_oper_list.vector[1]            0.0000000000 
_pdbx_struct_oper_list.matrix[2][1]         0.0000000000 
_pdbx_struct_oper_list.matrix[2][2]         1.0000000000 
_pdbx_struct_oper_list.matrix[2][3]         0.0000000000 
_pdbx_struct_oper_list.vector[2]            0.0000000000 
_pdbx_struct_oper_list.matrix[3][1]         0.0000000000 
_pdbx_struct_oper_list.matrix[3][2]         0.0000000000 
_pdbx_struct_oper_list.matrix[3][3]         1.0000000000 
_pdbx_struct_oper_list.vector[3]            0.0000000000 
# 
loop_
_pdbx_audit_revision_history.ordinal 
_pdbx_audit_revision_history.data_content_type 
_pdbx_audit_revision_history.major_revision 
_pdbx_audit_revision_history.minor_revision 
_pdbx_audit_revision_history.revision_date 
1 'Structure model' 1 0 2006-12-26 
2 'Structure model' 1 1 2008-05-01 
3 'Structure model' 1 2 2011-07-13 
4 'Structure model' 1 3 2017-10-18 
5 'Structure model' 1 4 2023-10-25 
# 
_pdbx_audit_revision_details.ordinal             1 
_pdbx_audit_revision_details.revision_ordinal    1 
_pdbx_audit_revision_details.data_content_type   'Structure model' 
_pdbx_audit_revision_details.provider            repository 
_pdbx_audit_revision_details.type                'Initial release' 
_pdbx_audit_revision_details.description         ? 
_pdbx_audit_revision_details.details             ? 
# 
loop_
_pdbx_audit_revision_group.ordinal 
_pdbx_audit_revision_group.revision_ordinal 
_pdbx_audit_revision_group.data_content_type 
_pdbx_audit_revision_group.group 
1 2 'Structure model' 'Version format compliance' 
2 3 'Structure model' 'Source and taxonomy'       
3 3 'Structure model' 'Version format compliance' 
4 4 'Structure model' 'Refinement description'    
5 5 'Structure model' 'Data collection'           
6 5 'Structure model' 'Database references'       
7 5 'Structure model' 'Derived calculations'      
8 5 'Structure model' 'Refinement description'    
# 
loop_
_pdbx_audit_revision_category.ordinal 
_pdbx_audit_revision_category.revision_ordinal 
_pdbx_audit_revision_category.data_content_type 
_pdbx_audit_revision_category.category 
1 4 'Structure model' software                      
2 5 'Structure model' chem_comp_atom                
3 5 'Structure model' chem_comp_bond                
4 5 'Structure model' database_2                    
5 5 'Structure model' pdbx_initial_refinement_model 
6 5 'Structure model' struct_ncs_dom_lim            
7 5 'Structure model' struct_site                   
# 
loop_
_pdbx_audit_revision_item.ordinal 
_pdbx_audit_revision_item.revision_ordinal 
_pdbx_audit_revision_item.data_content_type 
_pdbx_audit_revision_item.item 
1 4 'Structure model' '_software.name'                       
2 5 'Structure model' '_database_2.pdbx_DOI'                 
3 5 'Structure model' '_database_2.pdbx_database_accession'  
4 5 'Structure model' '_struct_ncs_dom_lim.beg_auth_comp_id' 
5 5 'Structure model' '_struct_ncs_dom_lim.end_auth_comp_id' 
6 5 'Structure model' '_struct_site.pdbx_auth_asym_id'       
7 5 'Structure model' '_struct_site.pdbx_auth_comp_id'       
8 5 'Structure model' '_struct_site.pdbx_auth_seq_id'        
# 
loop_
_software.name 
_software.classification 
_software.version 
_software.citation_id 
_software.pdbx_ordinal 
REFMAC refinement        5.2.0009  ? 1 
MAR345 'data collection' 345DTB    ? 2 
MOSFLM 'data reduction'  .         ? 3 
CCP4   'data scaling'    '(SCALA)' ? 4 
PHASER phasing           .         ? 5 
# 
loop_
_pdbx_validate_close_contact.id 
_pdbx_validate_close_contact.PDB_model_num 
_pdbx_validate_close_contact.auth_atom_id_1 
_pdbx_validate_close_contact.auth_asym_id_1 
_pdbx_validate_close_contact.auth_comp_id_1 
_pdbx_validate_close_contact.auth_seq_id_1 
_pdbx_validate_close_contact.PDB_ins_code_1 
_pdbx_validate_close_contact.label_alt_id_1 
_pdbx_validate_close_contact.auth_atom_id_2 
_pdbx_validate_close_contact.auth_asym_id_2 
_pdbx_validate_close_contact.auth_comp_id_2 
_pdbx_validate_close_contact.auth_seq_id_2 
_pdbx_validate_close_contact.PDB_ins_code_2 
_pdbx_validate_close_contact.label_alt_id_2 
_pdbx_validate_close_contact.dist 
1 1 O B ALA 3 ? ? CB B SER 6 ? ? 2.00 
2 1 O B ALA 3 ? ? N  B SER 6 ? ? 2.08 
# 
loop_
_pdbx_validate_rmsd_bond.id 
_pdbx_validate_rmsd_bond.PDB_model_num 
_pdbx_validate_rmsd_bond.auth_atom_id_1 
_pdbx_validate_rmsd_bond.auth_asym_id_1 
_pdbx_validate_rmsd_bond.auth_comp_id_1 
_pdbx_validate_rmsd_bond.auth_seq_id_1 
_pdbx_validate_rmsd_bond.PDB_ins_code_1 
_pdbx_validate_rmsd_bond.label_alt_id_1 
_pdbx_validate_rmsd_bond.auth_atom_id_2 
_pdbx_validate_rmsd_bond.auth_asym_id_2 
_pdbx_validate_rmsd_bond.auth_comp_id_2 
_pdbx_validate_rmsd_bond.auth_seq_id_2 
_pdbx_validate_rmsd_bond.PDB_ins_code_2 
_pdbx_validate_rmsd_bond.label_alt_id_2 
_pdbx_validate_rmsd_bond.bond_value 
_pdbx_validate_rmsd_bond.bond_target_value 
_pdbx_validate_rmsd_bond.bond_deviation 
_pdbx_validate_rmsd_bond.bond_standard_deviation 
_pdbx_validate_rmsd_bond.linker_flag 
1 1 CB  A TYR 43 ? ? CG  A TYR 43 ? ? 1.286 1.512 -0.226 0.015 N 
2 1 CD1 A TYR 43 ? ? CE1 A TYR 43 ? ? 1.189 1.389 -0.200 0.015 N 
3 1 CE2 A TYR 43 ? ? CD2 A TYR 43 ? ? 1.227 1.389 -0.162 0.015 N 
4 1 CD  B GLU 27 ? ? OE2 B GLU 27 ? ? 1.183 1.252 -0.069 0.011 N 
# 
loop_
_pdbx_validate_rmsd_angle.id 
_pdbx_validate_rmsd_angle.PDB_model_num 
_pdbx_validate_rmsd_angle.auth_atom_id_1 
_pdbx_validate_rmsd_angle.auth_asym_id_1 
_pdbx_validate_rmsd_angle.auth_comp_id_1 
_pdbx_validate_rmsd_angle.auth_seq_id_1 
_pdbx_validate_rmsd_angle.PDB_ins_code_1 
_pdbx_validate_rmsd_angle.label_alt_id_1 
_pdbx_validate_rmsd_angle.auth_atom_id_2 
_pdbx_validate_rmsd_angle.auth_asym_id_2 
_pdbx_validate_rmsd_angle.auth_comp_id_2 
_pdbx_validate_rmsd_angle.auth_seq_id_2 
_pdbx_validate_rmsd_angle.PDB_ins_code_2 
_pdbx_validate_rmsd_angle.label_alt_id_2 
_pdbx_validate_rmsd_angle.auth_atom_id_3 
_pdbx_validate_rmsd_angle.auth_asym_id_3 
_pdbx_validate_rmsd_angle.auth_comp_id_3 
_pdbx_validate_rmsd_angle.auth_seq_id_3 
_pdbx_validate_rmsd_angle.PDB_ins_code_3 
_pdbx_validate_rmsd_angle.label_alt_id_3 
_pdbx_validate_rmsd_angle.angle_value 
_pdbx_validate_rmsd_angle.angle_target_value 
_pdbx_validate_rmsd_angle.angle_deviation 
_pdbx_validate_rmsd_angle.angle_standard_deviation 
_pdbx_validate_rmsd_angle.linker_flag 
1  1 CG  A ARG 24 ? ? CD A ARG 24 ? ? NE  A ARG 24 ? ? 98.84  111.80 -12.96 2.10 N 
2  1 NE  A ARG 24 ? ? CZ A ARG 24 ? ? NH2 A ARG 24 ? ? 124.46 120.30 4.16   0.50 N 
3  1 NE  A ARG 39 ? ? CZ A ARG 39 ? ? NH1 A ARG 39 ? ? 124.12 120.30 3.82   0.50 N 
4  1 NE  A ARG 39 ? ? CZ A ARG 39 ? ? NH2 A ARG 39 ? ? 116.16 120.30 -4.14  0.50 N 
5  1 N   A TYR 43 ? ? CA A TYR 43 ? ? CB  A TYR 43 ? ? 94.75  110.60 -15.85 1.80 N 
6  1 N   A GLU 56 ? ? CA A GLU 56 ? ? C   A GLU 56 ? ? 87.90  111.00 -23.10 2.70 N 
7  1 NE  A ARG 60 ? ? CZ A ARG 60 ? ? NH1 A ARG 60 ? ? 117.25 120.30 -3.05  0.50 N 
8  1 NE  A ARG 60 ? ? CZ A ARG 60 ? ? NH2 A ARG 60 ? ? 124.03 120.30 3.73   0.50 N 
9  1 NE  A ARG 83 ? ? CZ A ARG 83 ? ? NH1 A ARG 83 ? ? 125.22 120.30 4.92   0.50 N 
10 1 NE  A ARG 83 ? ? CZ A ARG 83 ? ? NH2 A ARG 83 ? ? 115.93 120.30 -4.37  0.50 N 
11 1 OE1 B GLU 27 ? ? CD B GLU 27 ? ? OE2 B GLU 27 ? ? 113.51 123.30 -9.79  1.20 N 
12 1 NE  B ARG 39 ? ? CZ B ARG 39 ? ? NH1 B ARG 39 ? ? 115.99 120.30 -4.31  0.50 N 
13 1 NE  B ARG 39 ? ? CZ B ARG 39 ? ? NH2 B ARG 39 ? ? 124.51 120.30 4.21   0.50 N 
14 1 NE  B ARG 60 ? ? CZ B ARG 60 ? ? NH2 B ARG 60 ? ? 116.57 120.30 -3.73  0.50 N 
15 1 NE  B ARG 83 ? ? CZ B ARG 83 ? ? NH1 B ARG 83 ? ? 126.95 120.30 6.65   0.50 N 
16 1 NE  B ARG 83 ? ? CZ B ARG 83 ? ? NH2 B ARG 83 ? ? 115.80 120.30 -4.50  0.50 N 
# 
loop_
_pdbx_validate_torsion.id 
_pdbx_validate_torsion.PDB_model_num 
_pdbx_validate_torsion.auth_comp_id 
_pdbx_validate_torsion.auth_asym_id 
_pdbx_validate_torsion.auth_seq_id 
_pdbx_validate_torsion.PDB_ins_code 
_pdbx_validate_torsion.label_alt_id 
_pdbx_validate_torsion.phi 
_pdbx_validate_torsion.psi 
1 1 ALA A 42 ? ? -58.35  -7.92   
2 1 TYR A 43 ? ? -134.59 -33.40  
3 1 SER A 45 ? ? -119.13 -95.54  
4 1 THR B 4  ? ? 24.09   -56.07  
5 1 SER B 45 ? ? -129.12 -123.58 
6 1 ALA B 70 ? ? 73.99   31.34   
# 
loop_
_pdbx_validate_peptide_omega.id 
_pdbx_validate_peptide_omega.PDB_model_num 
_pdbx_validate_peptide_omega.auth_comp_id_1 
_pdbx_validate_peptide_omega.auth_asym_id_1 
_pdbx_validate_peptide_omega.auth_seq_id_1 
_pdbx_validate_peptide_omega.PDB_ins_code_1 
_pdbx_validate_peptide_omega.label_alt_id_1 
_pdbx_validate_peptide_omega.auth_comp_id_2 
_pdbx_validate_peptide_omega.auth_asym_id_2 
_pdbx_validate_peptide_omega.auth_seq_id_2 
_pdbx_validate_peptide_omega.PDB_ins_code_2 
_pdbx_validate_peptide_omega.label_alt_id_2 
_pdbx_validate_peptide_omega.omega 
1 1 THR A 4  ? ? ALA A 5  ? ? 142.32  
2 1 GLN A 55 ? ? GLU A 56 ? ? -133.76 
3 1 ALA B 3  ? ? THR B 4  ? ? 88.71   
4 1 ILE B 90 ? ? ARG B 91 ? ? -72.58  
# 
loop_
_pdbx_unobs_or_zero_occ_atoms.id 
_pdbx_unobs_or_zero_occ_atoms.PDB_model_num 
_pdbx_unobs_or_zero_occ_atoms.polymer_flag 
_pdbx_unobs_or_zero_occ_atoms.occupancy_flag 
_pdbx_unobs_or_zero_occ_atoms.auth_asym_id 
_pdbx_unobs_or_zero_occ_atoms.auth_comp_id 
_pdbx_unobs_or_zero_occ_atoms.auth_seq_id 
_pdbx_unobs_or_zero_occ_atoms.PDB_ins_code 
_pdbx_unobs_or_zero_occ_atoms.auth_atom_id 
_pdbx_unobs_or_zero_occ_atoms.label_alt_id 
_pdbx_unobs_or_zero_occ_atoms.label_asym_id 
_pdbx_unobs_or_zero_occ_atoms.label_comp_id 
_pdbx_unobs_or_zero_occ_atoms.label_seq_id 
_pdbx_unobs_or_zero_occ_atoms.label_atom_id 
1 1 Y 1 A ASP 52 ? OD1 ? A ASP 52 OD1 
2 1 Y 1 B THR 4  ? CB  ? B THR 4  CB  
3 1 Y 1 B THR 4  ? OG1 ? B THR 4  OG1 
4 1 Y 1 B THR 4  ? CG2 ? B THR 4  CG2 
5 1 Y 1 B ALA 10 ? O   ? B ALA 10 O   
# 
loop_
_pdbx_unobs_or_zero_occ_residues.id 
_pdbx_unobs_or_zero_occ_residues.PDB_model_num 
_pdbx_unobs_or_zero_occ_residues.polymer_flag 
_pdbx_unobs_or_zero_occ_residues.occupancy_flag 
_pdbx_unobs_or_zero_occ_residues.auth_asym_id 
_pdbx_unobs_or_zero_occ_residues.auth_comp_id 
_pdbx_unobs_or_zero_occ_residues.auth_seq_id 
_pdbx_unobs_or_zero_occ_residues.PDB_ins_code 
_pdbx_unobs_or_zero_occ_residues.label_asym_id 
_pdbx_unobs_or_zero_occ_residues.label_comp_id 
_pdbx_unobs_or_zero_occ_residues.label_seq_id 
1  1 Y 1 A MET 1   ? A MET 1   
2  1 Y 1 A THR 2   ? A THR 2   
3  1 Y 1 A ALA 3   ? A ALA 3   
4  1 Y 1 A HIS 92  ? A HIS 92  
5  1 Y 1 A VAL 93  ? A VAL 93  
6  1 Y 1 A ARG 94  ? A ARG 94  
7  1 Y 1 A SER 95  ? A SER 95  
8  1 Y 1 A ARG 96  ? A ARG 96  
9  1 Y 1 A PRO 97  ? A PRO 97  
10 1 Y 1 A ARG 98  ? A ARG 98  
11 1 Y 1 A THR 99  ? A THR 99  
12 1 Y 1 A THR 100 ? A THR 100 
13 1 Y 1 A ARG 101 ? A ARG 101 
14 1 Y 1 A GLY 102 ? A GLY 102 
15 1 Y 1 A ALA 103 ? A ALA 103 
16 1 Y 1 A ARG 104 ? A ARG 104 
17 1 Y 1 A PRO 105 ? A PRO 105 
18 1 Y 1 A GLU 106 ? A GLU 106 
19 1 Y 1 A HIS 107 ? A HIS 107 
20 1 Y 1 A LEU 108 ? A LEU 108 
21 1 Y 1 A ILE 109 ? A ILE 109 
22 1 Y 1 A ASP 110 ? A ASP 110 
23 1 Y 1 A GLY 111 ? A GLY 111 
24 1 Y 1 A ASP 112 ? A ASP 112 
25 1 Y 1 B MET 1   ? B MET 1   
26 1 Y 1 B THR 2   ? B THR 2   
27 1 Y 1 B HIS 92  ? B HIS 92  
28 1 Y 1 B VAL 93  ? B VAL 93  
29 1 Y 1 B ARG 94  ? B ARG 94  
30 1 Y 1 B SER 95  ? B SER 95  
31 1 Y 1 B ARG 96  ? B ARG 96  
32 1 Y 1 B PRO 97  ? B PRO 97  
33 1 Y 1 B ARG 98  ? B ARG 98  
34 1 Y 1 B THR 99  ? B THR 99  
35 1 Y 1 B THR 100 ? B THR 100 
36 1 Y 1 B ARG 101 ? B ARG 101 
37 1 Y 1 B GLY 102 ? B GLY 102 
38 1 Y 1 B ALA 103 ? B ALA 103 
39 1 Y 1 B ARG 104 ? B ARG 104 
40 1 Y 1 B PRO 105 ? B PRO 105 
41 1 Y 1 B GLU 106 ? B GLU 106 
42 1 Y 1 B HIS 107 ? B HIS 107 
43 1 Y 1 B LEU 108 ? B LEU 108 
44 1 Y 1 B ILE 109 ? B ILE 109 
45 1 Y 1 B ASP 110 ? B ASP 110 
46 1 Y 1 B GLY 111 ? B GLY 111 
47 1 Y 1 B ASP 112 ? B ASP 112 
# 
loop_
_chem_comp_atom.comp_id 
_chem_comp_atom.atom_id 
_chem_comp_atom.type_symbol 
_chem_comp_atom.pdbx_aromatic_flag 
_chem_comp_atom.pdbx_stereo_config 
_chem_comp_atom.pdbx_ordinal 
ALA N    N N N 1   
ALA CA   C N S 2   
ALA C    C N N 3   
ALA O    O N N 4   
ALA CB   C N N 5   
ALA OXT  O N N 6   
ALA H    H N N 7   
ALA H2   H N N 8   
ALA HA   H N N 9   
ALA HB1  H N N 10  
ALA HB2  H N N 11  
ALA HB3  H N N 12  
ALA HXT  H N N 13  
ARG N    N N N 14  
ARG CA   C N S 15  
ARG C    C N N 16  
ARG O    O N N 17  
ARG CB   C N N 18  
ARG CG   C N N 19  
ARG CD   C N N 20  
ARG NE   N N N 21  
ARG CZ   C N N 22  
ARG NH1  N N N 23  
ARG NH2  N N N 24  
ARG OXT  O N N 25  
ARG H    H N N 26  
ARG H2   H N N 27  
ARG HA   H N N 28  
ARG HB2  H N N 29  
ARG HB3  H N N 30  
ARG HG2  H N N 31  
ARG HG3  H N N 32  
ARG HD2  H N N 33  
ARG HD3  H N N 34  
ARG HE   H N N 35  
ARG HH11 H N N 36  
ARG HH12 H N N 37  
ARG HH21 H N N 38  
ARG HH22 H N N 39  
ARG HXT  H N N 40  
ASN N    N N N 41  
ASN CA   C N S 42  
ASN C    C N N 43  
ASN O    O N N 44  
ASN CB   C N N 45  
ASN CG   C N N 46  
ASN OD1  O N N 47  
ASN ND2  N N N 48  
ASN OXT  O N N 49  
ASN H    H N N 50  
ASN H2   H N N 51  
ASN HA   H N N 52  
ASN HB2  H N N 53  
ASN HB3  H N N 54  
ASN HD21 H N N 55  
ASN HD22 H N N 56  
ASN HXT  H N N 57  
ASP N    N N N 58  
ASP CA   C N S 59  
ASP C    C N N 60  
ASP O    O N N 61  
ASP CB   C N N 62  
ASP CG   C N N 63  
ASP OD1  O N N 64  
ASP OD2  O N N 65  
ASP OXT  O N N 66  
ASP H    H N N 67  
ASP H2   H N N 68  
ASP HA   H N N 69  
ASP HB2  H N N 70  
ASP HB3  H N N 71  
ASP HD2  H N N 72  
ASP HXT  H N N 73  
GLN N    N N N 74  
GLN CA   C N S 75  
GLN C    C N N 76  
GLN O    O N N 77  
GLN CB   C N N 78  
GLN CG   C N N 79  
GLN CD   C N N 80  
GLN OE1  O N N 81  
GLN NE2  N N N 82  
GLN OXT  O N N 83  
GLN H    H N N 84  
GLN H2   H N N 85  
GLN HA   H N N 86  
GLN HB2  H N N 87  
GLN HB3  H N N 88  
GLN HG2  H N N 89  
GLN HG3  H N N 90  
GLN HE21 H N N 91  
GLN HE22 H N N 92  
GLN HXT  H N N 93  
GLU N    N N N 94  
GLU CA   C N S 95  
GLU C    C N N 96  
GLU O    O N N 97  
GLU CB   C N N 98  
GLU CG   C N N 99  
GLU CD   C N N 100 
GLU OE1  O N N 101 
GLU OE2  O N N 102 
GLU OXT  O N N 103 
GLU H    H N N 104 
GLU H2   H N N 105 
GLU HA   H N N 106 
GLU HB2  H N N 107 
GLU HB3  H N N 108 
GLU HG2  H N N 109 
GLU HG3  H N N 110 
GLU HE2  H N N 111 
GLU HXT  H N N 112 
GLY N    N N N 113 
GLY CA   C N N 114 
GLY C    C N N 115 
GLY O    O N N 116 
GLY OXT  O N N 117 
GLY H    H N N 118 
GLY H2   H N N 119 
GLY HA2  H N N 120 
GLY HA3  H N N 121 
GLY HXT  H N N 122 
HIS N    N N N 123 
HIS CA   C N S 124 
HIS C    C N N 125 
HIS O    O N N 126 
HIS CB   C N N 127 
HIS CG   C Y N 128 
HIS ND1  N Y N 129 
HIS CD2  C Y N 130 
HIS CE1  C Y N 131 
HIS NE2  N Y N 132 
HIS OXT  O N N 133 
HIS H    H N N 134 
HIS H2   H N N 135 
HIS HA   H N N 136 
HIS HB2  H N N 137 
HIS HB3  H N N 138 
HIS HD1  H N N 139 
HIS HD2  H N N 140 
HIS HE1  H N N 141 
HIS HE2  H N N 142 
HIS HXT  H N N 143 
HOH O    O N N 144 
HOH H1   H N N 145 
HOH H2   H N N 146 
ILE N    N N N 147 
ILE CA   C N S 148 
ILE C    C N N 149 
ILE O    O N N 150 
ILE CB   C N S 151 
ILE CG1  C N N 152 
ILE CG2  C N N 153 
ILE CD1  C N N 154 
ILE OXT  O N N 155 
ILE H    H N N 156 
ILE H2   H N N 157 
ILE HA   H N N 158 
ILE HB   H N N 159 
ILE HG12 H N N 160 
ILE HG13 H N N 161 
ILE HG21 H N N 162 
ILE HG22 H N N 163 
ILE HG23 H N N 164 
ILE HD11 H N N 165 
ILE HD12 H N N 166 
ILE HD13 H N N 167 
ILE HXT  H N N 168 
LEU N    N N N 169 
LEU CA   C N S 170 
LEU C    C N N 171 
LEU O    O N N 172 
LEU CB   C N N 173 
LEU CG   C N N 174 
LEU CD1  C N N 175 
LEU CD2  C N N 176 
LEU OXT  O N N 177 
LEU H    H N N 178 
LEU H2   H N N 179 
LEU HA   H N N 180 
LEU HB2  H N N 181 
LEU HB3  H N N 182 
LEU HG   H N N 183 
LEU HD11 H N N 184 
LEU HD12 H N N 185 
LEU HD13 H N N 186 
LEU HD21 H N N 187 
LEU HD22 H N N 188 
LEU HD23 H N N 189 
LEU HXT  H N N 190 
LYS N    N N N 191 
LYS CA   C N S 192 
LYS C    C N N 193 
LYS O    O N N 194 
LYS CB   C N N 195 
LYS CG   C N N 196 
LYS CD   C N N 197 
LYS CE   C N N 198 
LYS NZ   N N N 199 
LYS OXT  O N N 200 
LYS H    H N N 201 
LYS H2   H N N 202 
LYS HA   H N N 203 
LYS HB2  H N N 204 
LYS HB3  H N N 205 
LYS HG2  H N N 206 
LYS HG3  H N N 207 
LYS HD2  H N N 208 
LYS HD3  H N N 209 
LYS HE2  H N N 210 
LYS HE3  H N N 211 
LYS HZ1  H N N 212 
LYS HZ2  H N N 213 
LYS HZ3  H N N 214 
LYS HXT  H N N 215 
MET N    N N N 216 
MET CA   C N S 217 
MET C    C N N 218 
MET O    O N N 219 
MET CB   C N N 220 
MET CG   C N N 221 
MET SD   S N N 222 
MET CE   C N N 223 
MET OXT  O N N 224 
MET H    H N N 225 
MET H2   H N N 226 
MET HA   H N N 227 
MET HB2  H N N 228 
MET HB3  H N N 229 
MET HG2  H N N 230 
MET HG3  H N N 231 
MET HE1  H N N 232 
MET HE2  H N N 233 
MET HE3  H N N 234 
MET HXT  H N N 235 
PHE N    N N N 236 
PHE CA   C N S 237 
PHE C    C N N 238 
PHE O    O N N 239 
PHE CB   C N N 240 
PHE CG   C Y N 241 
PHE CD1  C Y N 242 
PHE CD2  C Y N 243 
PHE CE1  C Y N 244 
PHE CE2  C Y N 245 
PHE CZ   C Y N 246 
PHE OXT  O N N 247 
PHE H    H N N 248 
PHE H2   H N N 249 
PHE HA   H N N 250 
PHE HB2  H N N 251 
PHE HB3  H N N 252 
PHE HD1  H N N 253 
PHE HD2  H N N 254 
PHE HE1  H N N 255 
PHE HE2  H N N 256 
PHE HZ   H N N 257 
PHE HXT  H N N 258 
PRO N    N N N 259 
PRO CA   C N S 260 
PRO C    C N N 261 
PRO O    O N N 262 
PRO CB   C N N 263 
PRO CG   C N N 264 
PRO CD   C N N 265 
PRO OXT  O N N 266 
PRO H    H N N 267 
PRO HA   H N N 268 
PRO HB2  H N N 269 
PRO HB3  H N N 270 
PRO HG2  H N N 271 
PRO HG3  H N N 272 
PRO HD2  H N N 273 
PRO HD3  H N N 274 
PRO HXT  H N N 275 
SER N    N N N 276 
SER CA   C N S 277 
SER C    C N N 278 
SER O    O N N 279 
SER CB   C N N 280 
SER OG   O N N 281 
SER OXT  O N N 282 
SER H    H N N 283 
SER H2   H N N 284 
SER HA   H N N 285 
SER HB2  H N N 286 
SER HB3  H N N 287 
SER HG   H N N 288 
SER HXT  H N N 289 
SO4 S    S N N 290 
SO4 O1   O N N 291 
SO4 O2   O N N 292 
SO4 O3   O N N 293 
SO4 O4   O N N 294 
THR N    N N N 295 
THR CA   C N S 296 
THR C    C N N 297 
THR O    O N N 298 
THR CB   C N R 299 
THR OG1  O N N 300 
THR CG2  C N N 301 
THR OXT  O N N 302 
THR H    H N N 303 
THR H2   H N N 304 
THR HA   H N N 305 
THR HB   H N N 306 
THR HG1  H N N 307 
THR HG21 H N N 308 
THR HG22 H N N 309 
THR HG23 H N N 310 
THR HXT  H N N 311 
TRP N    N N N 312 
TRP CA   C N S 313 
TRP C    C N N 314 
TRP O    O N N 315 
TRP CB   C N N 316 
TRP CG   C Y N 317 
TRP CD1  C Y N 318 
TRP CD2  C Y N 319 
TRP NE1  N Y N 320 
TRP CE2  C Y N 321 
TRP CE3  C Y N 322 
TRP CZ2  C Y N 323 
TRP CZ3  C Y N 324 
TRP CH2  C Y N 325 
TRP OXT  O N N 326 
TRP H    H N N 327 
TRP H2   H N N 328 
TRP HA   H N N 329 
TRP HB2  H N N 330 
TRP HB3  H N N 331 
TRP HD1  H N N 332 
TRP HE1  H N N 333 
TRP HE3  H N N 334 
TRP HZ2  H N N 335 
TRP HZ3  H N N 336 
TRP HH2  H N N 337 
TRP HXT  H N N 338 
TYR N    N N N 339 
TYR CA   C N S 340 
TYR C    C N N 341 
TYR O    O N N 342 
TYR CB   C N N 343 
TYR CG   C Y N 344 
TYR CD1  C Y N 345 
TYR CD2  C Y N 346 
TYR CE1  C Y N 347 
TYR CE2  C Y N 348 
TYR CZ   C Y N 349 
TYR OH   O N N 350 
TYR OXT  O N N 351 
TYR H    H N N 352 
TYR H2   H N N 353 
TYR HA   H N N 354 
TYR HB2  H N N 355 
TYR HB3  H N N 356 
TYR HD1  H N N 357 
TYR HD2  H N N 358 
TYR HE1  H N N 359 
TYR HE2  H N N 360 
TYR HH   H N N 361 
TYR HXT  H N N 362 
VAL N    N N N 363 
VAL CA   C N S 364 
VAL C    C N N 365 
VAL O    O N N 366 
VAL CB   C N N 367 
VAL CG1  C N N 368 
VAL CG2  C N N 369 
VAL OXT  O N N 370 
VAL H    H N N 371 
VAL H2   H N N 372 
VAL HA   H N N 373 
VAL HB   H N N 374 
VAL HG11 H N N 375 
VAL HG12 H N N 376 
VAL HG13 H N N 377 
VAL HG21 H N N 378 
VAL HG22 H N N 379 
VAL HG23 H N N 380 
VAL HXT  H N N 381 
# 
loop_
_chem_comp_bond.comp_id 
_chem_comp_bond.atom_id_1 
_chem_comp_bond.atom_id_2 
_chem_comp_bond.value_order 
_chem_comp_bond.pdbx_aromatic_flag 
_chem_comp_bond.pdbx_stereo_config 
_chem_comp_bond.pdbx_ordinal 
ALA N   CA   sing N N 1   
ALA N   H    sing N N 2   
ALA N   H2   sing N N 3   
ALA CA  C    sing N N 4   
ALA CA  CB   sing N N 5   
ALA CA  HA   sing N N 6   
ALA C   O    doub N N 7   
ALA C   OXT  sing N N 8   
ALA CB  HB1  sing N N 9   
ALA CB  HB2  sing N N 10  
ALA CB  HB3  sing N N 11  
ALA OXT HXT  sing N N 12  
ARG N   CA   sing N N 13  
ARG N   H    sing N N 14  
ARG N   H2   sing N N 15  
ARG CA  C    sing N N 16  
ARG CA  CB   sing N N 17  
ARG CA  HA   sing N N 18  
ARG C   O    doub N N 19  
ARG C   OXT  sing N N 20  
ARG CB  CG   sing N N 21  
ARG CB  HB2  sing N N 22  
ARG CB  HB3  sing N N 23  
ARG CG  CD   sing N N 24  
ARG CG  HG2  sing N N 25  
ARG CG  HG3  sing N N 26  
ARG CD  NE   sing N N 27  
ARG CD  HD2  sing N N 28  
ARG CD  HD3  sing N N 29  
ARG NE  CZ   sing N N 30  
ARG NE  HE   sing N N 31  
ARG CZ  NH1  sing N N 32  
ARG CZ  NH2  doub N N 33  
ARG NH1 HH11 sing N N 34  
ARG NH1 HH12 sing N N 35  
ARG NH2 HH21 sing N N 36  
ARG NH2 HH22 sing N N 37  
ARG OXT HXT  sing N N 38  
ASN N   CA   sing N N 39  
ASN N   H    sing N N 40  
ASN N   H2   sing N N 41  
ASN CA  C    sing N N 42  
ASN CA  CB   sing N N 43  
ASN CA  HA   sing N N 44  
ASN C   O    doub N N 45  
ASN C   OXT  sing N N 46  
ASN CB  CG   sing N N 47  
ASN CB  HB2  sing N N 48  
ASN CB  HB3  sing N N 49  
ASN CG  OD1  doub N N 50  
ASN CG  ND2  sing N N 51  
ASN ND2 HD21 sing N N 52  
ASN ND2 HD22 sing N N 53  
ASN OXT HXT  sing N N 54  
ASP N   CA   sing N N 55  
ASP N   H    sing N N 56  
ASP N   H2   sing N N 57  
ASP CA  C    sing N N 58  
ASP CA  CB   sing N N 59  
ASP CA  HA   sing N N 60  
ASP C   O    doub N N 61  
ASP C   OXT  sing N N 62  
ASP CB  CG   sing N N 63  
ASP CB  HB2  sing N N 64  
ASP CB  HB3  sing N N 65  
ASP CG  OD1  doub N N 66  
ASP CG  OD2  sing N N 67  
ASP OD2 HD2  sing N N 68  
ASP OXT HXT  sing N N 69  
GLN N   CA   sing N N 70  
GLN N   H    sing N N 71  
GLN N   H2   sing N N 72  
GLN CA  C    sing N N 73  
GLN CA  CB   sing N N 74  
GLN CA  HA   sing N N 75  
GLN C   O    doub N N 76  
GLN C   OXT  sing N N 77  
GLN CB  CG   sing N N 78  
GLN CB  HB2  sing N N 79  
GLN CB  HB3  sing N N 80  
GLN CG  CD   sing N N 81  
GLN CG  HG2  sing N N 82  
GLN CG  HG3  sing N N 83  
GLN CD  OE1  doub N N 84  
GLN CD  NE2  sing N N 85  
GLN NE2 HE21 sing N N 86  
GLN NE2 HE22 sing N N 87  
GLN OXT HXT  sing N N 88  
GLU N   CA   sing N N 89  
GLU N   H    sing N N 90  
GLU N   H2   sing N N 91  
GLU CA  C    sing N N 92  
GLU CA  CB   sing N N 93  
GLU CA  HA   sing N N 94  
GLU C   O    doub N N 95  
GLU C   OXT  sing N N 96  
GLU CB  CG   sing N N 97  
GLU CB  HB2  sing N N 98  
GLU CB  HB3  sing N N 99  
GLU CG  CD   sing N N 100 
GLU CG  HG2  sing N N 101 
GLU CG  HG3  sing N N 102 
GLU CD  OE1  doub N N 103 
GLU CD  OE2  sing N N 104 
GLU OE2 HE2  sing N N 105 
GLU OXT HXT  sing N N 106 
GLY N   CA   sing N N 107 
GLY N   H    sing N N 108 
GLY N   H2   sing N N 109 
GLY CA  C    sing N N 110 
GLY CA  HA2  sing N N 111 
GLY CA  HA3  sing N N 112 
GLY C   O    doub N N 113 
GLY C   OXT  sing N N 114 
GLY OXT HXT  sing N N 115 
HIS N   CA   sing N N 116 
HIS N   H    sing N N 117 
HIS N   H2   sing N N 118 
HIS CA  C    sing N N 119 
HIS CA  CB   sing N N 120 
HIS CA  HA   sing N N 121 
HIS C   O    doub N N 122 
HIS C   OXT  sing N N 123 
HIS CB  CG   sing N N 124 
HIS CB  HB2  sing N N 125 
HIS CB  HB3  sing N N 126 
HIS CG  ND1  sing Y N 127 
HIS CG  CD2  doub Y N 128 
HIS ND1 CE1  doub Y N 129 
HIS ND1 HD1  sing N N 130 
HIS CD2 NE2  sing Y N 131 
HIS CD2 HD2  sing N N 132 
HIS CE1 NE2  sing Y N 133 
HIS CE1 HE1  sing N N 134 
HIS NE2 HE2  sing N N 135 
HIS OXT HXT  sing N N 136 
HOH O   H1   sing N N 137 
HOH O   H2   sing N N 138 
ILE N   CA   sing N N 139 
ILE N   H    sing N N 140 
ILE N   H2   sing N N 141 
ILE CA  C    sing N N 142 
ILE CA  CB   sing N N 143 
ILE CA  HA   sing N N 144 
ILE C   O    doub N N 145 
ILE C   OXT  sing N N 146 
ILE CB  CG1  sing N N 147 
ILE CB  CG2  sing N N 148 
ILE CB  HB   sing N N 149 
ILE CG1 CD1  sing N N 150 
ILE CG1 HG12 sing N N 151 
ILE CG1 HG13 sing N N 152 
ILE CG2 HG21 sing N N 153 
ILE CG2 HG22 sing N N 154 
ILE CG2 HG23 sing N N 155 
ILE CD1 HD11 sing N N 156 
ILE CD1 HD12 sing N N 157 
ILE CD1 HD13 sing N N 158 
ILE OXT HXT  sing N N 159 
LEU N   CA   sing N N 160 
LEU N   H    sing N N 161 
LEU N   H2   sing N N 162 
LEU CA  C    sing N N 163 
LEU CA  CB   sing N N 164 
LEU CA  HA   sing N N 165 
LEU C   O    doub N N 166 
LEU C   OXT  sing N N 167 
LEU CB  CG   sing N N 168 
LEU CB  HB2  sing N N 169 
LEU CB  HB3  sing N N 170 
LEU CG  CD1  sing N N 171 
LEU CG  CD2  sing N N 172 
LEU CG  HG   sing N N 173 
LEU CD1 HD11 sing N N 174 
LEU CD1 HD12 sing N N 175 
LEU CD1 HD13 sing N N 176 
LEU CD2 HD21 sing N N 177 
LEU CD2 HD22 sing N N 178 
LEU CD2 HD23 sing N N 179 
LEU OXT HXT  sing N N 180 
LYS N   CA   sing N N 181 
LYS N   H    sing N N 182 
LYS N   H2   sing N N 183 
LYS CA  C    sing N N 184 
LYS CA  CB   sing N N 185 
LYS CA  HA   sing N N 186 
LYS C   O    doub N N 187 
LYS C   OXT  sing N N 188 
LYS CB  CG   sing N N 189 
LYS CB  HB2  sing N N 190 
LYS CB  HB3  sing N N 191 
LYS CG  CD   sing N N 192 
LYS CG  HG2  sing N N 193 
LYS CG  HG3  sing N N 194 
LYS CD  CE   sing N N 195 
LYS CD  HD2  sing N N 196 
LYS CD  HD3  sing N N 197 
LYS CE  NZ   sing N N 198 
LYS CE  HE2  sing N N 199 
LYS CE  HE3  sing N N 200 
LYS NZ  HZ1  sing N N 201 
LYS NZ  HZ2  sing N N 202 
LYS NZ  HZ3  sing N N 203 
LYS OXT HXT  sing N N 204 
MET N   CA   sing N N 205 
MET N   H    sing N N 206 
MET N   H2   sing N N 207 
MET CA  C    sing N N 208 
MET CA  CB   sing N N 209 
MET CA  HA   sing N N 210 
MET C   O    doub N N 211 
MET C   OXT  sing N N 212 
MET CB  CG   sing N N 213 
MET CB  HB2  sing N N 214 
MET CB  HB3  sing N N 215 
MET CG  SD   sing N N 216 
MET CG  HG2  sing N N 217 
MET CG  HG3  sing N N 218 
MET SD  CE   sing N N 219 
MET CE  HE1  sing N N 220 
MET CE  HE2  sing N N 221 
MET CE  HE3  sing N N 222 
MET OXT HXT  sing N N 223 
PHE N   CA   sing N N 224 
PHE N   H    sing N N 225 
PHE N   H2   sing N N 226 
PHE CA  C    sing N N 227 
PHE CA  CB   sing N N 228 
PHE CA  HA   sing N N 229 
PHE C   O    doub N N 230 
PHE C   OXT  sing N N 231 
PHE CB  CG   sing N N 232 
PHE CB  HB2  sing N N 233 
PHE CB  HB3  sing N N 234 
PHE CG  CD1  doub Y N 235 
PHE CG  CD2  sing Y N 236 
PHE CD1 CE1  sing Y N 237 
PHE CD1 HD1  sing N N 238 
PHE CD2 CE2  doub Y N 239 
PHE CD2 HD2  sing N N 240 
PHE CE1 CZ   doub Y N 241 
PHE CE1 HE1  sing N N 242 
PHE CE2 CZ   sing Y N 243 
PHE CE2 HE2  sing N N 244 
PHE CZ  HZ   sing N N 245 
PHE OXT HXT  sing N N 246 
PRO N   CA   sing N N 247 
PRO N   CD   sing N N 248 
PRO N   H    sing N N 249 
PRO CA  C    sing N N 250 
PRO CA  CB   sing N N 251 
PRO CA  HA   sing N N 252 
PRO C   O    doub N N 253 
PRO C   OXT  sing N N 254 
PRO CB  CG   sing N N 255 
PRO CB  HB2  sing N N 256 
PRO CB  HB3  sing N N 257 
PRO CG  CD   sing N N 258 
PRO CG  HG2  sing N N 259 
PRO CG  HG3  sing N N 260 
PRO CD  HD2  sing N N 261 
PRO CD  HD3  sing N N 262 
PRO OXT HXT  sing N N 263 
SER N   CA   sing N N 264 
SER N   H    sing N N 265 
SER N   H2   sing N N 266 
SER CA  C    sing N N 267 
SER CA  CB   sing N N 268 
SER CA  HA   sing N N 269 
SER C   O    doub N N 270 
SER C   OXT  sing N N 271 
SER CB  OG   sing N N 272 
SER CB  HB2  sing N N 273 
SER CB  HB3  sing N N 274 
SER OG  HG   sing N N 275 
SER OXT HXT  sing N N 276 
SO4 S   O1   doub N N 277 
SO4 S   O2   doub N N 278 
SO4 S   O3   sing N N 279 
SO4 S   O4   sing N N 280 
THR N   CA   sing N N 281 
THR N   H    sing N N 282 
THR N   H2   sing N N 283 
THR CA  C    sing N N 284 
THR CA  CB   sing N N 285 
THR CA  HA   sing N N 286 
THR C   O    doub N N 287 
THR C   OXT  sing N N 288 
THR CB  OG1  sing N N 289 
THR CB  CG2  sing N N 290 
THR CB  HB   sing N N 291 
THR OG1 HG1  sing N N 292 
THR CG2 HG21 sing N N 293 
THR CG2 HG22 sing N N 294 
THR CG2 HG23 sing N N 295 
THR OXT HXT  sing N N 296 
TRP N   CA   sing N N 297 
TRP N   H    sing N N 298 
TRP N   H2   sing N N 299 
TRP CA  C    sing N N 300 
TRP CA  CB   sing N N 301 
TRP CA  HA   sing N N 302 
TRP C   O    doub N N 303 
TRP C   OXT  sing N N 304 
TRP CB  CG   sing N N 305 
TRP CB  HB2  sing N N 306 
TRP CB  HB3  sing N N 307 
TRP CG  CD1  doub Y N 308 
TRP CG  CD2  sing Y N 309 
TRP CD1 NE1  sing Y N 310 
TRP CD1 HD1  sing N N 311 
TRP CD2 CE2  doub Y N 312 
TRP CD2 CE3  sing Y N 313 
TRP NE1 CE2  sing Y N 314 
TRP NE1 HE1  sing N N 315 
TRP CE2 CZ2  sing Y N 316 
TRP CE3 CZ3  doub Y N 317 
TRP CE3 HE3  sing N N 318 
TRP CZ2 CH2  doub Y N 319 
TRP CZ2 HZ2  sing N N 320 
TRP CZ3 CH2  sing Y N 321 
TRP CZ3 HZ3  sing N N 322 
TRP CH2 HH2  sing N N 323 
TRP OXT HXT  sing N N 324 
TYR N   CA   sing N N 325 
TYR N   H    sing N N 326 
TYR N   H2   sing N N 327 
TYR CA  C    sing N N 328 
TYR CA  CB   sing N N 329 
TYR CA  HA   sing N N 330 
TYR C   O    doub N N 331 
TYR C   OXT  sing N N 332 
TYR CB  CG   sing N N 333 
TYR CB  HB2  sing N N 334 
TYR CB  HB3  sing N N 335 
TYR CG  CD1  doub Y N 336 
TYR CG  CD2  sing Y N 337 
TYR CD1 CE1  sing Y N 338 
TYR CD1 HD1  sing N N 339 
TYR CD2 CE2  doub Y N 340 
TYR CD2 HD2  sing N N 341 
TYR CE1 CZ   doub Y N 342 
TYR CE1 HE1  sing N N 343 
TYR CE2 CZ   sing Y N 344 
TYR CE2 HE2  sing N N 345 
TYR CZ  OH   sing N N 346 
TYR OH  HH   sing N N 347 
TYR OXT HXT  sing N N 348 
VAL N   CA   sing N N 349 
VAL N   H    sing N N 350 
VAL N   H2   sing N N 351 
VAL CA  C    sing N N 352 
VAL CA  CB   sing N N 353 
VAL CA  HA   sing N N 354 
VAL C   O    doub N N 355 
VAL C   OXT  sing N N 356 
VAL CB  CG1  sing N N 357 
VAL CB  CG2  sing N N 358 
VAL CB  HB   sing N N 359 
VAL CG1 HG11 sing N N 360 
VAL CG1 HG12 sing N N 361 
VAL CG1 HG13 sing N N 362 
VAL CG2 HG21 sing N N 363 
VAL CG2 HG22 sing N N 364 
VAL CG2 HG23 sing N N 365 
VAL OXT HXT  sing N N 366 
# 
loop_
_pdbx_entity_nonpoly.entity_id 
_pdbx_entity_nonpoly.name 
_pdbx_entity_nonpoly.comp_id 
2 'SULFATE ION' SO4 
3 water         HOH 
# 
_pdbx_initial_refinement_model.id               1 
_pdbx_initial_refinement_model.entity_id_list   ? 
_pdbx_initial_refinement_model.type             'experimental model' 
_pdbx_initial_refinement_model.source_name      PDB 
_pdbx_initial_refinement_model.accession_code   1OR7 
_pdbx_initial_refinement_model.details          ? 
# 
